data_4D07
# 
_entry.id   4D07 
# 
_audit_conform.dict_name       mmcif_pdbx.dic 
_audit_conform.dict_version    5.383 
_audit_conform.dict_location   http://mmcif.pdb.org/dictionaries/ascii/mmcif_pdbx.dic 
# 
loop_
_database_2.database_id 
_database_2.database_code 
_database_2.pdbx_database_accession 
_database_2.pdbx_DOI 
PDB   4D07         pdb_00004d07 10.2210/pdb4d07/pdb 
PDBE  EBI-60432    ?            ?                   
WWPDB D_1290060432 ?            ?                   
# 
_pdbx_database_status.status_code                     REL 
_pdbx_database_status.entry_id                        4D07 
_pdbx_database_status.deposit_site                    PDBE 
_pdbx_database_status.process_site                    PDBE 
_pdbx_database_status.SG_entry                        . 
_pdbx_database_status.recvd_initial_deposition_date   2014-04-24 
_pdbx_database_status.pdb_format_compatible           Y 
_pdbx_database_status.status_code_sf                  REL 
_pdbx_database_status.status_code_mr                  ? 
_pdbx_database_status.status_code_cs                  ? 
_pdbx_database_status.methods_development_category    ? 
_pdbx_database_status.status_code_nmr_data            ? 
# 
loop_
_audit_author.name 
_audit_author.pdbx_ordinal 
'Bodor, A.'      1  
'Radnai, L.'     2  
'Hetenyi, C.'    3  
'Rapali, P.'     4  
'Lang, A.'       5  
'Kover, K.E.'    6  
'Perczel, A.'    7  
'Wahlgren, W.Y.' 8  
'Katona, G.'     9  
'Nyitray, L.'    10 
# 
_citation.id                        primary 
_citation.title                     
'Dynll2 Dynein Light Chain Binds to an Extended Linear Motif of Myosin 5A Tail that Has Structural Plasticity.' 
_citation.journal_abbrev            Biochemistry 
_citation.journal_volume            53 
_citation.page_first                7107 
_citation.page_last                 ? 
_citation.year                      2014 
_citation.journal_id_ASTM           BICHAW 
_citation.country                   US 
_citation.journal_id_ISSN           0006-2960 
_citation.journal_id_CSD            0033 
_citation.book_publisher            ? 
_citation.pdbx_database_id_PubMed   25312846 
_citation.pdbx_database_id_DOI      10.1021/BI500574Z 
# 
loop_
_citation_author.citation_id 
_citation_author.name 
_citation_author.ordinal 
_citation_author.identifier_ORCID 
primary 'Bodor, A.'      1  ? 
primary 'Radnai, L.'     2  ? 
primary 'Hetenyi, C.'    3  ? 
primary 'Rapali, P.'     4  ? 
primary 'Lang, A.'       5  ? 
primary 'Kover, K.E.'    6  ? 
primary 'Perczel, A.'    7  ? 
primary 'Wahlgren, W.Y.' 8  ? 
primary 'Katona, G.'     9  ? 
primary 'Nyitray, L.'    10 ? 
# 
_cell.entry_id           4D07 
_cell.length_a           45.160 
_cell.length_b           45.160 
_cell.length_c           204.010 
_cell.angle_alpha        90.00 
_cell.angle_beta         90.00 
_cell.angle_gamma        120.00 
_cell.Z_PDB              12 
_cell.pdbx_unique_axis   ? 
# 
_symmetry.entry_id                         4D07 
_symmetry.space_group_name_H-M             'P 61 2 2' 
_symmetry.pdbx_full_space_group_name_H-M   ? 
_symmetry.cell_setting                     ? 
_symmetry.Int_Tables_number                178 
# 
loop_
_entity.id 
_entity.type 
_entity.src_method 
_entity.pdbx_description 
_entity.formula_weight 
_entity.pdbx_number_of_molecules 
_entity.pdbx_ec 
_entity.pdbx_mutation 
_entity.pdbx_fragment 
_entity.details 
1 polymer     man 'DYNEIN LIGHT CHAIN 2, CYTOPLASMIC'      10647.124 1  ? ? ?                  ? 
2 polymer     syn 'MYOSIN VA VARIANT'                      3022.365  1  ? ? 'RESIDUES 856-878' ? 
3 non-polymer syn 'COBALT (II) ION'                        58.933    1  ? ? ?                  ? 
4 non-polymer syn 2-AMINO-2-HYDROXYMETHYL-PROPANE-1,3-DIOL 122.143   1  ? ? ?                  ? 
5 non-polymer syn 'SULFATE ION'                            96.063    1  ? ? ?                  ? 
6 water       nat water                                    18.015    99 ? ? ?                  ? 
# 
loop_
_entity_name_com.entity_id 
_entity_name_com.name 
1 '8 KDA DYNEIN LIGHT CHAIN B, DLC8B, DYNEIN LIGHT CHAIN LC8-TYPE 2, DYNLL2' 
2 MYO5A                                                                      
# 
loop_
_entity_poly.entity_id 
_entity_poly.type 
_entity_poly.nstd_linkage 
_entity_poly.nstd_monomer 
_entity_poly.pdbx_seq_one_letter_code 
_entity_poly.pdbx_seq_one_letter_code_can 
_entity_poly.pdbx_strand_id 
_entity_poly.pdbx_target_identifier 
1 'polypeptide(L)' no no 
;GSHMSDRKAVIKNADMSEDMQQDAVDCATQAMEKYNIEKDIAAYIKKEFDKKYNPTWHCIVGRNFGSYVTHETKHFIYFY
LGQVAILLFKSG
;
;GSHMSDRKAVIKNADMSEDMQQDAVDCATQAMEKYNIEKDIAAYIKKEFDKKYNPTWHCIVGRNFGSYVTHETKHFIYFY
LGQVAILLFKSG
;
A ? 
2 'polypeptide(L)' no no GSHMSQKEAIQPKDDKNTMTDSTILLE                                                                     
GSHMSQKEAIQPKDDKNTMTDSTILLE                                                                     B ? 
# 
loop_
_entity_poly_seq.entity_id 
_entity_poly_seq.num 
_entity_poly_seq.mon_id 
_entity_poly_seq.hetero 
1 1  GLY n 
1 2  SER n 
1 3  HIS n 
1 4  MET n 
1 5  SER n 
1 6  ASP n 
1 7  ARG n 
1 8  LYS n 
1 9  ALA n 
1 10 VAL n 
1 11 ILE n 
1 12 LYS n 
1 13 ASN n 
1 14 ALA n 
1 15 ASP n 
1 16 MET n 
1 17 SER n 
1 18 GLU n 
1 19 ASP n 
1 20 MET n 
1 21 GLN n 
1 22 GLN n 
1 23 ASP n 
1 24 ALA n 
1 25 VAL n 
1 26 ASP n 
1 27 CYS n 
1 28 ALA n 
1 29 THR n 
1 30 GLN n 
1 31 ALA n 
1 32 MET n 
1 33 GLU n 
1 34 LYS n 
1 35 TYR n 
1 36 ASN n 
1 37 ILE n 
1 38 GLU n 
1 39 LYS n 
1 40 ASP n 
1 41 ILE n 
1 42 ALA n 
1 43 ALA n 
1 44 TYR n 
1 45 ILE n 
1 46 LYS n 
1 47 LYS n 
1 48 GLU n 
1 49 PHE n 
1 50 ASP n 
1 51 LYS n 
1 52 LYS n 
1 53 TYR n 
1 54 ASN n 
1 55 PRO n 
1 56 THR n 
1 57 TRP n 
1 58 HIS n 
1 59 CYS n 
1 60 ILE n 
1 61 VAL n 
1 62 GLY n 
1 63 ARG n 
1 64 ASN n 
1 65 PHE n 
1 66 GLY n 
1 67 SER n 
1 68 TYR n 
1 69 VAL n 
1 70 THR n 
1 71 HIS n 
1 72 GLU n 
1 73 THR n 
1 74 LYS n 
1 75 HIS n 
1 76 PHE n 
1 77 ILE n 
1 78 TYR n 
1 79 PHE n 
1 80 TYR n 
1 81 LEU n 
1 82 GLY n 
1 83 GLN n 
1 84 VAL n 
1 85 ALA n 
1 86 ILE n 
1 87 LEU n 
1 88 LEU n 
1 89 PHE n 
1 90 LYS n 
1 91 SER n 
1 92 GLY n 
2 1  GLY n 
2 2  SER n 
2 3  HIS n 
2 4  MET n 
2 5  SER n 
2 6  GLN n 
2 7  LYS n 
2 8  GLU n 
2 9  ALA n 
2 10 ILE n 
2 11 GLN n 
2 12 PRO n 
2 13 LYS n 
2 14 ASP n 
2 15 ASP n 
2 16 LYS n 
2 17 ASN n 
2 18 THR n 
2 19 MET n 
2 20 THR n 
2 21 ASP n 
2 22 SER n 
2 23 THR n 
2 24 ILE n 
2 25 LEU n 
2 26 LEU n 
2 27 GLU n 
# 
_entity_src_gen.entity_id                          1 
_entity_src_gen.pdbx_src_id                        1 
_entity_src_gen.pdbx_alt_source_flag               sample 
_entity_src_gen.pdbx_seq_type                      ? 
_entity_src_gen.pdbx_beg_seq_num                   ? 
_entity_src_gen.pdbx_end_seq_num                   ? 
_entity_src_gen.gene_src_common_name               HUMAN 
_entity_src_gen.gene_src_genus                     ? 
_entity_src_gen.pdbx_gene_src_gene                 ? 
_entity_src_gen.gene_src_species                   ? 
_entity_src_gen.gene_src_strain                    ? 
_entity_src_gen.gene_src_tissue                    ? 
_entity_src_gen.gene_src_tissue_fraction           ? 
_entity_src_gen.gene_src_details                   ? 
_entity_src_gen.pdbx_gene_src_fragment             ? 
_entity_src_gen.pdbx_gene_src_scientific_name      'HOMO SAPIENS' 
_entity_src_gen.pdbx_gene_src_ncbi_taxonomy_id     9606 
_entity_src_gen.pdbx_gene_src_variant              ? 
_entity_src_gen.pdbx_gene_src_cell_line            ? 
_entity_src_gen.pdbx_gene_src_atcc                 ? 
_entity_src_gen.pdbx_gene_src_organ                ? 
_entity_src_gen.pdbx_gene_src_organelle            ? 
_entity_src_gen.pdbx_gene_src_cell                 ? 
_entity_src_gen.pdbx_gene_src_cellular_location    ? 
_entity_src_gen.host_org_common_name               ? 
_entity_src_gen.pdbx_host_org_scientific_name      'ESCHERICHIA COLI' 
_entity_src_gen.pdbx_host_org_ncbi_taxonomy_id     469008 
_entity_src_gen.host_org_genus                     ? 
_entity_src_gen.pdbx_host_org_gene                 ? 
_entity_src_gen.pdbx_host_org_organ                ? 
_entity_src_gen.host_org_species                   ? 
_entity_src_gen.pdbx_host_org_tissue               ? 
_entity_src_gen.pdbx_host_org_tissue_fraction      ? 
_entity_src_gen.pdbx_host_org_strain               'BL21(DE3)' 
_entity_src_gen.pdbx_host_org_variant              ROSETTA 
_entity_src_gen.pdbx_host_org_cell_line            ? 
_entity_src_gen.pdbx_host_org_atcc                 ? 
_entity_src_gen.pdbx_host_org_culture_collection   ? 
_entity_src_gen.pdbx_host_org_cell                 ? 
_entity_src_gen.pdbx_host_org_organelle            ? 
_entity_src_gen.pdbx_host_org_cellular_location    ? 
_entity_src_gen.pdbx_host_org_vector_type          PLASMID 
_entity_src_gen.pdbx_host_org_vector               PET15B 
_entity_src_gen.host_org_details                   ? 
_entity_src_gen.expression_system_id               ? 
_entity_src_gen.plasmid_name                       ? 
_entity_src_gen.plasmid_details                    ? 
_entity_src_gen.pdbx_description                   ? 
# 
_pdbx_entity_src_syn.entity_id              2 
_pdbx_entity_src_syn.pdbx_src_id            1 
_pdbx_entity_src_syn.pdbx_alt_source_flag   sample 
_pdbx_entity_src_syn.pdbx_beg_seq_num       ? 
_pdbx_entity_src_syn.pdbx_end_seq_num       ? 
_pdbx_entity_src_syn.organism_scientific    'HOMO SAPIENS' 
_pdbx_entity_src_syn.organism_common_name   HUMAN 
_pdbx_entity_src_syn.ncbi_taxonomy_id       9606 
_pdbx_entity_src_syn.details                ? 
# 
loop_
_struct_ref.id 
_struct_ref.db_name 
_struct_ref.db_code 
_struct_ref.entity_id 
_struct_ref.pdbx_seq_one_letter_code 
_struct_ref.pdbx_align_begin 
_struct_ref.pdbx_db_accession 
_struct_ref.pdbx_db_isoform 
1 UNP DYL2_HUMAN   1 ? ? Q96FJ2 ? 
2 UNP Q59FF5_HUMAN 2 ? ? Q59FF5 ? 
# 
loop_
_struct_ref_seq.align_id 
_struct_ref_seq.ref_id 
_struct_ref_seq.pdbx_PDB_id_code 
_struct_ref_seq.pdbx_strand_id 
_struct_ref_seq.seq_align_beg 
_struct_ref_seq.pdbx_seq_align_beg_ins_code 
_struct_ref_seq.seq_align_end 
_struct_ref_seq.pdbx_seq_align_end_ins_code 
_struct_ref_seq.pdbx_db_accession 
_struct_ref_seq.db_align_beg 
_struct_ref_seq.pdbx_db_align_beg_ins_code 
_struct_ref_seq.db_align_end 
_struct_ref_seq.pdbx_db_align_end_ins_code 
_struct_ref_seq.pdbx_auth_seq_align_beg 
_struct_ref_seq.pdbx_auth_seq_align_end 
1 1 4D07 A 4 ? 92 ? Q96FJ2 1   ? 89  ? 1  89 
2 2 4D07 B 5 ? 27 ? Q59FF5 856 ? 878 ? -4 18 
# 
loop_
_struct_ref_seq_dif.align_id 
_struct_ref_seq_dif.pdbx_pdb_id_code 
_struct_ref_seq_dif.mon_id 
_struct_ref_seq_dif.pdbx_pdb_strand_id 
_struct_ref_seq_dif.seq_num 
_struct_ref_seq_dif.pdbx_pdb_ins_code 
_struct_ref_seq_dif.pdbx_seq_db_name 
_struct_ref_seq_dif.pdbx_seq_db_accession_code 
_struct_ref_seq_dif.db_mon_id 
_struct_ref_seq_dif.pdbx_seq_db_seq_num 
_struct_ref_seq_dif.details 
_struct_ref_seq_dif.pdbx_auth_seq_num 
_struct_ref_seq_dif.pdbx_ordinal 
1 4D07 GLY A 1 ? UNP Q96FJ2 ? ? 'expression tag' -2 1 
1 4D07 SER A 2 ? UNP Q96FJ2 ? ? 'expression tag' -1 2 
1 4D07 HIS A 3 ? UNP Q96FJ2 ? ? 'expression tag' 0  3 
2 4D07 GLY B 1 ? UNP Q59FF5 ? ? 'expression tag' -8 4 
2 4D07 SER B 2 ? UNP Q59FF5 ? ? 'expression tag' -7 5 
2 4D07 HIS B 3 ? UNP Q59FF5 ? ? 'expression tag' -6 6 
2 4D07 MET B 4 ? UNP Q59FF5 ? ? 'expression tag' -5 7 
# 
loop_
_chem_comp.id 
_chem_comp.type 
_chem_comp.mon_nstd_flag 
_chem_comp.name 
_chem_comp.pdbx_synonyms 
_chem_comp.formula 
_chem_comp.formula_weight 
ALA 'L-peptide linking' y ALANINE                                  ?             'C3 H7 N O2'     89.093  
ARG 'L-peptide linking' y ARGININE                                 ?             'C6 H15 N4 O2 1' 175.209 
ASN 'L-peptide linking' y ASPARAGINE                               ?             'C4 H8 N2 O3'    132.118 
ASP 'L-peptide linking' y 'ASPARTIC ACID'                          ?             'C4 H7 N O4'     133.103 
CO  non-polymer         . 'COBALT (II) ION'                        ?             'Co 2'           58.933  
CYS 'L-peptide linking' y CYSTEINE                                 ?             'C3 H7 N O2 S'   121.158 
GLN 'L-peptide linking' y GLUTAMINE                                ?             'C5 H10 N2 O3'   146.144 
GLU 'L-peptide linking' y 'GLUTAMIC ACID'                          ?             'C5 H9 N O4'     147.129 
GLY 'peptide linking'   y GLYCINE                                  ?             'C2 H5 N O2'     75.067  
HIS 'L-peptide linking' y HISTIDINE                                ?             'C6 H10 N3 O2 1' 156.162 
HOH non-polymer         . WATER                                    ?             'H2 O'           18.015  
ILE 'L-peptide linking' y ISOLEUCINE                               ?             'C6 H13 N O2'    131.173 
LEU 'L-peptide linking' y LEUCINE                                  ?             'C6 H13 N O2'    131.173 
LYS 'L-peptide linking' y LYSINE                                   ?             'C6 H15 N2 O2 1' 147.195 
MET 'L-peptide linking' y METHIONINE                               ?             'C5 H11 N O2 S'  149.211 
PHE 'L-peptide linking' y PHENYLALANINE                            ?             'C9 H11 N O2'    165.189 
PRO 'L-peptide linking' y PROLINE                                  ?             'C5 H9 N O2'     115.130 
SER 'L-peptide linking' y SERINE                                   ?             'C3 H7 N O3'     105.093 
SO4 non-polymer         . 'SULFATE ION'                            ?             'O4 S -2'        96.063  
THR 'L-peptide linking' y THREONINE                                ?             'C4 H9 N O3'     119.119 
TRP 'L-peptide linking' y TRYPTOPHAN                               ?             'C11 H12 N2 O2'  204.225 
TRS non-polymer         . 2-AMINO-2-HYDROXYMETHYL-PROPANE-1,3-DIOL 'TRIS BUFFER' 'C4 H12 N O3 1'  122.143 
TYR 'L-peptide linking' y TYROSINE                                 ?             'C9 H11 N O3'    181.189 
VAL 'L-peptide linking' y VALINE                                   ?             'C5 H11 N O2'    117.146 
# 
_exptl.entry_id          4D07 
_exptl.method            'X-RAY DIFFRACTION' 
_exptl.crystals_number   1 
# 
_exptl_crystal.id                    1 
_exptl_crystal.density_meas          ? 
_exptl_crystal.density_Matthews      2.51 
_exptl_crystal.density_percent_sol   51.03 
_exptl_crystal.description           NONE 
# 
_exptl_crystal_grow.crystal_id      1 
_exptl_crystal_grow.method          ? 
_exptl_crystal_grow.temp            ? 
_exptl_crystal_grow.temp_details    ? 
_exptl_crystal_grow.pH              ? 
_exptl_crystal_grow.pdbx_pH_range   ? 
_exptl_crystal_grow.pdbx_details    '2.5UL PROTEIN PLUS 1UL RESERVOIR SOLUTION OF 1.8 M (NH4)2SO4, 0.02 M COCL2, 0.1 M MES PH 6.5' 
# 
_diffrn.id                     1 
_diffrn.ambient_temp           100 
_diffrn.ambient_temp_details   ? 
_diffrn.crystal_id             1 
# 
_diffrn_detector.diffrn_id              1 
_diffrn_detector.detector               CCD 
_diffrn_detector.type                   'ADSC QUANTUM 315r' 
_diffrn_detector.pdbx_collection_date   2003-11-09 
_diffrn_detector.details                ? 
# 
_diffrn_radiation.diffrn_id                        1 
_diffrn_radiation.wavelength_id                    1 
_diffrn_radiation.pdbx_monochromatic_or_laue_m_l   M 
_diffrn_radiation.monochromator                    ? 
_diffrn_radiation.pdbx_diffrn_protocol             'SINGLE WAVELENGTH' 
_diffrn_radiation.pdbx_scattering_type             x-ray 
# 
_diffrn_radiation_wavelength.id           1 
_diffrn_radiation_wavelength.wavelength   0.93 
_diffrn_radiation_wavelength.wt           1.0 
# 
_diffrn_source.diffrn_id                   1 
_diffrn_source.source                      SYNCHROTRON 
_diffrn_source.type                        'ESRF BEAMLINE ID29' 
_diffrn_source.pdbx_synchrotron_site       ESRF 
_diffrn_source.pdbx_synchrotron_beamline   ID29 
_diffrn_source.pdbx_wavelength             0.93 
_diffrn_source.pdbx_wavelength_list        ? 
# 
_reflns.pdbx_diffrn_id               1 
_reflns.pdbx_ordinal                 1 
_reflns.entry_id                     4D07 
_reflns.observed_criterion_sigma_I   2.0 
_reflns.observed_criterion_sigma_F   ? 
_reflns.d_resolution_low             19.76 
_reflns.d_resolution_high            1.85 
_reflns.number_obs                   11478 
_reflns.number_all                   ? 
_reflns.percent_possible_obs         99.8 
_reflns.pdbx_Rmerge_I_obs            0.10 
_reflns.pdbx_Rsym_value              ? 
_reflns.pdbx_netI_over_sigmaI        30.18 
_reflns.B_iso_Wilson_estimate        ? 
_reflns.pdbx_redundancy              22 
# 
_reflns_shell.pdbx_diffrn_id         1 
_reflns_shell.pdbx_ordinal           1 
_reflns_shell.d_res_high             1.85 
_reflns_shell.d_res_low              1.90 
_reflns_shell.percent_possible_all   100.0 
_reflns_shell.Rmerge_I_obs           0.70 
_reflns_shell.pdbx_Rsym_value        ? 
_reflns_shell.meanI_over_sigI_obs    6.09 
_reflns_shell.pdbx_redundancy        20 
# 
_refine.pdbx_refine_id                           'X-RAY DIFFRACTION' 
_refine.entry_id                                 4D07 
_refine.pdbx_diffrn_id                           1 
_refine.pdbx_TLS_residual_ADP_flag               ? 
_refine.ls_number_reflns_obs                     10853 
_refine.ls_number_reflns_all                     ? 
_refine.pdbx_ls_sigma_I                          ? 
_refine.pdbx_ls_sigma_F                          . 
_refine.pdbx_data_cutoff_high_absF               ? 
_refine.pdbx_data_cutoff_low_absF                ? 
_refine.pdbx_data_cutoff_high_rms_absF           ? 
_refine.ls_d_res_low                             204.01 
_refine.ls_d_res_high                            1.85 
_refine.ls_percent_reflns_obs                    99.82 
_refine.ls_R_factor_obs                          0.19492 
_refine.ls_R_factor_all                          ? 
_refine.ls_R_factor_R_work                       0.19303 
_refine.ls_R_factor_R_free                       0.23300 
_refine.ls_R_factor_R_free_error                 ? 
_refine.ls_R_factor_R_free_error_details         ? 
_refine.ls_percent_reflns_R_free                 4.8 
_refine.ls_number_reflns_R_free                  544 
_refine.ls_number_parameters                     ? 
_refine.ls_number_restraints                     ? 
_refine.occupancy_min                            ? 
_refine.occupancy_max                            ? 
_refine.correlation_coeff_Fo_to_Fc               0.954 
_refine.correlation_coeff_Fo_to_Fc_free          0.930 
_refine.B_iso_mean                               21.851 
_refine.aniso_B[1][1]                            0.75 
_refine.aniso_B[2][2]                            0.75 
_refine.aniso_B[3][3]                            -2.42 
_refine.aniso_B[1][2]                            0.37 
_refine.aniso_B[1][3]                            0.00 
_refine.aniso_B[2][3]                            0.00 
_refine.solvent_model_details                    MASK 
_refine.solvent_model_param_ksol                 ? 
_refine.solvent_model_param_bsol                 ? 
_refine.pdbx_solvent_vdw_probe_radii             1.20 
_refine.pdbx_solvent_ion_probe_radii             0.80 
_refine.pdbx_solvent_shrinkage_radii             0.80 
_refine.pdbx_ls_cross_valid_method               THROUGHOUT 
_refine.details                                  'HYDROGENS HAVE BEEN ADDED IN THE RIDING POSITIONS.' 
_refine.pdbx_starting_model                      'PDB ENTRY 1CMI' 
_refine.pdbx_method_to_determine_struct          'MOLECULAR REPLACEMENT' 
_refine.pdbx_isotropic_thermal_model             ? 
_refine.pdbx_stereochemistry_target_values       'MAXIMUM LIKELIHOOD' 
_refine.pdbx_stereochem_target_val_spec_case     ? 
_refine.pdbx_R_Free_selection_details            RANDOM 
_refine.pdbx_overall_ESU_R                       0.138 
_refine.pdbx_overall_ESU_R_Free                  0.133 
_refine.overall_SU_ML                            0.091 
_refine.pdbx_overall_phase_error                 ? 
_refine.overall_SU_B                             2.970 
_refine.overall_SU_R_Cruickshank_DPI             ? 
_refine.pdbx_overall_SU_R_free_Cruickshank_DPI   ? 
_refine.pdbx_overall_SU_R_Blow_DPI               ? 
_refine.pdbx_overall_SU_R_free_Blow_DPI          ? 
# 
_refine_hist.pdbx_refine_id                   'X-RAY DIFFRACTION' 
_refine_hist.cycle_id                         LAST 
_refine_hist.pdbx_number_atoms_protein        841 
_refine_hist.pdbx_number_atoms_nucleic_acid   0 
_refine_hist.pdbx_number_atoms_ligand         14 
_refine_hist.number_atoms_solvent             99 
_refine_hist.number_atoms_total               954 
_refine_hist.d_res_high                       1.85 
_refine_hist.d_res_low                        204.01 
# 
loop_
_refine_ls_restr.type 
_refine_ls_restr.dev_ideal 
_refine_ls_restr.dev_ideal_target 
_refine_ls_restr.weight 
_refine_ls_restr.number 
_refine_ls_restr.pdbx_refine_id 
_refine_ls_restr.pdbx_restraint_function 
r_bond_refined_d             0.007  0.019  ? 918  'X-RAY DIFFRACTION' ? 
r_bond_other_d               ?      ?      ? ?    'X-RAY DIFFRACTION' ? 
r_angle_refined_deg          1.113  1.941  ? 1250 'X-RAY DIFFRACTION' ? 
r_angle_other_deg            ?      ?      ? ?    'X-RAY DIFFRACTION' ? 
r_dihedral_angle_1_deg       5.548  5.000  ? 121  'X-RAY DIFFRACTION' ? 
r_dihedral_angle_2_deg       31.126 25.682 ? 44   'X-RAY DIFFRACTION' ? 
r_dihedral_angle_3_deg       13.289 15.000 ? 169  'X-RAY DIFFRACTION' ? 
r_dihedral_angle_4_deg       0.183  15.000 ? 1    'X-RAY DIFFRACTION' ? 
r_chiral_restr               0.086  0.200  ? 134  'X-RAY DIFFRACTION' ? 
r_gen_planes_refined         0.004  0.020  ? 696  'X-RAY DIFFRACTION' ? 
r_gen_planes_other           ?      ?      ? ?    'X-RAY DIFFRACTION' ? 
r_nbd_refined                ?      ?      ? ?    'X-RAY DIFFRACTION' ? 
r_nbd_other                  ?      ?      ? ?    'X-RAY DIFFRACTION' ? 
r_nbtor_refined              ?      ?      ? ?    'X-RAY DIFFRACTION' ? 
r_nbtor_other                ?      ?      ? ?    'X-RAY DIFFRACTION' ? 
r_xyhbond_nbd_refined        ?      ?      ? ?    'X-RAY DIFFRACTION' ? 
r_xyhbond_nbd_other          ?      ?      ? ?    'X-RAY DIFFRACTION' ? 
r_metal_ion_refined          ?      ?      ? ?    'X-RAY DIFFRACTION' ? 
r_metal_ion_other            ?      ?      ? ?    'X-RAY DIFFRACTION' ? 
r_symmetry_vdw_refined       ?      ?      ? ?    'X-RAY DIFFRACTION' ? 
r_symmetry_vdw_other         ?      ?      ? ?    'X-RAY DIFFRACTION' ? 
r_symmetry_hbond_refined     ?      ?      ? ?    'X-RAY DIFFRACTION' ? 
r_symmetry_hbond_other       ?      ?      ? ?    'X-RAY DIFFRACTION' ? 
r_symmetry_metal_ion_refined ?      ?      ? ?    'X-RAY DIFFRACTION' ? 
r_symmetry_metal_ion_other   ?      ?      ? ?    'X-RAY DIFFRACTION' ? 
r_mcbond_it                  1.046  1.898  ? 438  'X-RAY DIFFRACTION' ? 
r_mcbond_other               ?      ?      ? ?    'X-RAY DIFFRACTION' ? 
r_mcangle_it                 1.805  2.807  ? 549  'X-RAY DIFFRACTION' ? 
r_mcangle_other              ?      ?      ? ?    'X-RAY DIFFRACTION' ? 
r_scbond_it                  1.277  2.116  ? 479  'X-RAY DIFFRACTION' ? 
r_scbond_other               ?      ?      ? ?    'X-RAY DIFFRACTION' ? 
r_scangle_it                 ?      ?      ? ?    'X-RAY DIFFRACTION' ? 
r_scangle_other              ?      ?      ? ?    'X-RAY DIFFRACTION' ? 
r_long_range_B_refined       ?      ?      ? ?    'X-RAY DIFFRACTION' ? 
r_long_range_B_other         ?      ?      ? ?    'X-RAY DIFFRACTION' ? 
r_rigid_bond_restr           ?      ?      ? ?    'X-RAY DIFFRACTION' ? 
r_sphericity_free            ?      ?      ? ?    'X-RAY DIFFRACTION' ? 
r_sphericity_bonded          ?      ?      ? ?    'X-RAY DIFFRACTION' ? 
# 
_refine_ls_shell.pdbx_refine_id                   'X-RAY DIFFRACTION' 
_refine_ls_shell.pdbx_total_number_of_bins_used   20 
_refine_ls_shell.d_res_high                       1.850 
_refine_ls_shell.d_res_low                        1.898 
_refine_ls_shell.number_reflns_R_work             788 
_refine_ls_shell.R_factor_R_work                  0.251 
_refine_ls_shell.percent_reflns_obs               99.64 
_refine_ls_shell.R_factor_R_free                  0.313 
_refine_ls_shell.R_factor_R_free_error            ? 
_refine_ls_shell.percent_reflns_R_free            ? 
_refine_ls_shell.number_reflns_R_free             34 
_refine_ls_shell.number_reflns_all                ? 
_refine_ls_shell.R_factor_all                     ? 
# 
_struct.entry_id                  4D07 
_struct.title                     'DYNLL2 dynein light chain binds to an extended, unstructured linear motif of myosin 5a tail' 
_struct.pdbx_model_details        ? 
_struct.pdbx_CASP_flag            ? 
_struct.pdbx_model_type_details   ? 
# 
_struct_keywords.entry_id        4D07 
_struct_keywords.pdbx_keywords   'MOTOR PROTEIN' 
_struct_keywords.text            'MOTOR PROTEIN, INSTRINSICALLY DISORDERED DOMAIN, HUB PROTEIN' 
# 
loop_
_struct_asym.id 
_struct_asym.pdbx_blank_PDB_chainid_flag 
_struct_asym.pdbx_modified 
_struct_asym.entity_id 
_struct_asym.details 
A N N 1 ? 
B N N 2 ? 
C N N 3 ? 
D N N 4 ? 
E N N 5 ? 
F N N 6 ? 
G N N 6 ? 
# 
_struct_biol.id   1 
# 
loop_
_struct_conf.conf_type_id 
_struct_conf.id 
_struct_conf.pdbx_PDB_helix_id 
_struct_conf.beg_label_comp_id 
_struct_conf.beg_label_asym_id 
_struct_conf.beg_label_seq_id 
_struct_conf.pdbx_beg_PDB_ins_code 
_struct_conf.end_label_comp_id 
_struct_conf.end_label_asym_id 
_struct_conf.end_label_seq_id 
_struct_conf.pdbx_end_PDB_ins_code 
_struct_conf.beg_auth_comp_id 
_struct_conf.beg_auth_asym_id 
_struct_conf.beg_auth_seq_id 
_struct_conf.end_auth_comp_id 
_struct_conf.end_auth_asym_id 
_struct_conf.end_auth_seq_id 
_struct_conf.pdbx_PDB_helix_class 
_struct_conf.details 
_struct_conf.pdbx_PDB_helix_length 
HELX_P HELX_P1 1 SER A 17 ? TYR A 35 ? SER A 14 TYR A 32 1 ? 19 
HELX_P HELX_P2 2 ILE A 37 ? ASN A 54 ? ILE A 34 ASN A 51 1 ? 18 
# 
_struct_conf_type.id          HELX_P 
_struct_conf_type.criteria    ? 
_struct_conf_type.reference   ? 
# 
loop_
_struct_conn.id 
_struct_conn.conn_type_id 
_struct_conn.pdbx_leaving_atom_flag 
_struct_conn.pdbx_PDB_id 
_struct_conn.ptnr1_label_asym_id 
_struct_conn.ptnr1_label_comp_id 
_struct_conn.ptnr1_label_seq_id 
_struct_conn.ptnr1_label_atom_id 
_struct_conn.pdbx_ptnr1_label_alt_id 
_struct_conn.pdbx_ptnr1_PDB_ins_code 
_struct_conn.pdbx_ptnr1_standard_comp_id 
_struct_conn.ptnr1_symmetry 
_struct_conn.ptnr2_label_asym_id 
_struct_conn.ptnr2_label_comp_id 
_struct_conn.ptnr2_label_seq_id 
_struct_conn.ptnr2_label_atom_id 
_struct_conn.pdbx_ptnr2_label_alt_id 
_struct_conn.pdbx_ptnr2_PDB_ins_code 
_struct_conn.ptnr1_auth_asym_id 
_struct_conn.ptnr1_auth_comp_id 
_struct_conn.ptnr1_auth_seq_id 
_struct_conn.ptnr2_auth_asym_id 
_struct_conn.ptnr2_auth_comp_id 
_struct_conn.ptnr2_auth_seq_id 
_struct_conn.ptnr2_symmetry 
_struct_conn.pdbx_ptnr3_label_atom_id 
_struct_conn.pdbx_ptnr3_label_seq_id 
_struct_conn.pdbx_ptnr3_label_comp_id 
_struct_conn.pdbx_ptnr3_label_asym_id 
_struct_conn.pdbx_ptnr3_label_alt_id 
_struct_conn.pdbx_ptnr3_PDB_ins_code 
_struct_conn.details 
_struct_conn.pdbx_dist_value 
_struct_conn.pdbx_value_order 
_struct_conn.pdbx_role 
metalc1 metalc ? ? A HIS 3  ND1 ? ? ? 1_555 C CO  . CO ? ? A HIS 0    A CO  1090 1_555 ? ? ? ? ? ? ? 2.036 ? ? 
metalc2 metalc ? ? A GLU 33 OE1 ? ? ? 1_555 C CO  . CO ? ? A GLU 30   A CO  1090 1_555 ? ? ? ? ? ? ? 2.222 ? ? 
metalc3 metalc ? ? C CO  .  CO  ? ? ? 1_555 F HOH . O  ? ? A CO  1090 A HOH 2002 1_555 ? ? ? ? ? ? ? 2.427 ? ? 
# 
_struct_conn_type.id          metalc 
_struct_conn_type.criteria    ? 
_struct_conn_type.reference   ? 
# 
_struct_mon_prot_cis.pdbx_id                1 
_struct_mon_prot_cis.label_comp_id          PRO 
_struct_mon_prot_cis.label_seq_id           55 
_struct_mon_prot_cis.label_asym_id          A 
_struct_mon_prot_cis.label_alt_id           . 
_struct_mon_prot_cis.pdbx_PDB_ins_code      ? 
_struct_mon_prot_cis.auth_comp_id           PRO 
_struct_mon_prot_cis.auth_seq_id            52 
_struct_mon_prot_cis.auth_asym_id           A 
_struct_mon_prot_cis.pdbx_label_comp_id_2   THR 
_struct_mon_prot_cis.pdbx_label_seq_id_2    56 
_struct_mon_prot_cis.pdbx_label_asym_id_2   A 
_struct_mon_prot_cis.pdbx_PDB_ins_code_2    ? 
_struct_mon_prot_cis.pdbx_auth_comp_id_2    THR 
_struct_mon_prot_cis.pdbx_auth_seq_id_2     53 
_struct_mon_prot_cis.pdbx_auth_asym_id_2    A 
_struct_mon_prot_cis.pdbx_PDB_model_num     1 
_struct_mon_prot_cis.pdbx_omega_angle       9.20 
# 
loop_
_struct_sheet.id 
_struct_sheet.type 
_struct_sheet.number_strands 
_struct_sheet.details 
AA ? 4 ? 
AB ? 2 ? 
# 
loop_
_struct_sheet_order.sheet_id 
_struct_sheet_order.range_id_1 
_struct_sheet_order.range_id_2 
_struct_sheet_order.offset 
_struct_sheet_order.sense 
AA 1 2 ? anti-parallel 
AA 2 3 ? anti-parallel 
AA 3 4 ? anti-parallel 
AB 1 2 ? anti-parallel 
# 
loop_
_struct_sheet_range.sheet_id 
_struct_sheet_range.id 
_struct_sheet_range.beg_label_comp_id 
_struct_sheet_range.beg_label_asym_id 
_struct_sheet_range.beg_label_seq_id 
_struct_sheet_range.pdbx_beg_PDB_ins_code 
_struct_sheet_range.end_label_comp_id 
_struct_sheet_range.end_label_asym_id 
_struct_sheet_range.end_label_seq_id 
_struct_sheet_range.pdbx_end_PDB_ins_code 
_struct_sheet_range.beg_auth_comp_id 
_struct_sheet_range.beg_auth_asym_id 
_struct_sheet_range.beg_auth_seq_id 
_struct_sheet_range.end_auth_comp_id 
_struct_sheet_range.end_auth_asym_id 
_struct_sheet_range.end_auth_seq_id 
AA 1 ALA A 9  ? MET A 16 ? ALA A 6  MET A 13 
AA 2 HIS A 75 ? LEU A 81 ? HIS A 72 LEU A 78 
AA 3 VAL A 84 ? LYS A 90 ? VAL A 81 LYS A 87 
AA 4 TRP A 57 ? GLY A 62 ? TRP A 54 GLY A 59 
AB 1 GLY A 66 ? THR A 70 ? GLY A 63 THR A 67 
AB 2 ASP B 15 ? MET B 19 ? ASP B 6  MET B 10 
# 
loop_
_pdbx_struct_sheet_hbond.sheet_id 
_pdbx_struct_sheet_hbond.range_id_1 
_pdbx_struct_sheet_hbond.range_id_2 
_pdbx_struct_sheet_hbond.range_1_label_atom_id 
_pdbx_struct_sheet_hbond.range_1_label_comp_id 
_pdbx_struct_sheet_hbond.range_1_label_asym_id 
_pdbx_struct_sheet_hbond.range_1_label_seq_id 
_pdbx_struct_sheet_hbond.range_1_PDB_ins_code 
_pdbx_struct_sheet_hbond.range_1_auth_atom_id 
_pdbx_struct_sheet_hbond.range_1_auth_comp_id 
_pdbx_struct_sheet_hbond.range_1_auth_asym_id 
_pdbx_struct_sheet_hbond.range_1_auth_seq_id 
_pdbx_struct_sheet_hbond.range_2_label_atom_id 
_pdbx_struct_sheet_hbond.range_2_label_comp_id 
_pdbx_struct_sheet_hbond.range_2_label_asym_id 
_pdbx_struct_sheet_hbond.range_2_label_seq_id 
_pdbx_struct_sheet_hbond.range_2_PDB_ins_code 
_pdbx_struct_sheet_hbond.range_2_auth_atom_id 
_pdbx_struct_sheet_hbond.range_2_auth_comp_id 
_pdbx_struct_sheet_hbond.range_2_auth_asym_id 
_pdbx_struct_sheet_hbond.range_2_auth_seq_id 
AA 1 2 N ASP A 15 ? N ASP A 12 O PHE A 76 ? O PHE A 73 
AA 2 3 N LEU A 81 ? N LEU A 78 O VAL A 84 ? O VAL A 81 
AA 3 4 N PHE A 89 ? N PHE A 86 O HIS A 58 ? O HIS A 55 
AB 1 2 N VAL A 69 ? N VAL A 66 O LYS B 16 ? O LYS B 7  
# 
loop_
_struct_site.id 
_struct_site.pdbx_evidence_code 
_struct_site.pdbx_auth_asym_id 
_struct_site.pdbx_auth_comp_id 
_struct_site.pdbx_auth_seq_id 
_struct_site.pdbx_auth_ins_code 
_struct_site.pdbx_num_residues 
_struct_site.details 
AC1 Software A CO  1090 ? 5 'BINDING SITE FOR RESIDUE CO A 1090'  
AC2 Software A TRS 1091 ? 5 'BINDING SITE FOR RESIDUE TRS A 1091' 
AC3 Software A SO4 1092 ? 3 'BINDING SITE FOR RESIDUE SO4 A 1092' 
# 
loop_
_struct_site_gen.id 
_struct_site_gen.site_id 
_struct_site_gen.pdbx_num_res 
_struct_site_gen.label_comp_id 
_struct_site_gen.label_asym_id 
_struct_site_gen.label_seq_id 
_struct_site_gen.pdbx_auth_ins_code 
_struct_site_gen.auth_comp_id 
_struct_site_gen.auth_asym_id 
_struct_site_gen.auth_seq_id 
_struct_site_gen.label_atom_id 
_struct_site_gen.label_alt_id 
_struct_site_gen.symmetry 
_struct_site_gen.details 
1  AC1 5 GLY A 1  ? GLY A -2   . ? 1_555 ? 
2  AC1 5 SER A 2  ? SER A -1   . ? 1_555 ? 
3  AC1 5 HIS A 3  ? HIS A 0    . ? 1_555 ? 
4  AC1 5 GLU A 33 ? GLU A 30   . ? 1_555 ? 
5  AC1 5 HOH F .  ? HOH A 2002 . ? 1_555 ? 
6  AC2 5 LYS A 12 ? LYS A 9    . ? 1_555 ? 
7  AC2 5 TYR A 80 ? TYR A 77   . ? 1_555 ? 
8  AC2 5 GLY A 82 ? GLY A 79   . ? 1_555 ? 
9  AC2 5 GLN A 83 ? GLN A 80   . ? 1_555 ? 
10 AC2 5 ASP B 21 ? ASP B 12   . ? 1_555 ? 
11 AC3 3 ARG A 63 ? ARG A 60   . ? 1_555 ? 
12 AC3 3 GLY A 82 ? GLY A 79   . ? 1_555 ? 
13 AC3 3 GLN A 83 ? GLN A 80   . ? 1_555 ? 
# 
_atom_sites.entry_id                    4D07 
_atom_sites.fract_transf_matrix[1][1]   -0.01102377 
_atom_sites.fract_transf_matrix[1][2]   0.01020681 
_atom_sites.fract_transf_matrix[1][3]   -0.02068976 
_atom_sites.fract_transf_matrix[2][1]   -0.01306060 
_atom_sites.fract_transf_matrix[2][2]   0.02189415 
_atom_sites.fract_transf_matrix[2][3]   0.00195976 
_atom_sites.fract_transf_matrix[3][1]   0.00409518 
_atom_sites.fract_transf_matrix[3][2]   0.00252665 
_atom_sites.fract_transf_matrix[3][3]   -0.00093550 
_atom_sites.fract_transf_vector[1]      1.189407 
_atom_sites.fract_transf_vector[2]      0.604214 
_atom_sites.fract_transf_vector[3]      -0.039546 
# 
loop_
_atom_type.symbol 
C  
CO 
N  
O  
S  
# 
loop_
_atom_site.group_PDB 
_atom_site.id 
_atom_site.type_symbol 
_atom_site.label_atom_id 
_atom_site.label_alt_id 
_atom_site.label_comp_id 
_atom_site.label_asym_id 
_atom_site.label_entity_id 
_atom_site.label_seq_id 
_atom_site.pdbx_PDB_ins_code 
_atom_site.Cartn_x 
_atom_site.Cartn_y 
_atom_site.Cartn_z 
_atom_site.occupancy 
_atom_site.B_iso_or_equiv 
_atom_site.pdbx_formal_charge 
_atom_site.auth_seq_id 
_atom_site.auth_comp_id 
_atom_site.auth_asym_id 
_atom_site.auth_atom_id 
_atom_site.pdbx_PDB_model_num 
ATOM   1    N  N   . GLY A 1 1  ? 6.765   17.528  3.406   1.00   30.92 ? -2   GLY A N   1 
ATOM   2    C  CA  . GLY A 1 1  ? 8.027   17.567  2.601   1.00   32.74 ? -2   GLY A CA  1 
ATOM   3    C  C   . GLY A 1 1  ? 9.235   17.024  3.342   1.00   32.86 ? -2   GLY A C   1 
ATOM   4    O  O   . GLY A 1 1  ? 10.294  16.848  2.746   1.00   32.90 ? -2   GLY A O   1 
ATOM   5    N  N   . SER A 1 2  ? 9.061   16.762  4.639   1.00   33.29 ? -1   SER A N   1 
ATOM   6    C  CA  . SER A 1 2  ? 10.096  16.158  5.500   1.00   33.74 ? -1   SER A CA  1 
ATOM   7    C  C   . SER A 1 2  ? 9.494   15.544  6.779   1.00   33.65 ? -1   SER A C   1 
ATOM   8    O  O   . SER A 1 2  ? 10.176  14.819  7.516   1.00   32.99 ? -1   SER A O   1 
ATOM   9    C  CB  . SER A 1 2  ? 11.184  17.179  5.856   1.00   35.57 ? -1   SER A CB  1 
ATOM   10   O  OG  . SER A 1 2  ? 10.633  18.299  6.525   1.00   37.25 ? -1   SER A OG  1 
ATOM   11   N  N   . HIS A 1 3  ? 8.211   15.820  7.028   1.00   32.16 ? 0    HIS A N   1 
ATOM   12   C  CA  . HIS A 1 3  ? 7.524   15.353  8.240   1.00   31.50 ? 0    HIS A CA  1 
ATOM   13   C  C   . HIS A 1 3  ? 7.261   13.838  8.268   1.00   30.63 ? 0    HIS A C   1 
ATOM   14   O  O   . HIS A 1 3  ? 6.820   13.300  9.283   1.00   30.99 ? 0    HIS A O   1 
ATOM   15   C  CB  . HIS A 1 3  ? 6.230   16.156  8.490   1.00   31.67 ? 0    HIS A CB  1 
ATOM   16   C  CG  . HIS A 1 3  ? 5.176   15.963  7.442   1.00   32.21 ? 0    HIS A CG  1 
ATOM   17   N  ND1 . HIS A 1 3  ? 5.401   16.206  6.103   1.00   31.59 ? 0    HIS A ND1 1 
ATOM   18   C  CD2 . HIS A 1 3  ? 3.883   15.572  7.541   1.00   32.32 ? 0    HIS A CD2 1 
ATOM   19   C  CE1 . HIS A 1 3  ? 4.298   15.954  5.421   1.00   32.36 ? 0    HIS A CE1 1 
ATOM   20   N  NE2 . HIS A 1 3  ? 3.363   15.565  6.270   1.00   32.92 ? 0    HIS A NE2 1 
ATOM   21   N  N   . MET A 1 4  ? 7.540   13.161  7.160   1.00   29.51 ? 1    MET A N   1 
ATOM   22   C  CA  . MET A 1 4  ? 7.380   11.708  7.078   1.00   29.66 ? 1    MET A CA  1 
ATOM   23   C  C   . MET A 1 4  ? 8.718   10.972  7.121   1.00   29.87 ? 1    MET A C   1 
ATOM   24   O  O   . MET A 1 4  ? 8.754   9.735   7.162   1.00   29.85 ? 1    MET A O   1 
ATOM   25   C  CB  . MET A 1 4  ? 6.607   11.332  5.814   1.00   29.12 ? 1    MET A CB  1 
ATOM   26   C  CG  . MET A 1 4  ? 5.217   11.938  5.748   1.00   29.39 ? 1    MET A CG  1 
ATOM   27   S  SD  . MET A 1 4  ? 4.098   11.176  6.938   1.00   29.03 ? 1    MET A SD  1 
ATOM   28   C  CE  . MET A 1 4  ? 3.998   12.386  8.254   1.00   31.55 ? 1    MET A CE  1 
ATOM   29   N  N   . SER A 1 5  ? 9.811   11.734  7.138   1.00   30.58 ? 2    SER A N   1 
ATOM   30   C  CA  . SER A 1 5  ? 11.154  11.152  7.072   1.00   32.36 ? 2    SER A CA  1 
ATOM   31   C  C   . SER A 1 5  ? 11.592  10.496  8.391   1.00   33.31 ? 2    SER A C   1 
ATOM   32   O  O   . SER A 1 5  ? 12.732  10.036  8.514   1.00   33.36 ? 2    SER A O   1 
ATOM   33   C  CB  . SER A 1 5  ? 12.173  12.191  6.593   1.00   33.56 ? 2    SER A CB  1 
ATOM   34   O  OG  . SER A 1 5  ? 12.209  13.302  7.468   1.00   34.06 ? 2    SER A OG  1 
ATOM   35   N  N   . ASP A 1 6  ? 10.679  10.440  9.362   1.00   32.56 ? 3    ASP A N   1 
ATOM   36   C  CA  . ASP A 1 6  ? 10.926  9.744   10.625  1.00   33.03 ? 3    ASP A CA  1 
ATOM   37   C  C   . ASP A 1 6  ? 9.856   8.683   10.951  1.00   30.92 ? 3    ASP A C   1 
ATOM   38   O  O   . ASP A 1 6  ? 9.831   8.149   12.057  1.00   32.23 ? 3    ASP A O   1 
ATOM   39   C  CB  . ASP A 1 6  ? 11.078  10.757  11.777  1.00   35.04 ? 3    ASP A CB  1 
ATOM   40   C  CG  . ASP A 1 6  ? 9.759   11.440  12.162  1.00   36.85 ? 3    ASP A CG  1 
ATOM   41   O  OD1 . ASP A 1 6  ? 8.784   11.420  11.372  1.00   38.67 ? 3    ASP A OD1 1 
ATOM   42   O  OD2 . ASP A 1 6  ? 9.697   12.006  13.276  1.00   38.61 ? 3    ASP A OD2 1 
ATOM   43   N  N   . ARG A 1 7  ? 8.985   8.373   9.989   1.00   28.66 ? 4    ARG A N   1 
ATOM   44   C  CA  . ARG A 1 7  ? 7.885   7.426   10.217  1.00   26.34 ? 4    ARG A CA  1 
ATOM   45   C  C   . ARG A 1 7  ? 8.327   5.967   10.043  1.00   24.39 ? 4    ARG A C   1 
ATOM   46   O  O   . ARG A 1 7  ? 9.147   5.653   9.180   1.00   23.49 ? 4    ARG A O   1 
ATOM   47   C  CB  . ARG A 1 7  ? 6.697   7.737   9.298   1.00   27.93 ? 4    ARG A CB  1 
ATOM   48   C  CG  . ARG A 1 7  ? 6.129   8.993   9.800   0.0000 25.61 ? 4    ARG A CG  1 
ATOM   49   C  CD  . ARG A 1 7  ? 4.843   9.183   9.054   0.0000 26.68 ? 4    ARG A CD  1 
ATOM   50   N  NE  . ARG A 1 7  ? 3.667   8.817   9.830   0.0000 28.07 ? 4    ARG A NE  1 
ATOM   51   C  CZ  . ARG A 1 7  ? 2.463   8.617   9.304   0.0000 28.09 ? 4    ARG A CZ  1 
ATOM   52   N  NH1 . ARG A 1 7  ? 2.282   8.726   7.997   0.0000 28.70 ? 4    ARG A NH1 1 
ATOM   53   N  NH2 . ARG A 1 7  ? 1.443   8.297   10.083  0.0000 28.41 ? 4    ARG A NH2 1 
ATOM   54   N  N   . LYS A 1 8  ? 7.759   5.086   10.859  1.00   22.72 ? 5    LYS A N   1 
ATOM   55   C  CA  . LYS A 1 8  ? 8.138   3.672   10.882  1.00   21.61 ? 5    LYS A CA  1 
ATOM   56   C  C   . LYS A 1 8  ? 7.294   2.838   9.931   1.00   20.60 ? 5    LYS A C   1 
ATOM   57   O  O   . LYS A 1 8  ? 6.061   2.884   9.992   1.00   20.00 ? 5    LYS A O   1 
ATOM   58   C  CB  . LYS A 1 8  ? 7.983   3.126   12.306  1.00   23.04 ? 5    LYS A CB  1 
ATOM   59   C  CG  . LYS A 1 8  ? 8.426   1.686   12.507  1.00   23.54 ? 5    LYS A CG  1 
ATOM   60   C  CD  . LYS A 1 8  ? 7.921   1.159   13.842  1.00   26.18 ? 5    LYS A CD  1 
ATOM   61   C  CE  . LYS A 1 8  ? 8.592   -0.160  14.190  1.00   28.68 ? 5    LYS A CE  1 
ATOM   62   N  NZ  . LYS A 1 8  ? 8.041   -0.772  15.434  1.00   31.54 ? 5    LYS A NZ  1 
ATOM   63   N  N   . ALA A 1 9  ? 7.956   2.063   9.073   1.00   18.39 ? 6    ALA A N   1 
ATOM   64   C  CA  . ALA A 1 9  ? 7.260   1.107   8.217   1.00   18.13 ? 6    ALA A CA  1 
ATOM   65   C  C   . ALA A 1 9  ? 7.165   -0.253  8.909   1.00   18.05 ? 6    ALA A C   1 
ATOM   66   O  O   . ALA A 1 9  ? 8.187   -0.830  9.308   1.00   18.25 ? 6    ALA A O   1 
ATOM   67   C  CB  . ALA A 1 9  ? 7.976   0.973   6.875   1.00   18.12 ? 6    ALA A CB  1 
ATOM   68   N  N   . VAL A 1 10 ? 5.943   -0.754  9.062   1.00   17.73 ? 7    VAL A N   1 
ATOM   69   C  CA  . VAL A 1 10 ? 5.704   -2.100  9.594   1.00   17.88 ? 7    VAL A CA  1 
ATOM   70   C  C   . VAL A 1 10 ? 4.881   -2.892  8.580   1.00   18.47 ? 7    VAL A C   1 
ATOM   71   O  O   . VAL A 1 10 ? 3.710   -2.581  8.343   1.00   18.18 ? 7    VAL A O   1 
ATOM   72   C  CB  . VAL A 1 10 ? 4.954   -2.069  10.946  1.00   17.79 ? 7    VAL A CB  1 
ATOM   73   C  CG1 . VAL A 1 10 ? 4.669   -3.480  11.456  1.00   17.89 ? 7    VAL A CG1 1 
ATOM   74   C  CG2 . VAL A 1 10 ? 5.741   -1.282  11.983  1.00   18.24 ? 7    VAL A CG2 1 
ATOM   75   N  N   A ILE A 1 11 ? 5.517   -3.891  7.973   0.50   18.17 ? 8    ILE A N   1 
ATOM   76   N  N   B ILE A 1 11 ? 5.481   -3.918  7.983   0.50   18.16 ? 8    ILE A N   1 
ATOM   77   C  CA  A ILE A 1 11 ? 4.841   -4.785  7.053   0.50   18.20 ? 8    ILE A CA  1 
ATOM   78   C  CA  B ILE A 1 11 ? 4.776   -4.698  6.970   0.50   18.21 ? 8    ILE A CA  1 
ATOM   79   C  C   A ILE A 1 11 ? 3.985   -5.732  7.875   0.50   18.52 ? 8    ILE A C   1 
ATOM   80   C  C   B ILE A 1 11 ? 4.016   -5.873  7.596   0.50   18.60 ? 8    ILE A C   1 
ATOM   81   O  O   A ILE A 1 11 ? 4.490   -6.401  8.784   0.50   17.74 ? 8    ILE A O   1 
ATOM   82   O  O   B ILE A 1 11 ? 4.618   -6.833  8.086   0.50   18.29 ? 8    ILE A O   1 
ATOM   83   C  CB  A ILE A 1 11 ? 5.841   -5.617  6.232   0.50   18.46 ? 8    ILE A CB  1 
ATOM   84   C  CB  B ILE A 1 11 ? 5.713   -5.128  5.825   0.50   18.32 ? 8    ILE A CB  1 
ATOM   85   C  CG1 A ILE A 1 11 ? 6.882   -4.711  5.565   0.50   18.20 ? 8    ILE A CG1 1 
ATOM   86   C  CG1 B ILE A 1 11 ? 6.304   -3.883  5.150   0.50   17.99 ? 8    ILE A CG1 1 
ATOM   87   C  CG2 A ILE A 1 11 ? 5.109   -6.474  5.209   0.50   18.44 ? 8    ILE A CG2 1 
ATOM   88   C  CG2 B ILE A 1 11 ? 4.956   -5.975  4.816   0.50   18.26 ? 8    ILE A CG2 1 
ATOM   89   C  CD1 A ILE A 1 11 ? 6.289   -3.578  4.753   0.50   17.61 ? 8    ILE A CD1 1 
ATOM   90   C  CD1 B ILE A 1 11 ? 7.447   -4.164  4.196   0.50   17.92 ? 8    ILE A CD1 1 
ATOM   91   N  N   . LYS A 1 12 ? 2.687   -5.768  7.580   1.00   18.43 ? 9    LYS A N   1 
ATOM   92   C  CA  . LYS A 1 12 ? 1.790   -6.689  8.280   1.00   19.31 ? 9    LYS A CA  1 
ATOM   93   C  C   . LYS A 1 12 ? 1.598   -7.994  7.510   1.00   20.06 ? 9    LYS A C   1 
ATOM   94   O  O   . LYS A 1 12 ? 1.630   -9.084  8.087   1.00   20.10 ? 9    LYS A O   1 
ATOM   95   C  CB  . LYS A 1 12 ? 0.436   -6.020  8.540   1.00   19.26 ? 9    LYS A CB  1 
ATOM   96   C  CG  . LYS A 1 12 ? 0.480   -4.838  9.496   1.00   20.85 ? 9    LYS A CG  1 
ATOM   97   C  CD  . LYS A 1 12 ? 0.880   -5.261  10.905  1.00   22.03 ? 9    LYS A CD  1 
ATOM   98   C  CE  . LYS A 1 12 ? 0.571   -4.161  11.906  1.00   23.52 ? 9    LYS A CE  1 
ATOM   99   N  NZ  . LYS A 1 12 ? 0.867   -4.588  13.301  1.00   24.12 ? 9    LYS A NZ  1 
ATOM   100  N  N   . ASN A 1 13 ? 1.396   -7.877  6.203   1.00   20.38 ? 10   ASN A N   1 
ATOM   101  C  CA  . ASN A 1 13 ? 1.176   -9.033  5.343   1.00   21.19 ? 10   ASN A CA  1 
ATOM   102  C  C   . ASN A 1 13 ? 1.604   -8.664  3.944   1.00   21.03 ? 10   ASN A C   1 
ATOM   103  O  O   . ASN A 1 13 ? 1.187   -7.636  3.405   1.00   21.30 ? 10   ASN A O   1 
ATOM   104  C  CB  . ASN A 1 13 ? -0.296  -9.469  5.349   1.00   22.58 ? 10   ASN A CB  1 
ATOM   105  C  CG  . ASN A 1 13 ? -0.502  -10.865 4.759   1.00   25.14 ? 10   ASN A CG  1 
ATOM   106  O  OD1 . ASN A 1 13 ? 0.458   -11.571 4.452   1.00   28.70 ? 10   ASN A OD1 1 
ATOM   107  N  ND2 . ASN A 1 13 ? -1.753  -11.277 4.632   1.00   26.70 ? 10   ASN A ND2 1 
ATOM   108  N  N   . ALA A 1 14 ? 2.466   -9.485  3.364   1.00   20.02 ? 11   ALA A N   1 
ATOM   109  C  CA  . ALA A 1 14 ? 2.932   -9.238  2.012   1.00   19.32 ? 11   ALA A CA  1 
ATOM   110  C  C   . ALA A 1 14 ? 3.025   -10.525 1.214   1.00   20.03 ? 11   ALA A C   1 
ATOM   111  O  O   . ALA A 1 14 ? 3.432   -11.575 1.735   1.00   20.31 ? 11   ALA A O   1 
ATOM   112  C  CB  . ALA A 1 14 ? 4.279   -8.521  2.029   1.00   19.03 ? 11   ALA A CB  1 
ATOM   113  N  N   . ASP A 1 15 ? 2.608   -10.439 -0.040  1.00   18.98 ? 12   ASP A N   1 
ATOM   114  C  CA  . ASP A 1 15 ? 2.934   -11.438 -1.045  1.00   18.76 ? 12   ASP A CA  1 
ATOM   115  C  C   . ASP A 1 15 ? 3.530   -10.631 -2.180  1.00   17.96 ? 12   ASP A C   1 
ATOM   116  O  O   . ASP A 1 15 ? 2.832   -10.224 -3.111  1.00   17.77 ? 12   ASP A O   1 
ATOM   117  C  CB  . ASP A 1 15 ? 1.703   -12.236 -1.504  1.00   19.33 ? 12   ASP A CB  1 
ATOM   118  C  CG  . ASP A 1 15 ? 2.025   -13.206 -2.644  1.00   20.45 ? 12   ASP A CG  1 
ATOM   119  O  OD1 . ASP A 1 15 ? 3.215   -13.581 -2.793  1.00   20.53 ? 12   ASP A OD1 1 
ATOM   120  O  OD2 . ASP A 1 15 ? 1.113   -13.560 -3.425  1.00   20.66 ? 12   ASP A OD2 1 
ATOM   121  N  N   . MET A 1 16 ? 4.832   -10.389 -2.079  1.00   17.76 ? 13   MET A N   1 
ATOM   122  C  CA  . MET A 1 16 ? 5.501   -9.388  -2.891  1.00   17.92 ? 13   MET A CA  1 
ATOM   123  C  C   . MET A 1 16 ? 7.015   -9.520  -2.731  1.00   17.91 ? 13   MET A C   1 
ATOM   124  O  O   . MET A 1 16 ? 7.494   -9.841  -1.651  1.00   18.49 ? 13   MET A O   1 
ATOM   125  C  CB  . MET A 1 16 ? 5.064   -8.000  -2.423  1.00   17.41 ? 13   MET A CB  1 
ATOM   126  C  CG  . MET A 1 16 ? 5.431   -6.877  -3.356  1.00   17.24 ? 13   MET A CG  1 
ATOM   127  S  SD  . MET A 1 16 ? 4.770   -5.279  -2.826  1.00   16.19 ? 13   MET A SD  1 
ATOM   128  C  CE  . MET A 1 16 ? 3.111   -5.387  -3.508  1.00   16.65 ? 13   MET A CE  1 
ATOM   129  N  N   . SER A 1 17 ? 7.757   -9.231  -3.795  1.00   19.19 ? 14   SER A N   1 
ATOM   130  C  CA  . SER A 1 17 ? 9.220   -9.271  -3.745  1.00   19.69 ? 14   SER A CA  1 
ATOM   131  C  C   . SER A 1 17 ? 9.719   -8.178  -2.811  1.00   20.49 ? 14   SER A C   1 
ATOM   132  O  O   . SER A 1 17 ? 9.051   -7.156  -2.640  1.00   19.28 ? 14   SER A O   1 
ATOM   133  C  CB  . SER A 1 17 ? 9.803   -9.071  -5.140  1.00   20.22 ? 14   SER A CB  1 
ATOM   134  O  OG  . SER A 1 17 ? 9.738   -7.704  -5.503  1.00   20.35 ? 14   SER A OG  1 
ATOM   135  N  N   . GLU A 1 18 ? 10.882  -8.400  -2.197  1.00   21.17 ? 15   GLU A N   1 
ATOM   136  C  CA  . GLU A 1 18 ? 11.452  -7.427  -1.265  1.00   21.60 ? 15   GLU A CA  1 
ATOM   137  C  C   . GLU A 1 18 ? 11.630  -6.055  -1.907  1.00   20.80 ? 15   GLU A C   1 
ATOM   138  O  O   . GLU A 1 18 ? 11.355  -5.026  -1.261  1.00   20.70 ? 15   GLU A O   1 
ATOM   139  C  CB  . GLU A 1 18 ? 12.781  -7.925  -0.685  1.00   21.99 ? 15   GLU A CB  1 
ATOM   140  C  CG  . GLU A 1 18 ? 12.616  -9.081  0.289   1.00   23.47 ? 15   GLU A CG  1 
ATOM   141  C  CD  . GLU A 1 18 ? 11.896  -9.012  1.417   0.0000 23.49 ? 15   GLU A CD  1 
ATOM   142  O  OE1 . GLU A 1 18 ? 11.631  -8.196  2.373   0.0000 25.29 ? 15   GLU A OE1 1 
ATOM   143  O  OE2 . GLU A 1 18 ? 11.506  -10.193 1.414   0.0000 25.19 ? 15   GLU A OE2 1 
ATOM   144  N  N   . ASP A 1 19 ? 12.068  -6.044  -3.173  1.00   20.24 ? 16   ASP A N   1 
ATOM   145  C  CA  A ASP A 1 19 ? 12.285  -4.796  -3.906  0.50   19.85 ? 16   ASP A CA  1 
ATOM   146  C  CA  B ASP A 1 19 ? 12.288  -4.795  -3.902  0.50   20.31 ? 16   ASP A CA  1 
ATOM   147  C  C   . ASP A 1 19 ? 10.985  -4.033  -4.146  1.00   19.46 ? 16   ASP A C   1 
ATOM   148  O  O   . ASP A 1 19 ? 10.940  -2.806  -4.002  1.00   19.11 ? 16   ASP A O   1 
ATOM   149  C  CB  A ASP A 1 19 ? 12.992  -5.060  -5.238  0.50   20.01 ? 16   ASP A CB  1 
ATOM   150  C  CB  B ASP A 1 19 ? 12.996  -5.050  -5.233  0.50   21.19 ? 16   ASP A CB  1 
ATOM   151  C  CG  A ASP A 1 19 ? 14.469  -5.351  -5.065  0.50   20.12 ? 16   ASP A CG  1 
ATOM   152  C  CG  B ASP A 1 19 ? 13.743  -3.830  -5.732  0.50   22.03 ? 16   ASP A CG  1 
ATOM   153  O  OD1 A ASP A 1 19 ? 14.976  -5.211  -3.937  0.50   19.90 ? 16   ASP A OD1 1 
ATOM   154  O  OD1 B ASP A 1 19 ? 14.768  -3.462  -5.118  0.50   23.17 ? 16   ASP A OD1 1 
ATOM   155  O  OD2 A ASP A 1 19 ? 15.122  -5.720  -6.059  0.50   20.82 ? 16   ASP A OD2 1 
ATOM   156  O  OD2 B ASP A 1 19 ? 13.318  -3.237  -6.744  0.50   22.56 ? 16   ASP A OD2 1 
ATOM   157  N  N   . MET A 1 20 ? 9.928   -4.754  -4.515  1.00   18.59 ? 17   MET A N   1 
ATOM   158  C  CA  A MET A 1 20 ? 8.633   -4.114  -4.742  0.50   17.53 ? 17   MET A CA  1 
ATOM   159  C  CA  B MET A 1 20 ? 8.627   -4.125  -4.735  0.50   18.75 ? 17   MET A CA  1 
ATOM   160  C  C   . MET A 1 20 ? 8.042   -3.632  -3.414  1.00   17.87 ? 17   MET A C   1 
ATOM   161  O  O   . MET A 1 20 ? 7.381   -2.584  -3.366  1.00   17.43 ? 17   MET A O   1 
ATOM   162  C  CB  A MET A 1 20 ? 7.665   -5.049  -5.477  0.50   16.43 ? 17   MET A CB  1 
ATOM   163  C  CB  B MET A 1 20 ? 7.663   -5.080  -5.440  0.50   19.71 ? 17   MET A CB  1 
ATOM   164  C  CG  A MET A 1 20 ? 6.491   -4.339  -6.142  0.50   15.11 ? 17   MET A CG  1 
ATOM   165  C  CG  B MET A 1 20 ? 7.945   -5.249  -6.924  0.50   20.58 ? 17   MET A CG  1 
ATOM   166  S  SD  A MET A 1 20 ? 5.166   -5.450  -6.647  0.50   13.99 ? 17   MET A SD  1 
ATOM   167  S  SD  B MET A 1 20 ? 6.759   -6.289  -7.801  0.50   22.71 ? 17   MET A SD  1 
ATOM   168  C  CE  A MET A 1 20 ? 5.716   -6.012  -8.257  0.50   14.71 ? 17   MET A CE  1 
ATOM   169  C  CE  B MET A 1 20 ? 5.224   -5.643  -7.136  0.50   21.28 ? 17   MET A CE  1 
ATOM   170  N  N   . GLN A 1 21 ? 8.288   -4.383  -2.339  1.00   17.29 ? 18   GLN A N   1 
ATOM   171  C  CA  . GLN A 1 21 ? 7.860   -3.955  -1.000  1.00   17.40 ? 18   GLN A CA  1 
ATOM   172  C  C   . GLN A 1 21 ? 8.533   -2.640  -0.626  1.00   17.67 ? 18   GLN A C   1 
ATOM   173  O  O   . GLN A 1 21 ? 7.893   -1.738  -0.091  1.00   16.73 ? 18   GLN A O   1 
ATOM   174  C  CB  . GLN A 1 21 ? 8.181   -5.009  0.065   1.00   17.67 ? 18   GLN A CB  1 
ATOM   175  C  CG  . GLN A 1 21 ? 7.363   -6.282  -0.036  1.00   17.69 ? 18   GLN A CG  1 
ATOM   176  C  CD  . GLN A 1 21 ? 7.627   -7.221  1.117   1.00   18.83 ? 18   GLN A CD  1 
ATOM   177  O  OE1 . GLN A 1 21 ? 7.668   -6.797  2.271   1.00   18.54 ? 18   GLN A OE1 1 
ATOM   178  N  NE2 . GLN A 1 21 ? 7.795   -8.514  0.813   1.00   19.07 ? 18   GLN A NE2 1 
ATOM   179  N  N   . GLN A 1 22 ? 9.828   -2.537  -0.914  1.00   17.99 ? 19   GLN A N   1 
ATOM   180  C  CA  . GLN A 1 22 ? 10.568  -1.308  -0.656  1.00   19.36 ? 19   GLN A CA  1 
ATOM   181  C  C   . GLN A 1 22 ? 10.010  -0.136  -1.458  1.00   18.06 ? 19   GLN A C   1 
ATOM   182  O  O   . GLN A 1 22 ? 9.852   0.969   -0.931  1.00   17.56 ? 19   GLN A O   1 
ATOM   183  C  CB  . GLN A 1 22 ? 12.065  -1.490  -0.948  1.00   21.80 ? 19   GLN A CB  1 
ATOM   184  C  CG  . GLN A 1 22 ? 12.892  -0.264  -0.553  1.00   25.57 ? 19   GLN A CG  1 
ATOM   185  C  CD  . GLN A 1 22 ? 12.734  0.071   0.924   1.00   28.61 ? 19   GLN A CD  1 
ATOM   186  O  OE1 . GLN A 1 22 ? 12.920  -0.796  1.780   1.00   32.31 ? 19   GLN A OE1 1 
ATOM   187  N  NE2 . GLN A 1 22 ? 12.366  1.320   1.232   1.00   28.66 ? 19   GLN A NE2 1 
ATOM   188  N  N   . ASP A 1 23 ? 9.714   -0.382  -2.731  1.00   18.11 ? 20   ASP A N   1 
ATOM   189  C  CA  . ASP A 1 23 ? 9.097   0.627   -3.589  1.00   17.78 ? 20   ASP A CA  1 
ATOM   190  C  C   . ASP A 1 23 ? 7.731   1.077   -3.070  1.00   16.72 ? 20   ASP A C   1 
ATOM   191  O  O   . ASP A 1 23 ? 7.406   2.258   -3.137  1.00   15.60 ? 20   ASP A O   1 
ATOM   192  C  CB  . ASP A 1 23 ? 8.959   0.112   -5.027  1.00   20.24 ? 20   ASP A CB  1 
ATOM   193  C  CG  . ASP A 1 23 ? 10.226  0.303   -5.838  1.00   23.01 ? 20   ASP A CG  1 
ATOM   194  O  OD1 . ASP A 1 23 ? 11.114  1.066   -5.406  1.00   25.99 ? 20   ASP A OD1 1 
ATOM   195  O  OD2 . ASP A 1 23 ? 10.345  -0.315  -6.913  1.00   24.70 ? 20   ASP A OD2 1 
ATOM   196  N  N   . ALA A 1 24 ? 6.938   0.142   -2.554  1.00   15.42 ? 21   ALA A N   1 
ATOM   197  C  CA  . ALA A 1 24 ? 5.625   0.492   -1.973  1.00   15.21 ? 21   ALA A CA  1 
ATOM   198  C  C   . ALA A 1 24 ? 5.792   1.426   -0.778  1.00   15.02 ? 21   ALA A C   1 
ATOM   199  O  O   . ALA A 1 24 ? 5.093   2.433   -0.659  1.00   14.44 ? 21   ALA A O   1 
ATOM   200  C  CB  . ALA A 1 24 ? 4.861   -0.768  -1.568  1.00   14.42 ? 21   ALA A CB  1 
ATOM   201  N  N   . VAL A 1 25 ? 6.731   1.101   0.104   1.00   15.40 ? 22   VAL A N   1 
ATOM   202  C  CA  . VAL A 1 25 ? 6.996   1.952   1.261   1.00   16.05 ? 22   VAL A CA  1 
ATOM   203  C  C   . VAL A 1 25 ? 7.480   3.333   0.807   1.00   16.31 ? 22   VAL A C   1 
ATOM   204  O  O   . VAL A 1 25 ? 6.990   4.365   1.294   1.00   15.88 ? 22   VAL A O   1 
ATOM   205  C  CB  . VAL A 1 25 ? 8.006   1.288   2.226   1.00   16.32 ? 22   VAL A CB  1 
ATOM   206  C  CG1 . VAL A 1 25 ? 8.478   2.264   3.293   1.00   16.34 ? 22   VAL A CG1 1 
ATOM   207  C  CG2 . VAL A 1 25 ? 7.368   0.072   2.866   1.00   16.53 ? 22   VAL A CG2 1 
ATOM   208  N  N   . ASP A 1 26 ? 8.424   3.347   -0.131  1.00   16.88 ? 23   ASP A N   1 
ATOM   209  C  CA  . ASP A 1 26 ? 8.954   4.597   -0.692  1.00   18.24 ? 23   ASP A CA  1 
ATOM   210  C  C   . ASP A 1 26 ? 7.860   5.450   -1.339  1.00   17.42 ? 23   ASP A C   1 
ATOM   211  O  O   . ASP A 1 26 ? 7.809   6.665   -1.136  1.00   17.43 ? 23   ASP A O   1 
ATOM   212  C  CB  . ASP A 1 26 ? 10.047  4.308   -1.730  1.00   19.77 ? 23   ASP A CB  1 
ATOM   213  C  CG  . ASP A 1 26 ? 11.329  3.779   -1.111  1.00   21.64 ? 23   ASP A CG  1 
ATOM   214  O  OD1 . ASP A 1 26 ? 11.481  3.842   0.120   1.00   22.76 ? 23   ASP A OD1 1 
ATOM   215  O  OD2 . ASP A 1 26 ? 12.192  3.291   -1.871  1.00   23.62 ? 23   ASP A OD2 1 
ATOM   216  N  N   . CYS A 1 27 ? 6.996   4.806   -2.118  1.00   17.38 ? 24   CYS A N   1 
ATOM   217  C  CA  A CYS A 1 27 ? 5.891   5.484   -2.779  0.50   16.66 ? 24   CYS A CA  1 
ATOM   218  C  CA  B CYS A 1 27 ? 5.884   5.498   -2.780  0.50   17.56 ? 24   CYS A CA  1 
ATOM   219  C  C   . CYS A 1 27 ? 4.917   6.103   -1.764  1.00   16.78 ? 24   CYS A C   1 
ATOM   220  O  O   . CYS A 1 27 ? 4.522   7.272   -1.888  1.00   16.33 ? 24   CYS A O   1 
ATOM   221  C  CB  A CYS A 1 27 ? 5.171   4.495   -3.688  0.50   16.77 ? 24   CYS A CB  1 
ATOM   222  C  CB  B CYS A 1 27 ? 5.126   4.563   -3.724  0.50   18.88 ? 24   CYS A CB  1 
ATOM   223  S  SG  A CYS A 1 27 ? 4.025   5.243   -4.850  0.50   16.11 ? 24   CYS A SG  1 
ATOM   224  S  SG  B CYS A 1 27 ? 5.938   4.232   -5.302  0.50   21.62 ? 24   CYS A SG  1 
ATOM   225  N  N   . ALA A 1 28 ? 4.537   5.313   -0.759  1.00   15.69 ? 25   ALA A N   1 
ATOM   226  C  CA  . ALA A 1 28 ? 3.650   5.782   0.313   1.00   15.42 ? 25   ALA A CA  1 
ATOM   227  C  C   . ALA A 1 28 ? 4.277   6.938   1.094   1.00   15.64 ? 25   ALA A C   1 
ATOM   228  O  O   . ALA A 1 28 ? 3.589   7.881   1.508   1.00   14.72 ? 25   ALA A O   1 
ATOM   229  C  CB  . ALA A 1 28 ? 3.334   4.634   1.257   1.00   15.79 ? 25   ALA A CB  1 
ATOM   230  N  N   . THR A 1 29 ? 5.586   6.856   1.303   1.00   15.50 ? 26   THR A N   1 
ATOM   231  C  CA  . THR A 1 29 ? 6.314   7.936   1.967   1.00   15.72 ? 26   THR A CA  1 
ATOM   232  C  C   . THR A 1 29 ? 6.201   9.246   1.169   1.00   16.11 ? 26   THR A C   1 
ATOM   233  O  O   . THR A 1 29 ? 5.853   10.292  1.740   1.00   16.23 ? 26   THR A O   1 
ATOM   234  C  CB  . THR A 1 29 ? 7.774   7.528   2.244   1.00   15.82 ? 26   THR A CB  1 
ATOM   235  O  OG1 . THR A 1 29 ? 7.766   6.377   3.093   1.00   16.18 ? 26   THR A OG1 1 
ATOM   236  C  CG2 . THR A 1 29 ? 8.543   8.642   2.948   1.00   16.61 ? 26   THR A CG2 1 
ATOM   237  N  N   . GLN A 1 30 ? 6.458   9.166   -0.136  1.00   16.47 ? 27   GLN A N   1 
ATOM   238  C  CA  A GLN A 1 30 ? 6.363   10.303  -1.060  0.50   16.88 ? 27   GLN A CA  1 
ATOM   239  C  CA  B GLN A 1 30 ? 6.381   10.345  -0.981  0.50   17.28 ? 27   GLN A CA  1 
ATOM   240  C  C   . GLN A 1 30 ? 4.957   10.886  -1.057  1.00   16.96 ? 27   GLN A C   1 
ATOM   241  O  O   . GLN A 1 30 ? 4.771   12.101  -1.019  1.00   16.51 ? 27   GLN A O   1 
ATOM   242  C  CB  A GLN A 1 30 ? 6.709   9.871   -2.490  0.50   17.03 ? 27   GLN A CB  1 
ATOM   243  C  CB  B GLN A 1 30 ? 6.984   10.079  -2.363  0.50   18.02 ? 27   GLN A CB  1 
ATOM   244  C  CG  A GLN A 1 30 ? 8.158   9.479   -2.726  0.50   17.88 ? 27   GLN A CG  1 
ATOM   245  C  CG  B GLN A 1 30 ? 8.507   10.018  -2.326  0.50   19.44 ? 27   GLN A CG  1 
ATOM   246  C  CD  A GLN A 1 30 ? 8.376   8.867   -4.097  0.50   18.37 ? 27   GLN A CD  1 
ATOM   247  C  CD  B GLN A 1 30 ? 9.113   11.174  -1.545  0.50   20.30 ? 27   GLN A CD  1 
ATOM   248  O  OE1 A GLN A 1 30 ? 7.425   8.646   -4.858  0.50   18.85 ? 27   GLN A OE1 1 
ATOM   249  O  OE1 B GLN A 1 30 ? 9.033   12.334  -1.965  0.50   22.07 ? 27   GLN A OE1 1 
ATOM   250  N  NE2 A GLN A 1 30 ? 9.630   8.581   -4.420  0.50   19.38 ? 27   GLN A NE2 1 
ATOM   251  N  NE2 B GLN A 1 30 ? 9.714   10.867  -0.391  0.50   20.99 ? 27   GLN A NE2 1 
ATOM   252  N  N   . ALA A 1 31 ? 3.963   9.993   -1.123  1.00   16.43 ? 28   ALA A N   1 
ATOM   253  C  CA  . ALA A 1 31 ? 2.557   10.398  -1.127  1.00   15.91 ? 28   ALA A CA  1 
ATOM   254  C  C   . ALA A 1 31 ? 2.188   11.195  0.124   1.00   16.62 ? 28   ALA A C   1 
ATOM   255  O  O   . ALA A 1 31 ? 1.530   12.249  0.040   1.00   16.05 ? 28   ALA A O   1 
ATOM   256  C  CB  . ALA A 1 31 ? 1.650   9.176   -1.268  1.00   15.91 ? 28   ALA A CB  1 
ATOM   257  N  N   . MET A 1 32 ? 2.615   10.683  1.276   1.00   16.32 ? 29   MET A N   1 
ATOM   258  C  CA  . MET A 1 32 ? 2.307   11.286  2.554   1.00   17.78 ? 29   MET A CA  1 
ATOM   259  C  C   . MET A 1 32 ? 3.101   12.571  2.787   1.00   17.58 ? 29   MET A C   1 
ATOM   260  O  O   . MET A 1 32 ? 2.630   13.458  3.486   1.00   17.39 ? 29   MET A O   1 
ATOM   261  C  CB  . MET A 1 32 ? 2.531   10.281  3.687   1.00   19.27 ? 29   MET A CB  1 
ATOM   262  C  CG  . MET A 1 32 ? 1.523   9.141   3.671   1.00   22.32 ? 29   MET A CG  1 
ATOM   263  S  SD  . MET A 1 32 ? 1.627   8.112   5.147   1.00   26.75 ? 29   MET A SD  1 
ATOM   264  C  CE  . MET A 1 32 ? 0.420   6.857   4.755   1.00   28.03 ? 29   MET A CE  1 
ATOM   265  N  N   . GLU A 1 33 ? 4.285   12.680  2.181   1.00   17.67 ? 30   GLU A N   1 
ATOM   266  C  CA  . GLU A 1 33 ? 5.017   13.950  2.188   1.00   18.64 ? 30   GLU A CA  1 
ATOM   267  C  C   . GLU A 1 33 ? 4.237   15.060  1.490   1.00   17.92 ? 30   GLU A C   1 
ATOM   268  O  O   . GLU A 1 33 ? 4.245   16.208  1.949   1.00   17.67 ? 30   GLU A O   1 
ATOM   269  C  CB  . GLU A 1 33 ? 6.410   13.808  1.549   1.00   20.30 ? 30   GLU A CB  1 
ATOM   270  C  CG  . GLU A 1 33 ? 7.424   13.076  2.419   1.00   22.14 ? 30   GLU A CG  1 
ATOM   271  C  CD  . GLU A 1 33 ? 7.765   13.799  3.716   1.00   23.99 ? 30   GLU A CD  1 
ATOM   272  O  OE1 . GLU A 1 33 ? 7.022   14.720  4.121   1.00   25.13 ? 30   GLU A OE1 1 
ATOM   273  O  OE2 . GLU A 1 33 ? 8.771   13.425  4.358   1.00   24.43 ? 30   GLU A OE2 1 
ATOM   274  N  N   . LYS A 1 34 ? 3.556   14.706  0.401   1.00   16.93 ? 31   LYS A N   1 
ATOM   275  C  CA  . LYS A 1 34 ? 2.851   15.685  -0.431  1.00   16.60 ? 31   LYS A CA  1 
ATOM   276  C  C   . LYS A 1 34 ? 1.422   15.954  0.044   1.00   16.37 ? 31   LYS A C   1 
ATOM   277  O  O   . LYS A 1 34 ? 0.970   17.111  0.051   1.00   15.75 ? 31   LYS A O   1 
ATOM   278  C  CB  . LYS A 1 34 ? 2.831   15.231  -1.901  1.00   17.00 ? 31   LYS A CB  1 
ATOM   279  C  CG  . LYS A 1 34 ? 2.139   16.212  -2.852  1.00   17.52 ? 31   LYS A CG  1 
ATOM   280  C  CD  . LYS A 1 34 ? 2.333   15.820  -4.308  1.00   18.81 ? 31   LYS A CD  1 
ATOM   281  C  CE  . LYS A 1 34 ? 1.683   16.848  -5.229  1.00   19.66 ? 31   LYS A CE  1 
ATOM   282  N  NZ  . LYS A 1 34 ? 1.938   16.531  -6.656  1.00   20.00 ? 31   LYS A NZ  1 
ATOM   283  N  N   . TYR A 1 35 ? 0.705   14.887  0.404   1.00   15.81 ? 32   TYR A N   1 
ATOM   284  C  CA  . TYR A 1 35 ? -0.741  14.962  0.655   1.00   16.74 ? 32   TYR A CA  1 
ATOM   285  C  C   . TYR A 1 35 ? -1.117  14.652  2.089   1.00   17.02 ? 32   TYR A C   1 
ATOM   286  O  O   . TYR A 1 35 ? -0.554  13.732  2.697   1.00   17.63 ? 32   TYR A O   1 
ATOM   287  C  CB  . TYR A 1 35 ? -1.480  13.969  -0.248  1.00   17.36 ? 32   TYR A CB  1 
ATOM   288  C  CG  . TYR A 1 35 ? -1.389  14.249  -1.722  1.00   18.00 ? 32   TYR A CG  1 
ATOM   289  C  CD1 . TYR A 1 35 ? -2.088  15.315  -2.284  1.00   18.47 ? 32   TYR A CD1 1 
ATOM   290  C  CD2 . TYR A 1 35 ? -0.631  13.432  -2.566  1.00   19.21 ? 32   TYR A CD2 1 
ATOM   291  C  CE1 . TYR A 1 35 ? -2.028  15.570  -3.640  1.00   19.58 ? 32   TYR A CE1 1 
ATOM   292  C  CE2 . TYR A 1 35 ? -0.564  13.677  -3.934  1.00   19.71 ? 32   TYR A CE2 1 
ATOM   293  C  CZ  . TYR A 1 35 ? -1.265  14.753  -4.459  1.00   20.11 ? 32   TYR A CZ  1 
ATOM   294  O  OH  . TYR A 1 35 ? -1.225  15.025  -5.802  1.00   21.23 ? 32   TYR A OH  1 
ATOM   295  N  N   . ASN A 1 36 ? -2.089  15.397  2.620   1.00   17.03 ? 33   ASN A N   1 
ATOM   296  C  CA  A ASN A 1 36 ? -2.576  15.183  3.971   0.50   17.33 ? 33   ASN A CA  1 
ATOM   297  C  CA  B ASN A 1 36 ? -2.575  15.160  3.986   0.50   17.91 ? 33   ASN A CA  1 
ATOM   298  C  C   . ASN A 1 36 ? -3.740  14.192  4.051   1.00   17.65 ? 33   ASN A C   1 
ATOM   299  O  O   . ASN A 1 36 ? -3.888  13.494  5.045   1.00   17.80 ? 33   ASN A O   1 
ATOM   300  C  CB  A ASN A 1 36 ? -2.960  16.530  4.599   0.50   17.10 ? 33   ASN A CB  1 
ATOM   301  C  CB  B ASN A 1 36 ? -2.962  16.457  4.723   0.50   18.63 ? 33   ASN A CB  1 
ATOM   302  C  CG  A ASN A 1 36 ? -1.785  17.492  4.660   0.50   16.99 ? 33   ASN A CG  1 
ATOM   303  C  CG  B ASN A 1 36 ? -3.466  16.196  6.148   0.50   19.34 ? 33   ASN A CG  1 
ATOM   304  O  OD1 A ASN A 1 36 ? -0.640  17.070  4.828   0.50   17.07 ? 33   ASN A OD1 1 
ATOM   305  O  OD1 B ASN A 1 36 ? -2.755  16.428  7.127   0.50   20.49 ? 33   ASN A OD1 1 
ATOM   306  N  ND2 A ASN A 1 36 ? -2.059  18.788  4.511   0.50   16.63 ? 33   ASN A ND2 1 
ATOM   307  N  ND2 B ASN A 1 36 ? -4.691  15.696  6.266   0.50   20.03 ? 33   ASN A ND2 1 
ATOM   308  N  N   . ILE A 1 37 ? -4.560  14.159  3.000   1.00   17.73 ? 34   ILE A N   1 
ATOM   309  C  CA  . ILE A 1 37 ? -5.832  13.408  3.010   1.00   17.96 ? 34   ILE A CA  1 
ATOM   310  C  C   . ILE A 1 37 ? -5.640  11.999  2.472   1.00   17.37 ? 34   ILE A C   1 
ATOM   311  O  O   . ILE A 1 37 ? -5.020  11.809  1.433   1.00   16.02 ? 34   ILE A O   1 
ATOM   312  C  CB  . ILE A 1 37 ? -6.927  14.073  2.134   1.00   18.08 ? 34   ILE A CB  1 
ATOM   313  C  CG1 . ILE A 1 37 ? -6.908  15.602  2.229   1.00   19.03 ? 34   ILE A CG1 1 
ATOM   314  C  CG2 . ILE A 1 37 ? -8.318  13.501  2.445   1.00   18.70 ? 34   ILE A CG2 1 
ATOM   315  C  CD1 . ILE A 1 37 ? -7.180  16.137  3.602   1.00   20.69 ? 34   ILE A CD1 1 
ATOM   316  N  N   . GLU A 1 38 ? -6.219  11.029  3.164   1.00   17.28 ? 35   GLU A N   1 
ATOM   317  C  CA  . GLU A 1 38 ? -6.092  9.615   2.803   1.00   17.52 ? 35   GLU A CA  1 
ATOM   318  C  C   . GLU A 1 38 ? -6.432  9.288   1.349   1.00   16.29 ? 35   GLU A C   1 
ATOM   319  O  O   . GLU A 1 38 ? -5.726  8.491   0.736   1.00   15.79 ? 35   GLU A O   1 
ATOM   320  C  CB  . GLU A 1 38 ? -6.925  8.740   3.748   1.00   18.68 ? 35   GLU A CB  1 
ATOM   321  C  CG  . GLU A 1 38 ? -6.384  8.665   5.165   1.00   21.10 ? 35   GLU A CG  1 
ATOM   322  C  CD  . GLU A 1 38 ? -6.765  9.864   6.021   1.00   23.94 ? 35   GLU A CD  1 
ATOM   323  O  OE1 . GLU A 1 38 ? -7.170  10.923  5.475   1.00   23.77 ? 35   GLU A OE1 1 
ATOM   324  O  OE2 . GLU A 1 38 ? -6.663  9.737   7.257   1.00   26.57 ? 35   GLU A OE2 1 
ATOM   325  N  N   . LYS A 1 39 ? -7.495  9.883   0.797   1.00   15.85 ? 36   LYS A N   1 
ATOM   326  C  CA  A LYS A 1 39 ? -7.886  9.588   -0.583  0.50   15.74 ? 36   LYS A CA  1 
ATOM   327  C  CA  B LYS A 1 39 ? -7.891  9.592   -0.588  0.50   15.59 ? 36   LYS A CA  1 
ATOM   328  C  C   . LYS A 1 39 ? -6.848  10.057  -1.605  1.00   15.25 ? 36   LYS A C   1 
ATOM   329  O  O   . LYS A 1 39 ? -6.671  9.432   -2.640  1.00   14.20 ? 36   LYS A O   1 
ATOM   330  C  CB  A LYS A 1 39 ? -9.281  10.139  -0.918  0.50   16.63 ? 36   LYS A CB  1 
ATOM   331  C  CB  B LYS A 1 39 ? -9.271  10.177  -0.938  0.50   16.19 ? 36   LYS A CB  1 
ATOM   332  C  CG  A LYS A 1 39 ? -9.460  11.643  -0.748  0.50   17.31 ? 36   LYS A CG  1 
ATOM   333  C  CG  B LYS A 1 39 ? -9.251  11.622  -1.424  0.50   16.50 ? 36   LYS A CG  1 
ATOM   334  C  CD  A LYS A 1 39 ? -10.737 12.104  -1.430  0.50   18.16 ? 36   LYS A CD  1 
ATOM   335  C  CD  B LYS A 1 39 ? -10.501 11.983  -2.207  0.50   16.88 ? 36   LYS A CD  1 
ATOM   336  C  CE  A LYS A 1 39 ? -10.826 13.618  -1.502  0.50   18.90 ? 36   LYS A CE  1 
ATOM   337  C  CE  B LYS A 1 39 ? -10.463 13.434  -2.658  0.50   17.04 ? 36   LYS A CE  1 
ATOM   338  N  NZ  A LYS A 1 39 ? -11.914 14.030  -2.442  0.50   19.61 ? 36   LYS A NZ  1 
ATOM   339  N  NZ  B LYS A 1 39 ? -9.388  13.722  -3.641  0.50   17.20 ? 36   LYS A NZ  1 
ATOM   340  N  N   . ASP A 1 40 ? -6.165  11.156  -1.303  1.00   14.82 ? 37   ASP A N   1 
ATOM   341  C  CA  . ASP A 1 40 ? -5.163  11.704  -2.215  1.00   14.54 ? 37   ASP A CA  1 
ATOM   342  C  C   . ASP A 1 40 ? -3.865  10.899  -2.117  1.00   13.70 ? 37   ASP A C   1 
ATOM   343  O  O   . ASP A 1 40 ? -3.167  10.692  -3.114  1.00   13.33 ? 37   ASP A O   1 
ATOM   344  C  CB  . ASP A 1 40 ? -4.914  13.188  -1.903  1.00   15.32 ? 37   ASP A CB  1 
ATOM   345  C  CG  . ASP A 1 40 ? -6.129  14.059  -2.222  1.00   16.41 ? 37   ASP A CG  1 
ATOM   346  O  OD1 . ASP A 1 40 ? -6.806  13.783  -3.233  1.00   16.84 ? 37   ASP A OD1 1 
ATOM   347  O  OD2 . ASP A 1 40 ? -6.400  15.018  -1.474  1.00   16.59 ? 37   ASP A OD2 1 
ATOM   348  N  N   . ILE A 1 41 ? -3.559  10.448  -0.903  1.00   13.05 ? 38   ILE A N   1 
ATOM   349  C  CA  . ILE A 1 41 ? -2.404  9.571   -0.651  1.00   12.80 ? 38   ILE A CA  1 
ATOM   350  C  C   . ILE A 1 41 ? -2.608  8.264   -1.433  1.00   12.57 ? 38   ILE A C   1 
ATOM   351  O  O   . ILE A 1 41 ? -1.694  7.796   -2.123  1.00   12.11 ? 38   ILE A O   1 
ATOM   352  C  CB  . ILE A 1 41 ? -2.227  9.303   0.869   1.00   12.90 ? 38   ILE A CB  1 
ATOM   353  C  CG1 . ILE A 1 41 ? -1.866  10.611  1.614   1.00   12.96 ? 38   ILE A CG1 1 
ATOM   354  C  CG2 . ILE A 1 41 ? -1.187  8.206   1.139   1.00   13.40 ? 38   ILE A CG2 1 
ATOM   355  C  CD1 . ILE A 1 41 ? -2.132  10.557  3.115   1.00   12.42 ? 38   ILE A CD1 1 
ATOM   356  N  N   . ALA A 1 42 ? -3.815  7.702   -1.344  1.00   12.23 ? 39   ALA A N   1 
ATOM   357  C  CA  . ALA A 1 42 ? -4.134  6.449   -2.037  1.00   12.33 ? 39   ALA A CA  1 
ATOM   358  C  C   . ALA A 1 42 ? -4.031  6.624   -3.545  1.00   12.38 ? 39   ALA A C   1 
ATOM   359  O  O   . ALA A 1 42 ? -3.536  5.737   -4.245  1.00   12.55 ? 39   ALA A O   1 
ATOM   360  C  CB  . ALA A 1 42 ? -5.520  5.957   -1.644  1.00   11.87 ? 39   ALA A CB  1 
ATOM   361  N  N   . ALA A 1 43 ? -4.481  7.778   -4.039  1.00   12.77 ? 40   ALA A N   1 
ATOM   362  C  CA  . ALA A 1 43 ? -4.466  8.042   -5.473  1.00   13.43 ? 40   ALA A CA  1 
ATOM   363  C  C   . ALA A 1 43 ? -3.031  8.117   -5.998  1.00   14.06 ? 40   ALA A C   1 
ATOM   364  O  O   . ALA A 1 43 ? -2.732  7.607   -7.084  1.00   14.12 ? 40   ALA A O   1 
ATOM   365  C  CB  . ALA A 1 43 ? -5.231  9.328   -5.787  1.00   13.90 ? 40   ALA A CB  1 
ATOM   366  N  N   . TYR A 1 44 ? -2.153  8.751   -5.229  1.00   14.56 ? 41   TYR A N   1 
ATOM   367  C  CA  . TYR A 1 44 ? -0.756  8.936   -5.639  1.00   15.43 ? 41   TYR A CA  1 
ATOM   368  C  C   . TYR A 1 44 ? -0.091  7.563   -5.785  1.00   15.06 ? 41   TYR A C   1 
ATOM   369  O  O   . TYR A 1 44 ? 0.572   7.279   -6.794  1.00   14.28 ? 41   TYR A O   1 
ATOM   370  C  CB  . TYR A 1 44 ? -0.008  9.785   -4.612  1.00   17.12 ? 41   TYR A CB  1 
ATOM   371  C  CG  . TYR A 1 44 ? 1.465   10.012  -4.923  1.00   19.41 ? 41   TYR A CG  1 
ATOM   372  C  CD1 . TYR A 1 44 ? 2.431   9.089   -4.523  1.00   20.18 ? 41   TYR A CD1 1 
ATOM   373  C  CD2 . TYR A 1 44 ? 1.888   11.154  -5.614  1.00   21.10 ? 41   TYR A CD2 1 
ATOM   374  C  CE1 . TYR A 1 44 ? 3.775   9.297   -4.789  1.00   21.47 ? 41   TYR A CE1 1 
ATOM   375  C  CE2 . TYR A 1 44 ? 3.237   11.367  -5.890  1.00   21.91 ? 41   TYR A CE2 1 
ATOM   376  C  CZ  . TYR A 1 44 ? 4.169   10.433  -5.474  1.00   22.94 ? 41   TYR A CZ  1 
ATOM   377  O  OH  . TYR A 1 44 ? 5.505   10.623  -5.732  1.00   25.06 ? 41   TYR A OH  1 
ATOM   378  N  N   . ILE A 1 45 ? -0.301  6.717   -4.780  1.00   13.94 ? 42   ILE A N   1 
ATOM   379  C  CA  . ILE A 1 45 ? 0.302   5.380   -4.740  1.00   13.92 ? 42   ILE A CA  1 
ATOM   380  C  C   . ILE A 1 45 ? -0.208  4.509   -5.886  1.00   13.85 ? 42   ILE A C   1 
ATOM   381  O  O   . ILE A 1 45 ? 0.587   3.883   -6.605  1.00   13.79 ? 42   ILE A O   1 
ATOM   382  C  CB  . ILE A 1 45 ? 0.068   4.691   -3.375  1.00   13.58 ? 42   ILE A CB  1 
ATOM   383  C  CG1 . ILE A 1 45 ? 0.666   5.529   -2.241  1.00   13.63 ? 42   ILE A CG1 1 
ATOM   384  C  CG2 . ILE A 1 45 ? 0.665   3.283   -3.371  1.00   13.73 ? 42   ILE A CG2 1 
ATOM   385  C  CD1 . ILE A 1 45 ? 0.164   5.148   -0.859  1.00   13.65 ? 42   ILE A CD1 1 
ATOM   386  N  N   . LYS A 1 46 ? -1.529  4.479   -6.062  1.00   14.01 ? 43   LYS A N   1 
ATOM   387  C  CA  . LYS A 1 46 ? -2.145  3.675   -7.125  1.00   14.41 ? 43   LYS A CA  1 
ATOM   388  C  C   . LYS A 1 46 ? -1.595  4.072   -8.499  1.00   15.23 ? 43   LYS A C   1 
ATOM   389  O  O   . LYS A 1 46 ? -1.210  3.217   -9.303  1.00   14.70 ? 43   LYS A O   1 
ATOM   390  C  CB  . LYS A 1 46 ? -3.678  3.813   -7.087  1.00   14.34 ? 43   LYS A CB  1 
ATOM   391  C  CG  . LYS A 1 46 ? -4.455  2.990   -8.118  1.00   14.19 ? 43   LYS A CG  1 
ATOM   392  C  CD  . LYS A 1 46 ? -4.539  3.686   -9.481  1.00   14.49 ? 43   LYS A CD  1 
ATOM   393  C  CE  . LYS A 1 46 ? -5.697  3.159   -10.313 1.00   14.45 ? 43   LYS A CE  1 
ATOM   394  N  NZ  . LYS A 1 46 ? -5.480  1.776   -10.816 1.00   14.78 ? 43   LYS A NZ  1 
ATOM   395  N  N   . LYS A 1 47 ? -1.579  5.373   -8.772  1.00   15.69 ? 44   LYS A N   1 
ATOM   396  C  CA  . LYS A 1 47 ? -1.125  5.858   -10.078 1.00   16.42 ? 44   LYS A CA  1 
ATOM   397  C  C   . LYS A 1 47 ? 0.347   5.535   -10.325 1.00   16.77 ? 44   LYS A C   1 
ATOM   398  O  O   . LYS A 1 47 ? 0.703   5.142   -11.435 1.00   16.15 ? 44   LYS A O   1 
ATOM   399  C  CB  . LYS A 1 47 ? -1.382  7.362   -10.222 1.00   16.83 ? 44   LYS A CB  1 
ATOM   400  C  CG  . LYS A 1 47 ? -2.856  7.703   -10.367 1.00   16.71 ? 44   LYS A CG  1 
ATOM   401  C  CD  . LYS A 1 47 ? -3.057  9.203   -10.217 1.00   18.24 ? 44   LYS A CD  1 
ATOM   402  C  CE  . LYS A 1 47 ? -4.534  9.540   -10.139 1.00   19.45 ? 44   LYS A CE  1 
ATOM   403  N  NZ  . LYS A 1 47 ? -4.724  11.015  -10.027 1.00   22.00 ? 44   LYS A NZ  1 
ATOM   404  N  N   . GLU A 1 48 ? 1.188   5.678   -9.300  1.00   17.37 ? 45   GLU A N   1 
ATOM   405  C  CA  . GLU A 1 48 ? 2.619   5.350   -9.444  1.00   18.96 ? 45   GLU A CA  1 
ATOM   406  C  C   . GLU A 1 48 ? 2.822   3.862   -9.695  1.00   17.81 ? 45   GLU A C   1 
ATOM   407  O  O   . GLU A 1 48 ? 3.645   3.475   -10.534 1.00   18.01 ? 45   GLU A O   1 
ATOM   408  C  CB  . GLU A 1 48 ? 3.432   5.753   -8.210  1.00   21.30 ? 45   GLU A CB  1 
ATOM   409  C  CG  . GLU A 1 48 ? 3.677   7.242   -8.033  1.00   24.97 ? 45   GLU A CG  1 
ATOM   410  C  CD  . GLU A 1 48 ? 4.450   7.893   -9.172  1.00   27.97 ? 45   GLU A CD  1 
ATOM   411  O  OE1 . GLU A 1 48 ? 5.300   7.228   -9.811  1.00   30.19 ? 45   GLU A OE1 1 
ATOM   412  O  OE2 . GLU A 1 48 ? 4.200   9.087   -9.425  1.00   30.29 ? 45   GLU A OE2 1 
ATOM   413  N  N   . PHE A 1 49 ? 2.083   3.024   -8.966  1.00   16.07 ? 46   PHE A N   1 
ATOM   414  C  CA  . PHE A 1 49 ? 2.211   1.587   -9.160  1.00   15.70 ? 46   PHE A CA  1 
ATOM   415  C  C   . PHE A 1 49 ? 1.711   1.123   -10.527 1.00   15.73 ? 46   PHE A C   1 
ATOM   416  O  O   . PHE A 1 49 ? 2.328   0.239   -11.126 1.00   16.97 ? 46   PHE A O   1 
ATOM   417  C  CB  . PHE A 1 49 ? 1.637   0.782   -7.976  1.00   15.38 ? 46   PHE A CB  1 
ATOM   418  C  CG  . PHE A 1 49 ? 2.697   0.292   -7.026  1.00   15.44 ? 46   PHE A CG  1 
ATOM   419  C  CD1 . PHE A 1 49 ? 3.505   1.201   -6.338  1.00   15.68 ? 46   PHE A CD1 1 
ATOM   420  C  CD2 . PHE A 1 49 ? 2.929   -1.068  -6.865  1.00   15.50 ? 46   PHE A CD2 1 
ATOM   421  C  CE1 . PHE A 1 49 ? 4.509   0.753   -5.488  1.00   15.69 ? 46   PHE A CE1 1 
ATOM   422  C  CE2 . PHE A 1 49 ? 3.928   -1.524  -6.014  1.00   15.72 ? 46   PHE A CE2 1 
ATOM   423  C  CZ  . PHE A 1 49 ? 4.716   -0.611  -5.322  1.00   16.03 ? 46   PHE A CZ  1 
ATOM   424  N  N   . ASP A 1 50 ? 0.643   1.738   -11.041 1.00   16.14 ? 47   ASP A N   1 
ATOM   425  C  CA  . ASP A 1 50 ? 0.175   1.451   -12.409 1.00   16.70 ? 47   ASP A CA  1 
ATOM   426  C  C   . ASP A 1 50 ? 1.273   1.753   -13.438 1.00   17.90 ? 47   ASP A C   1 
ATOM   427  O  O   . ASP A 1 50 ? 1.437   1.004   -14.402 1.00   17.27 ? 47   ASP A O   1 
ATOM   428  C  CB  . ASP A 1 50 ? -1.075  2.262   -12.779 1.00   16.55 ? 47   ASP A CB  1 
ATOM   429  C  CG  . ASP A 1 50 ? -2.377  1.612   -12.312 1.00   16.49 ? 47   ASP A CG  1 
ATOM   430  O  OD1 . ASP A 1 50 ? -2.367  0.487   -11.781 1.00   15.80 ? 47   ASP A OD1 1 
ATOM   431  O  OD2 . ASP A 1 50 ? -3.434  2.250   -12.466 1.00   17.05 ? 47   ASP A OD2 1 
ATOM   432  N  N   . LYS A 1 51 ? 1.999   2.850   -13.231 1.00   18.85 ? 48   LYS A N   1 
ATOM   433  C  CA  . LYS A 1 51 ? 3.109   3.239   -14.119 1.00   20.38 ? 48   LYS A CA  1 
ATOM   434  C  C   . LYS A 1 51 ? 4.338   2.325   -14.011 1.00   21.24 ? 48   LYS A C   1 
ATOM   435  O  O   . LYS A 1 51 ? 4.848   1.862   -15.029 1.00   21.83 ? 48   LYS A O   1 
ATOM   436  C  CB  . LYS A 1 51 ? 3.513   4.700   -13.879 1.00   21.74 ? 48   LYS A CB  1 
ATOM   437  C  CG  . LYS A 1 51 ? 2.499   5.716   -14.393 1.00   23.08 ? 48   LYS A CG  1 
ATOM   438  C  CD  . LYS A 1 51 ? 2.966   7.150   -14.170 1.00   25.15 ? 48   LYS A CD  1 
ATOM   439  C  CE  . LYS A 1 51 ? 2.044   8.165   -14.527 0.0000 21.36 ? 48   LYS A CE  1 
ATOM   440  N  NZ  . LYS A 1 51 ? 2.563   9.533   -14.214 0.0000 21.86 ? 48   LYS A NZ  1 
ATOM   441  N  N   . LYS A 1 52 ? 4.802   2.065   -12.789 1.00   20.84 ? 49   LYS A N   1 
ATOM   442  C  CA  . LYS A 1 52 ? 6.033   1.288   -12.548 1.00   21.36 ? 49   LYS A CA  1 
ATOM   443  C  C   . LYS A 1 52 ? 5.851   -0.231  -12.698 1.00   20.75 ? 49   LYS A C   1 
ATOM   444  O  O   . LYS A 1 52 ? 6.761   -0.950  -13.151 1.00   19.40 ? 49   LYS A O   1 
ATOM   445  C  CB  . LYS A 1 52 ? 6.567   1.567   -11.141 1.00   23.41 ? 49   LYS A CB  1 
ATOM   446  C  CG  . LYS A 1 52 ? 7.239   2.919   -10.942 1.00   25.41 ? 49   LYS A CG  1 
ATOM   447  C  CD  . LYS A 1 52 ? 7.287   3.227   -9.450  1.00   28.67 ? 49   LYS A CD  1 
ATOM   448  C  CE  . LYS A 1 52 ? 8.261   4.345   -9.103  1.00   31.29 ? 49   LYS A CE  1 
ATOM   449  N  NZ  . LYS A 1 52 ? 8.704   4.259   -7.682  1.00   33.04 ? 49   LYS A NZ  1 
ATOM   450  N  N   . TYR A 1 53 ? 4.677   -0.716  -12.312 1.00   20.25 ? 50   TYR A N   1 
ATOM   451  C  CA  . TYR A 1 53 ? 4.438   -2.144  -12.207 1.00   20.46 ? 50   TYR A CA  1 
ATOM   452  C  C   . TYR A 1 53 ? 3.222   -2.628  -12.991 1.00   20.76 ? 50   TYR A C   1 
ATOM   453  O  O   . TYR A 1 53 ? 2.728   -3.730  -12.738 1.00   21.39 ? 50   TYR A O   1 
ATOM   454  C  CB  . TYR A 1 53 ? 4.340   -2.541  -10.729 1.00   19.94 ? 50   TYR A CB  1 
ATOM   455  C  CG  . TYR A 1 53 ? 5.657   -2.414  -9.983  1.00   20.53 ? 50   TYR A CG  1 
ATOM   456  C  CD1 . TYR A 1 53 ? 6.692   -3.320  -10.214 1.00   20.39 ? 50   TYR A CD1 1 
ATOM   457  C  CD2 . TYR A 1 53 ? 5.873   -1.391  -9.051  1.00   20.47 ? 50   TYR A CD2 1 
ATOM   458  C  CE1 . TYR A 1 53 ? 7.894   -3.224  -9.538  1.00   20.59 ? 50   TYR A CE1 1 
ATOM   459  C  CE2 . TYR A 1 53 ? 7.084   -1.283  -8.368  1.00   21.38 ? 50   TYR A CE2 1 
ATOM   460  C  CZ  . TYR A 1 53 ? 8.090   -2.208  -8.618  1.00   21.28 ? 50   TYR A CZ  1 
ATOM   461  O  OH  . TYR A 1 53 ? 9.300   -2.138  -7.968  1.00   21.15 ? 50   TYR A OH  1 
ATOM   462  N  N   . ASN A 1 54 ? 2.760   -1.814  -13.945 1.00   20.95 ? 51   ASN A N   1 
ATOM   463  C  CA  . ASN A 1 54 ? 1.599   -2.132  -14.801 1.00   21.33 ? 51   ASN A CA  1 
ATOM   464  C  C   . ASN A 1 54 ? 0.248   -2.050  -14.102 1.00   20.14 ? 51   ASN A C   1 
ATOM   465  O  O   . ASN A 1 54 ? 0.154   -2.339  -12.911 1.00   19.92 ? 51   ASN A O   1 
ATOM   466  C  CB  . ASN A 1 54 ? 1.706   -3.531  -15.426 1.00   23.97 ? 51   ASN A CB  1 
ATOM   467  C  CG  . ASN A 1 54 ? 2.950   -3.709  -16.263 1.00   26.00 ? 51   ASN A CG  1 
ATOM   468  O  OD1 . ASN A 1 54 ? 3.574   -4.773  -16.232 1.00   29.23 ? 51   ASN A OD1 1 
ATOM   469  N  ND2 . ASN A 1 54 ? 3.311   -2.683  -17.020 1.00   26.69 ? 51   ASN A ND2 1 
ATOM   470  N  N   . PRO A 1 55 ? -0.815  -1.709  -14.859 1.00   20.03 ? 52   PRO A N   1 
ATOM   471  C  CA  . PRO A 1 55 ? -2.181  -1.777  -14.314 1.00   19.01 ? 52   PRO A CA  1 
ATOM   472  C  C   . PRO A 1 55 ? -2.555  -3.239  -14.008 1.00   18.15 ? 52   PRO A C   1 
ATOM   473  O  O   . PRO A 1 55 ? -1.992  -4.150  -14.623 1.00   18.06 ? 52   PRO A O   1 
ATOM   474  C  CB  . PRO A 1 55 ? -3.051  -1.209  -15.446 1.00   19.74 ? 52   PRO A CB  1 
ATOM   475  C  CG  . PRO A 1 55 ? -2.112  -0.533  -16.388 1.00   20.73 ? 52   PRO A CG  1 
ATOM   476  C  CD  . PRO A 1 55 ? -0.797  -1.231  -16.257 1.00   20.31 ? 52   PRO A CD  1 
ATOM   477  N  N   . THR A 1 56 ? -3.493  -3.488  -13.090 1.00   16.99 ? 53   THR A N   1 
ATOM   478  C  CA  . THR A 1 56 ? -4.346  -2.473  -12.470 1.00   16.10 ? 53   THR A CA  1 
ATOM   479  C  C   . THR A 1 56 ? -4.233  -2.593  -10.957 1.00   15.08 ? 53   THR A C   1 
ATOM   480  O  O   . THR A 1 56 ? -4.617  -3.616  -10.386 1.00   14.43 ? 53   THR A O   1 
ATOM   481  C  CB  . THR A 1 56 ? -5.824  -2.722  -12.844 1.00   17.04 ? 53   THR A CB  1 
ATOM   482  O  OG1 . THR A 1 56 ? -5.969  -2.754  -14.271 1.00   17.29 ? 53   THR A OG1 1 
ATOM   483  C  CG2 . THR A 1 56 ? -6.718  -1.645  -12.268 1.00   15.86 ? 53   THR A CG2 1 
ATOM   484  N  N   . TRP A 1 57 ? -3.726  -1.542  -10.316 1.00   14.39 ? 54   TRP A N   1 
ATOM   485  C  CA  . TRP A 1 57 ? -3.585  -1.516  -8.866  1.00   13.62 ? 54   TRP A CA  1 
ATOM   486  C  C   . TRP A 1 57 ? -4.742  -0.790  -8.179  1.00   12.98 ? 54   TRP A C   1 
ATOM   487  O  O   . TRP A 1 57 ? -5.472  -0.021  -8.801  1.00   13.04 ? 54   TRP A O   1 
ATOM   488  C  CB  . TRP A 1 57 ? -2.251  -0.875  -8.456  1.00   13.62 ? 54   TRP A CB  1 
ATOM   489  C  CG  . TRP A 1 57 ? -1.067  -1.678  -8.905  1.00   14.40 ? 54   TRP A CG  1 
ATOM   490  C  CD1 . TRP A 1 57 ? -0.516  -1.685  -10.157 1.00   14.07 ? 54   TRP A CD1 1 
ATOM   491  C  CD2 . TRP A 1 57 ? -0.295  -2.599  -8.119  1.00   14.18 ? 54   TRP A CD2 1 
ATOM   492  N  NE1 . TRP A 1 57 ? 0.548   -2.558  -10.203 1.00   13.81 ? 54   TRP A NE1 1 
ATOM   493  C  CE2 . TRP A 1 57 ? 0.713   -3.122  -8.965  1.00   14.37 ? 54   TRP A CE2 1 
ATOM   494  C  CE3 . TRP A 1 57 ? -0.345  -3.023  -6.775  1.00   14.09 ? 54   TRP A CE3 1 
ATOM   495  C  CZ2 . TRP A 1 57 ? 1.661   -4.052  -8.517  1.00   14.28 ? 54   TRP A CZ2 1 
ATOM   496  C  CZ3 . TRP A 1 57 ? 0.588   -3.955  -6.334  1.00   14.10 ? 54   TRP A CZ3 1 
ATOM   497  C  CH2 . TRP A 1 57 ? 1.580   -4.461  -7.204  1.00   14.18 ? 54   TRP A CH2 1 
ATOM   498  N  N   . HIS A 1 58 ? -4.887  -1.065  -6.886  1.00   12.26 ? 55   HIS A N   1 
ATOM   499  C  CA  A HIS A 1 58 ? -5.941  -0.491  -6.061  0.50   12.01 ? 55   HIS A CA  1 
ATOM   500  C  CA  B HIS A 1 58 ? -5.942  -0.493  -6.065  0.50   11.94 ? 55   HIS A CA  1 
ATOM   501  C  C   . HIS A 1 58 ? -5.310  -0.179  -4.721  1.00   11.74 ? 55   HIS A C   1 
ATOM   502  O  O   . HIS A 1 58 ? -4.535  -0.973  -4.204  1.00   11.49 ? 55   HIS A O   1 
ATOM   503  C  CB  A HIS A 1 58 ? -7.083  -1.492  -5.873  0.50   12.12 ? 55   HIS A CB  1 
ATOM   504  C  CB  B HIS A 1 58 ? -7.085  -1.500  -5.899  0.50   11.95 ? 55   HIS A CB  1 
ATOM   505  C  CG  A HIS A 1 58 ? -7.622  -2.032  -7.159  0.50   12.31 ? 55   HIS A CG  1 
ATOM   506  C  CG  B HIS A 1 58 ? -7.478  -2.172  -7.179  0.50   12.04 ? 55   HIS A CG  1 
ATOM   507  N  ND1 A HIS A 1 58 ? -7.200  -3.230  -7.693  0.50   12.44 ? 55   HIS A ND1 1 
ATOM   508  N  ND1 B HIS A 1 58 ? -8.328  -1.592  -8.095  0.50   11.84 ? 55   HIS A ND1 1 
ATOM   509  C  CD2 A HIS A 1 58 ? -8.519  -1.522  -8.034  0.50   12.21 ? 55   HIS A CD2 1 
ATOM   510  C  CD2 B HIS A 1 58 ? -7.099  -3.358  -7.712  0.50   12.06 ? 55   HIS A CD2 1 
ATOM   511  C  CE1 A HIS A 1 58 ? -7.830  -3.444  -8.835  0.50   12.50 ? 55   HIS A CE1 1 
ATOM   512  C  CE1 B HIS A 1 58 ? -8.470  -2.400  -9.131  0.50   12.14 ? 55   HIS A CE1 1 
ATOM   513  N  NE2 A HIS A 1 58 ? -8.635  -2.422  -9.065  0.50   12.59 ? 55   HIS A NE2 1 
ATOM   514  N  NE2 B HIS A 1 58 ? -7.737  -3.480  -8.924  0.50   12.06 ? 55   HIS A NE2 1 
ATOM   515  N  N   . CYS A 1 59 ? -5.633  0.981   -4.165  1.00   11.69 ? 56   CYS A N   1 
ATOM   516  C  CA  . CYS A 1 59 ? -5.021  1.389   -2.925  1.00   12.02 ? 56   CYS A CA  1 
ATOM   517  C  C   . CYS A 1 59 ? -6.045  1.937   -1.929  1.00   12.05 ? 56   CYS A C   1 
ATOM   518  O  O   . CYS A 1 59 ? -6.875  2.784   -2.276  1.00   11.64 ? 56   CYS A O   1 
ATOM   519  C  CB  . CYS A 1 59 ? -3.914  2.423   -3.203  1.00   12.04 ? 56   CYS A CB  1 
ATOM   520  S  SG  . CYS A 1 59 ? -2.917  2.787   -1.745  1.00   13.28 ? 56   CYS A SG  1 
ATOM   521  N  N   . ILE A 1 60 ? -5.965  1.434   -0.698  1.00   12.17 ? 57   ILE A N   1 
ATOM   522  C  CA  . ILE A 1 60 ? -6.778  1.904   0.433   1.00   12.44 ? 57   ILE A CA  1 
ATOM   523  C  C   . ILE A 1 60 ? -5.813  2.414   1.485   1.00   12.23 ? 57   ILE A C   1 
ATOM   524  O  O   . ILE A 1 60 ? -4.838  1.723   1.836   1.00   11.94 ? 57   ILE A O   1 
ATOM   525  C  CB  . ILE A 1 60 ? -7.567  0.758   1.107   1.00   12.70 ? 57   ILE A CB  1 
ATOM   526  C  CG1 . ILE A 1 60 ? -8.191  -0.210  0.082   1.00   14.21 ? 57   ILE A CG1 1 
ATOM   527  C  CG2 . ILE A 1 60 ? -8.553  1.290   2.152   1.00   13.12 ? 57   ILE A CG2 1 
ATOM   528  C  CD1 . ILE A 1 60 ? -9.073  0.391   -0.979  1.00   13.95 ? 57   ILE A CD1 1 
ATOM   529  N  N   . VAL A 1 61 ? -6.093  3.600   2.004   1.00   11.93 ? 58   VAL A N   1 
ATOM   530  C  CA  . VAL A 1 61 ? -5.256  4.210   3.034   1.00   12.19 ? 58   VAL A CA  1 
ATOM   531  C  C   . VAL A 1 61 ? -6.172  4.666   4.172   1.00   12.55 ? 58   VAL A C   1 
ATOM   532  O  O   . VAL A 1 61 ? -7.119  5.424   3.950   1.00   12.43 ? 58   VAL A O   1 
ATOM   533  C  CB  . VAL A 1 61 ? -4.467  5.426   2.469   1.00   12.06 ? 58   VAL A CB  1 
ATOM   534  C  CG1 . VAL A 1 61 ? -3.759  6.201   3.580   1.00   12.06 ? 58   VAL A CG1 1 
ATOM   535  C  CG2 . VAL A 1 61 ? -3.459  4.995   1.414   1.00   11.87 ? 58   VAL A CG2 1 
ATOM   536  N  N   . GLY A 1 62 ? -5.902  4.223   5.395   1.00   13.08 ? 59   GLY A N   1 
ATOM   537  C  CA  . GLY A 1 62 ? -6.730  4.671   6.511   1.00   14.43 ? 59   GLY A CA  1 
ATOM   538  C  C   . GLY A 1 62 ? -6.370  4.105   7.859   1.00   15.11 ? 59   GLY A C   1 
ATOM   539  O  O   . GLY A 1 62 ? -5.481  3.273   7.975   1.00   14.88 ? 59   GLY A O   1 
ATOM   540  N  N   . ARG A 1 63 ? -7.072  4.566   8.891   1.00   15.95 ? 60   ARG A N   1 
ATOM   541  C  CA  . ARG A 1 63 ? -6.770  4.122   10.252  1.00   16.98 ? 60   ARG A CA  1 
ATOM   542  C  C   . ARG A 1 63 ? -7.747  3.070   10.779  1.00   16.68 ? 60   ARG A C   1 
ATOM   543  O  O   . ARG A 1 63 ? -7.436  2.371   11.751  1.00   16.44 ? 60   ARG A O   1 
ATOM   544  C  CB  . ARG A 1 63 ? -6.728  5.322   11.200  1.00   18.95 ? 60   ARG A CB  1 
ATOM   545  C  CG  . ARG A 1 63 ? -5.684  6.360   10.823  1.00   22.51 ? 60   ARG A CG  1 
ATOM   546  C  CD  . ARG A 1 63 ? -5.899  7.645   11.609  1.00   25.57 ? 60   ARG A CD  1 
ATOM   547  N  NE  . ARG A 1 63 ? -4.930  8.668   11.229  1.00   29.66 ? 60   ARG A NE  1 
ATOM   548  C  CZ  . ARG A 1 63 ? -3.748  8.832   11.815  1.00   31.86 ? 60   ARG A CZ  1 
ATOM   549  N  NH1 . ARG A 1 63 ? -3.388  8.046   12.825  1.00   32.02 ? 60   ARG A NH1 1 
ATOM   550  N  NH2 . ARG A 1 63 ? -2.926  9.790   11.397  1.00   33.43 ? 60   ARG A NH2 1 
ATOM   551  N  N   . ASN A 1 64 ? -8.930  2.974   10.167  1.00   16.43 ? 61   ASN A N   1 
ATOM   552  C  CA  . ASN A 1 64 ? -9.925  1.970   10.571  1.00   17.21 ? 61   ASN A CA  1 
ATOM   553  C  C   . ASN A 1 64 ? -10.657 1.357   9.393   1.00   15.76 ? 61   ASN A C   1 
ATOM   554  O  O   . ASN A 1 64 ? -11.570 1.971   8.831   1.00   15.34 ? 61   ASN A O   1 
ATOM   555  C  CB  . ASN A 1 64 ? -10.984 2.510   11.541  1.00   20.51 ? 61   ASN A CB  1 
ATOM   556  C  CG  . ASN A 1 64 ? -12.005 1.431   11.936  1.00   23.80 ? 61   ASN A CG  1 
ATOM   557  O  OD1 . ASN A 1 64 ? -13.126 1.341   11.384  1.00   27.20 ? 61   ASN A OD1 1 
ATOM   558  N  ND2 . ASN A 1 64 ? -11.607 0.579   12.859  1.00   24.96 ? 61   ASN A ND2 1 
ATOM   559  N  N   . PHE A 1 65 ? -10.261 0.148   9.030   1.00   14.04 ? 62   PHE A N   1 
ATOM   560  C  CA  . PHE A 1 65 ? -10.980 -0.599  8.005   1.00   13.29 ? 62   PHE A CA  1 
ATOM   561  C  C   . PHE A 1 65 ? -10.559 -2.051  8.010   1.00   13.01 ? 62   PHE A C   1 
ATOM   562  O  O   . PHE A 1 65 ? -9.456  -2.393  8.446   1.00   12.99 ? 62   PHE A O   1 
ATOM   563  C  CB  . PHE A 1 65 ? -10.781 0.018   6.601   1.00   12.96 ? 62   PHE A CB  1 
ATOM   564  C  CG  . PHE A 1 65 ? -9.363  -0.094  6.073   1.00   13.14 ? 62   PHE A CG  1 
ATOM   565  C  CD1 . PHE A 1 65 ? -8.404  0.867   6.390   1.00   12.90 ? 62   PHE A CD1 1 
ATOM   566  C  CD2 . PHE A 1 65 ? -8.997  -1.151  5.249   1.00   12.83 ? 62   PHE A CD2 1 
ATOM   567  C  CE1 . PHE A 1 65 ? -7.106  0.772   5.899   1.00   13.19 ? 62   PHE A CE1 1 
ATOM   568  C  CE2 . PHE A 1 65 ? -7.701  -1.253  4.756   1.00   13.24 ? 62   PHE A CE2 1 
ATOM   569  C  CZ  . PHE A 1 65 ? -6.753  -0.295  5.089   1.00   12.86 ? 62   PHE A CZ  1 
ATOM   570  N  N   . GLY A 1 66 ? -11.462 -2.900  7.533   1.00   12.51 ? 63   GLY A N   1 
ATOM   571  C  CA  . GLY A 1 66 ? -11.153 -4.287  7.232   1.00   12.60 ? 63   GLY A CA  1 
ATOM   572  C  C   . GLY A 1 66 ? -11.332 -4.499  5.744   1.00   12.58 ? 63   GLY A C   1 
ATOM   573  O  O   . GLY A 1 66 ? -11.976 -3.693  5.070   1.00   12.41 ? 63   GLY A O   1 
ATOM   574  N  N   . SER A 1 67 ? -10.747 -5.566  5.215   1.00   12.59 ? 64   SER A N   1 
ATOM   575  C  CA  . SER A 1 67 ? -10.880 -5.837  3.797   1.00   12.88 ? 64   SER A CA  1 
ATOM   576  C  C   . SER A 1 67 ? -10.880 -7.323  3.499   1.00   13.13 ? 64   SER A C   1 
ATOM   577  O  O   . SER A 1 67 ? -10.371 -8.138  4.281   1.00   13.33 ? 64   SER A O   1 
ATOM   578  C  CB  . SER A 1 67 ? -9.745  -5.161  3.003   1.00   13.06 ? 64   SER A CB  1 
ATOM   579  O  OG  . SER A 1 67 ? -8.556  -5.940  3.033   1.00   13.57 ? 64   SER A OG  1 
ATOM   580  N  N   . TYR A 1 68 ? -11.473 -7.658  2.369   1.00   12.88 ? 65   TYR A N   1 
ATOM   581  C  CA  . TYR A 1 68 ? -11.317 -8.966  1.775   1.00   13.40 ? 65   TYR A CA  1 
ATOM   582  C  C   . TYR A 1 68 ? -11.207 -8.745  0.281   1.00   13.16 ? 65   TYR A C   1 
ATOM   583  O  O   . TYR A 1 68 ? -12.156 -8.272  -0.364  1.00   13.04 ? 65   TYR A O   1 
ATOM   584  C  CB  . TYR A 1 68 ? -12.494 -9.878  2.114   1.00   14.14 ? 65   TYR A CB  1 
ATOM   585  C  CG  . TYR A 1 68 ? -12.202 -11.338 1.818   1.00   15.31 ? 65   TYR A CG  1 
ATOM   586  C  CD1 . TYR A 1 68 ? -12.452 -11.878 0.565   1.00   15.43 ? 65   TYR A CD1 1 
ATOM   587  C  CD2 . TYR A 1 68 ? -11.652 -12.166 2.791   1.00   15.41 ? 65   TYR A CD2 1 
ATOM   588  C  CE1 . TYR A 1 68 ? -12.171 -13.214 0.286   1.00   16.34 ? 65   TYR A CE1 1 
ATOM   589  C  CE2 . TYR A 1 68 ? -11.377 -13.502 2.531   1.00   16.61 ? 65   TYR A CE2 1 
ATOM   590  C  CZ  . TYR A 1 68 ? -11.640 -14.023 1.283   1.00   16.76 ? 65   TYR A CZ  1 
ATOM   591  O  OH  . TYR A 1 68 ? -11.366 -15.349 1.028   1.00   17.32 ? 65   TYR A OH  1 
ATOM   592  N  N   . VAL A 1 69 ? -10.034 -9.058  -0.261  1.00   13.36 ? 66   VAL A N   1 
ATOM   593  C  CA  . VAL A 1 69 ? -9.713  -8.746  -1.646  1.00   13.62 ? 66   VAL A CA  1 
ATOM   594  C  C   . VAL A 1 69 ? -9.058  -9.961  -2.321  1.00   14.05 ? 66   VAL A C   1 
ATOM   595  O  O   . VAL A 1 69 ? -8.634  -10.901 -1.646  1.00   14.13 ? 66   VAL A O   1 
ATOM   596  C  CB  . VAL A 1 69 ? -8.794  -7.491  -1.772  1.00   13.49 ? 66   VAL A CB  1 
ATOM   597  C  CG1 . VAL A 1 69 ? -9.371  -6.303  -1.005  1.00   13.36 ? 66   VAL A CG1 1 
ATOM   598  C  CG2 . VAL A 1 69 ? -7.372  -7.792  -1.293  1.00   13.96 ? 66   VAL A CG2 1 
ATOM   599  N  N   . THR A 1 70 ? -8.982  -9.918  -3.644  1.00   14.72 ? 67   THR A N   1 
ATOM   600  C  CA  . THR A 1 70 ? -8.297  -10.942 -4.431  1.00   15.74 ? 67   THR A CA  1 
ATOM   601  C  C   . THR A 1 70 ? -7.249  -10.246 -5.282  1.00   16.41 ? 67   THR A C   1 
ATOM   602  O  O   . THR A 1 70 ? -7.512  -9.182  -5.849  1.00   16.52 ? 67   THR A O   1 
ATOM   603  C  CB  . THR A 1 70 ? -9.287  -11.694 -5.336  1.00   16.28 ? 67   THR A CB  1 
ATOM   604  O  OG1 . THR A 1 70 ? -10.334 -12.250 -4.538  1.00   16.49 ? 67   THR A OG1 1 
ATOM   605  C  CG2 . THR A 1 70 ? -8.584  -12.817 -6.128  1.00   16.62 ? 67   THR A CG2 1 
ATOM   606  N  N   . HIS A 1 71 ? -6.055  -10.833 -5.363  1.00   15.81 ? 68   HIS A N   1 
ATOM   607  C  CA  . HIS A 1 71 ? -4.956  -10.200 -6.068  1.00   15.78 ? 68   HIS A CA  1 
ATOM   608  C  C   . HIS A 1 71 ? -4.171  -11.213 -6.886  1.00   17.05 ? 68   HIS A C   1 
ATOM   609  O  O   . HIS A 1 71 ? -4.191  -12.419 -6.609  1.00   17.13 ? 68   HIS A O   1 
ATOM   610  C  CB  . HIS A 1 71 ? -4.001  -9.549  -5.067  1.00   15.66 ? 68   HIS A CB  1 
ATOM   611  C  CG  . HIS A 1 71 ? -3.371  -10.534 -4.128  1.00   15.94 ? 68   HIS A CG  1 
ATOM   612  N  ND1 . HIS A 1 71 ? -2.182  -11.179 -4.408  1.00   16.20 ? 68   HIS A ND1 1 
ATOM   613  C  CD2 . HIS A 1 71 ? -3.782  -11.006 -2.930  1.00   15.96 ? 68   HIS A CD2 1 
ATOM   614  C  CE1 . HIS A 1 71 ? -1.878  -11.988 -3.407  1.00   16.18 ? 68   HIS A CE1 1 
ATOM   615  N  NE2 . HIS A 1 71 ? -2.832  -11.901 -2.499  1.00   16.14 ? 68   HIS A NE2 1 
ATOM   616  N  N   . GLU A 1 72 ? -3.449  -10.707 -7.873  1.00   18.77 ? 69   GLU A N   1 
ATOM   617  C  CA  . GLU A 1 72 ? -2.562  -11.541 -8.675  1.00   20.49 ? 69   GLU A CA  1 
ATOM   618  C  C   . GLU A 1 72 ? -1.379  -11.951 -7.820  1.00   20.44 ? 69   GLU A C   1 
ATOM   619  O  O   . GLU A 1 72 ? -0.874  -11.156 -7.024  1.00   19.58 ? 69   GLU A O   1 
ATOM   620  C  CB  . GLU A 1 72 ? -2.113  -10.781 -9.917  1.00   22.61 ? 69   GLU A CB  1 
ATOM   621  C  CG  . GLU A 1 72 ? -3.275  -10.461 -10.840 1.00   25.95 ? 69   GLU A CG  1 
ATOM   622  C  CD  . GLU A 1 72 ? -2.938  -9.446  -11.912 1.00   27.72 ? 69   GLU A CD  1 
ATOM   623  O  OE1 . GLU A 1 72 ? -1.747  -9.097  -12.087 1.00   28.79 ? 69   GLU A OE1 1 
ATOM   624  O  OE2 . GLU A 1 72 ? -3.885  -8.991  -12.579 1.00   29.00 ? 69   GLU A OE2 1 
ATOM   625  N  N   . THR A 1 73 ? -0.945  -13.200 -7.982  1.00   20.60 ? 70   THR A N   1 
ATOM   626  C  CA  A THR A 1 73 ? 0.140   -13.735 -7.163  0.50   20.59 ? 70   THR A CA  1 
ATOM   627  C  CA  B THR A 1 73 ? 0.168   -13.755 -7.213  0.50   20.78 ? 70   THR A CA  1 
ATOM   628  C  C   . THR A 1 73 ? 1.354   -12.791 -7.168  1.00   20.24 ? 70   THR A C   1 
ATOM   629  O  O   . THR A 1 73 ? 1.682   -12.165 -8.182  1.00   20.50 ? 70   THR A O   1 
ATOM   630  C  CB  A THR A 1 73 ? 0.523   -15.178 -7.587  0.50   20.75 ? 70   THR A CB  1 
ATOM   631  C  CB  B THR A 1 73 ? 0.615   -15.127 -7.781  0.50   21.06 ? 70   THR A CB  1 
ATOM   632  O  OG1 A THR A 1 73 ? -0.660  -15.900 -7.944  0.50   20.73 ? 70   THR A OG1 1 
ATOM   633  O  OG1 B THR A 1 73 ? 1.933   -15.434 -7.320  0.50   21.63 ? 70   THR A OG1 1 
ATOM   634  C  CG2 A THR A 1 73 ? 1.204   -15.919 -6.445  0.50   20.57 ? 70   THR A CG2 1 
ATOM   635  C  CG2 B THR A 1 73 ? 0.625   -15.120 -9.300  0.50   21.00 ? 70   THR A CG2 1 
ATOM   636  N  N   . LYS A 1 74 ? 1.984   -12.666 -6.003  1.00   20.43 ? 71   LYS A N   1 
ATOM   637  C  CA  . LYS A 1 74 ? 3.167   -11.813 -5.819  1.00   20.99 ? 71   LYS A CA  1 
ATOM   638  C  C   . LYS A 1 74 ? 2.910   -10.304 -5.970  1.00   19.74 ? 71   LYS A C   1 
ATOM   639  O  O   . LYS A 1 74 ? 3.851   -9.518  -6.143  1.00   19.44 ? 71   LYS A O   1 
ATOM   640  C  CB  . LYS A 1 74 ? 4.316   -12.275 -6.735  1.00   23.03 ? 71   LYS A CB  1 
ATOM   641  C  CG  . LYS A 1 74 ? 4.973   -13.571 -6.286  1.00   25.31 ? 71   LYS A CG  1 
ATOM   642  C  CD  . LYS A 1 74 ? 5.765   -13.363 -5.001  1.00   27.15 ? 71   LYS A CD  1 
ATOM   643  C  CE  . LYS A 1 74 ? 6.620   -14.576 -4.659  1.00   30.73 ? 71   LYS A CE  1 
ATOM   644  N  NZ  . LYS A 1 74 ? 7.471   -14.309 -3.461  1.00   31.53 ? 71   LYS A NZ  1 
ATOM   645  N  N   . HIS A 1 75 ? 1.641   -9.896  -5.880  1.00   18.82 ? 72   HIS A N   1 
ATOM   646  C  CA  . HIS A 1 75 ? 1.285   -8.480  -6.050  1.00   17.88 ? 72   HIS A CA  1 
ATOM   647  C  C   . HIS A 1 75 ? 0.336   -7.971  -4.958  1.00   17.01 ? 72   HIS A C   1 
ATOM   648  O  O   . HIS A 1 75 ? -0.727  -7.417  -5.250  1.00   16.26 ? 72   HIS A O   1 
ATOM   649  C  CB  . HIS A 1 75 ? 0.715   -8.222  -7.446  1.00   18.29 ? 72   HIS A CB  1 
ATOM   650  C  CG  . HIS A 1 75 ? 1.723   -8.380  -8.542  1.00   19.54 ? 72   HIS A CG  1 
ATOM   651  N  ND1 . HIS A 1 75 ? 2.194   -9.613  -8.944  1.00   20.26 ? 72   HIS A ND1 1 
ATOM   652  C  CD2 . HIS A 1 75 ? 2.367   -7.464  -9.305  1.00   20.02 ? 72   HIS A CD2 1 
ATOM   653  C  CE1 . HIS A 1 75 ? 3.083   -9.449  -9.911  1.00   20.34 ? 72   HIS A CE1 1 
ATOM   654  N  NE2 . HIS A 1 75 ? 3.202   -8.155  -10.152 1.00   20.38 ? 72   HIS A NE2 1 
ATOM   655  N  N   . PHE A 1 76 ? 0.742   -8.155  -3.703  1.00   15.97 ? 73   PHE A N   1 
ATOM   656  C  CA  . PHE A 1 76 ? -0.070  -7.735  -2.566  1.00   15.10 ? 73   PHE A CA  1 
ATOM   657  C  C   . PHE A 1 76 ? 0.809   -7.260  -1.425  1.00   14.62 ? 73   PHE A C   1 
ATOM   658  O  O   . PHE A 1 76 ? 1.769   -7.943  -1.047  1.00   14.69 ? 73   PHE A O   1 
ATOM   659  C  CB  . PHE A 1 76 ? -0.940  -8.901  -2.077  1.00   15.12 ? 73   PHE A CB  1 
ATOM   660  C  CG  . PHE A 1 76 ? -1.700  -8.609  -0.817  1.00   15.73 ? 73   PHE A CG  1 
ATOM   661  C  CD1 . PHE A 1 76 ? -1.140  -8.856  0.436   1.00   16.21 ? 73   PHE A CD1 1 
ATOM   662  C  CD2 . PHE A 1 76 ? -2.992  -8.092  -0.880  1.00   16.30 ? 73   PHE A CD2 1 
ATOM   663  C  CE1 . PHE A 1 76 ? -1.844  -8.574  1.606   1.00   16.59 ? 73   PHE A CE1 1 
ATOM   664  C  CE2 . PHE A 1 76 ? -3.705  -7.815  0.282   1.00   17.21 ? 73   PHE A CE2 1 
ATOM   665  C  CZ  . PHE A 1 76 ? -3.129  -8.045  1.529   1.00   16.58 ? 73   PHE A CZ  1 
ATOM   666  N  N   . ILE A 1 77 ? 0.452   -6.116  -0.838  1.00   13.55 ? 74   ILE A N   1 
ATOM   667  C  CA  . ILE A 1 77 ? 1.093   -5.676  0.404   1.00   13.08 ? 74   ILE A CA  1 
ATOM   668  C  C   . ILE A 1 77 ? 0.097   -4.934  1.308   1.00   13.27 ? 74   ILE A C   1 
ATOM   669  O  O   . ILE A 1 77 ? -0.753  -4.179  0.832   1.00   12.75 ? 74   ILE A O   1 
ATOM   670  C  CB  . ILE A 1 77 ? 2.347   -4.801  0.139   1.00   12.67 ? 74   ILE A CB  1 
ATOM   671  C  CG1 . ILE A 1 77 ? 3.157   -4.617  1.430   1.00   12.62 ? 74   ILE A CG1 1 
ATOM   672  C  CG2 . ILE A 1 77 ? 1.964   -3.463  -0.496  1.00   12.64 ? 74   ILE A CG2 1 
ATOM   673  C  CD1 . ILE A 1 77 ? 4.488   -3.903  1.235   1.00   12.94 ? 74   ILE A CD1 1 
ATOM   674  N  N   . TYR A 1 78 ? 0.217   -5.185  2.605   1.00   13.37 ? 75   TYR A N   1 
ATOM   675  C  CA  . TYR A 1 78 ? -0.568  -4.513  3.623   1.00   13.92 ? 75   TYR A CA  1 
ATOM   676  C  C   . TYR A 1 78 ? 0.415   -4.109  4.709   1.00   14.32 ? 75   TYR A C   1 
ATOM   677  O  O   . TYR A 1 78 ? 1.090   -4.958  5.303   1.00   14.54 ? 75   TYR A O   1 
ATOM   678  C  CB  . TYR A 1 78 ? -1.684  -5.437  4.160   1.00   13.72 ? 75   TYR A CB  1 
ATOM   679  C  CG  . TYR A 1 78 ? -2.447  -4.850  5.324   1.00   13.87 ? 75   TYR A CG  1 
ATOM   680  C  CD1 . TYR A 1 78 ? -3.138  -3.645  5.184   1.00   14.07 ? 75   TYR A CD1 1 
ATOM   681  C  CD2 . TYR A 1 78 ? -2.478  -5.487  6.566   1.00   14.20 ? 75   TYR A CD2 1 
ATOM   682  C  CE1 . TYR A 1 78 ? -3.822  -3.082  6.246   1.00   14.29 ? 75   TYR A CE1 1 
ATOM   683  C  CE2 . TYR A 1 78 ? -3.163  -4.928  7.640   1.00   14.80 ? 75   TYR A CE2 1 
ATOM   684  C  CZ  . TYR A 1 78 ? -3.837  -3.730  7.469   1.00   14.51 ? 75   TYR A CZ  1 
ATOM   685  O  OH  . TYR A 1 78 ? -4.527  -3.148  8.509   1.00   15.14 ? 75   TYR A OH  1 
ATOM   686  N  N   . PHE A 1 79 ? 0.521   -2.806  4.939   1.00   14.27 ? 76   PHE A N   1 
ATOM   687  C  CA  . PHE A 1 79 ? 1.527   -2.277  5.847   1.00   14.53 ? 76   PHE A CA  1 
ATOM   688  C  C   . PHE A 1 79 ? 1.102   -0.971  6.483   1.00   15.33 ? 76   PHE A C   1 
ATOM   689  O  O   . PHE A 1 79 ? 0.222   -0.276  5.966   1.00   15.53 ? 76   PHE A O   1 
ATOM   690  C  CB  . PHE A 1 79 ? 2.871   -2.107  5.123   1.00   14.11 ? 76   PHE A CB  1 
ATOM   691  C  CG  . PHE A 1 79 ? 2.888   -1.036  4.055   1.00   13.97 ? 76   PHE A CG  1 
ATOM   692  C  CD1 . PHE A 1 79 ? 2.335   -1.264  2.801   1.00   13.71 ? 76   PHE A CD1 1 
ATOM   693  C  CD2 . PHE A 1 79 ? 3.532   0.181   4.288   1.00   13.60 ? 76   PHE A CD2 1 
ATOM   694  C  CE1 . PHE A 1 79 ? 2.381   -0.290  1.811   1.00   13.66 ? 76   PHE A CE1 1 
ATOM   695  C  CE2 . PHE A 1 79 ? 3.589   1.150   3.296   1.00   13.68 ? 76   PHE A CE2 1 
ATOM   696  C  CZ  . PHE A 1 79 ? 3.005   0.921   2.057   1.00   13.37 ? 76   PHE A CZ  1 
ATOM   697  N  N   . TYR A 1 80 ? 1.728   -0.653  7.611   1.00   15.70 ? 77   TYR A N   1 
ATOM   698  C  CA  . TYR A 1 80 ? 1.593   0.652   8.227   1.00   16.36 ? 77   TYR A CA  1 
ATOM   699  C  C   . TYR A 1 80 ? 2.800   1.536   7.923   1.00   17.32 ? 77   TYR A C   1 
ATOM   700  O  O   . TYR A 1 80 ? 3.928   1.047   7.832   1.00   17.26 ? 77   TYR A O   1 
ATOM   701  C  CB  . TYR A 1 80 ? 1.450   0.518   9.737   1.00   16.75 ? 77   TYR A CB  1 
ATOM   702  C  CG  . TYR A 1 80 ? 0.046   0.231   10.227  1.00   17.37 ? 77   TYR A CG  1 
ATOM   703  C  CD1 . TYR A 1 80 ? -0.508  -1.046  10.124  1.00   17.88 ? 77   TYR A CD1 1 
ATOM   704  C  CD2 . TYR A 1 80 ? -0.726  1.244   10.811  1.00   18.03 ? 77   TYR A CD2 1 
ATOM   705  C  CE1 . TYR A 1 80 ? -1.799  -1.314  10.585  1.00   18.29 ? 77   TYR A CE1 1 
ATOM   706  C  CE2 . TYR A 1 80 ? -2.014  0.992   11.275  1.00   18.26 ? 77   TYR A CE2 1 
ATOM   707  C  CZ  . TYR A 1 80 ? -2.541  -0.290  11.161  1.00   18.53 ? 77   TYR A CZ  1 
ATOM   708  O  OH  . TYR A 1 80 ? -3.816  -0.533  11.639  1.00   18.76 ? 77   TYR A OH  1 
ATOM   709  N  N   . LEU A 1 81 ? 2.535   2.832   7.764   1.00   18.02 ? 78   LEU A N   1 
ATOM   710  C  CA  . LEU A 1 81 ? 3.551   3.890   7.780   1.00   19.50 ? 78   LEU A CA  1 
ATOM   711  C  C   . LEU A 1 81 ? 3.107   4.805   8.895   1.00   19.35 ? 78   LEU A C   1 
ATOM   712  O  O   . LEU A 1 81 ? 2.081   5.491   8.759   1.00   18.12 ? 78   LEU A O   1 
ATOM   713  C  CB  . LEU A 1 81 ? 3.545   4.685   6.467   1.00   21.75 ? 78   LEU A CB  1 
ATOM   714  C  CG  . LEU A 1 81 ? 4.766   4.776   5.561   1.00   25.74 ? 78   LEU A CG  1 
ATOM   715  C  CD1 . LEU A 1 81 ? 4.835   3.573   4.644   1.00   28.51 ? 78   LEU A CD1 1 
ATOM   716  C  CD2 . LEU A 1 81 ? 4.722   6.038   4.711   1.00   25.07 ? 78   LEU A CD2 1 
ATOM   717  N  N   . GLY A 1 82 ? 3.837   4.784   10.012  1.00   18.67 ? 79   GLY A N   1 
ATOM   718  C  CA  . GLY A 1 82 ? 3.362   5.439   11.224  1.00   19.18 ? 79   GLY A CA  1 
ATOM   719  C  C   . GLY A 1 82 ? 2.058   4.765   11.627  1.00   19.28 ? 79   GLY A C   1 
ATOM   720  O  O   . GLY A 1 82 ? 1.957   3.542   11.616  1.00   18.39 ? 79   GLY A O   1 
ATOM   721  N  N   . GLN A 1 83 ? 1.045   5.563   11.947  1.00   20.52 ? 80   GLN A N   1 
ATOM   722  C  CA  . GLN A 1 83 ? -0.225  5.018   12.429  1.00   21.18 ? 80   GLN A CA  1 
ATOM   723  C  C   . GLN A 1 83 ? -1.262  4.815   11.313  1.00   19.45 ? 80   GLN A C   1 
ATOM   724  O  O   . GLN A 1 83 ? -2.429  4.531   11.580  1.00   19.00 ? 80   GLN A O   1 
ATOM   725  C  CB  . GLN A 1 83 ? -0.784  5.895   13.560  1.00   23.46 ? 80   GLN A CB  1 
ATOM   726  C  CG  . GLN A 1 83 ? 0.155   6.037   14.755  1.00   24.66 ? 80   GLN A CG  1 
ATOM   727  C  CD  . GLN A 1 83 ? 0.386   4.724   15.476  1.00   26.18 ? 80   GLN A CD  1 
ATOM   728  O  OE1 . GLN A 1 83 ? 1.756   4.043   14.994  0.0000 21.86 ? 80   GLN A OE1 1 
ATOM   729  N  NE2 . GLN A 1 83 ? -0.410  3.827   15.628  0.0000 22.02 ? 80   GLN A NE2 1 
ATOM   730  N  N   . VAL A 1 84 ? -0.830  4.940   10.065  1.00   18.07 ? 81   VAL A N   1 
ATOM   731  C  CA  . VAL A 1 84 ? -1.745  4.829   8.934   1.00   17.15 ? 81   VAL A CA  1 
ATOM   732  C  C   . VAL A 1 84 ? -1.500  3.535   8.168   1.00   16.11 ? 81   VAL A C   1 
ATOM   733  O  O   . VAL A 1 84 ? -0.364  3.254   7.774   1.00   15.93 ? 81   VAL A O   1 
ATOM   734  C  CB  . VAL A 1 84 ? -1.604  6.032   7.982   1.00   18.00 ? 81   VAL A CB  1 
ATOM   735  C  CG1 . VAL A 1 84 ? -2.500  5.863   6.768   1.00   18.03 ? 81   VAL A CG1 1 
ATOM   736  C  CG2 . VAL A 1 84 ? -1.937  7.327   8.709   1.00   18.79 ? 81   VAL A CG2 1 
ATOM   737  N  N   . ALA A 1 85 ? -2.567  2.766   7.938   1.00   15.19 ? 82   ALA A N   1 
ATOM   738  C  CA  . ALA A 1 85 ? -2.467  1.512   7.191   1.00   14.36 ? 82   ALA A CA  1 
ATOM   739  C  C   . ALA A 1 85 ? -2.656  1.725   5.694   1.00   14.26 ? 82   ALA A C   1 
ATOM   740  O  O   . ALA A 1 85 ? -3.461  2.558   5.261   1.00   13.83 ? 82   ALA A O   1 
ATOM   741  C  CB  . ALA A 1 85 ? -3.472  0.488   7.702   1.00   14.22 ? 82   ALA A CB  1 
ATOM   742  N  N   . ILE A 1 86 ? -1.923  0.944   4.907   1.00   13.57 ? 83   ILE A N   1 
ATOM   743  C  CA  . ILE A 1 86 ? -1.985  1.043   3.452   1.00   13.13 ? 83   ILE A CA  1 
ATOM   744  C  C   . ILE A 1 86 ? -2.155  -0.350  2.892   1.00   12.60 ? 83   ILE A C   1 
ATOM   745  O  O   . ILE A 1 86 ? -1.355  -1.234  3.178   1.00   11.95 ? 83   ILE A O   1 
ATOM   746  C  CB  . ILE A 1 86 ? -0.706  1.675   2.873   1.00   13.69 ? 83   ILE A CB  1 
ATOM   747  C  CG1 . ILE A 1 86 ? -0.559  3.105   3.410   1.00   14.27 ? 83   ILE A CG1 1 
ATOM   748  C  CG2 . ILE A 1 86 ? -0.739  1.668   1.343   1.00   13.25 ? 83   ILE A CG2 1 
ATOM   749  C  CD1 . ILE A 1 86 ? 0.848   3.614   3.368   1.00   16.31 ? 83   ILE A CD1 1 
ATOM   750  N  N   . LEU A 1 87 ? -3.222  -0.533  2.118   1.00   12.20 ? 84   LEU A N   1 
ATOM   751  C  CA  . LEU A 1 87 ? -3.479  -1.774  1.398   1.00   12.27 ? 84   LEU A CA  1 
ATOM   752  C  C   . LEU A 1 87 ? -3.268  -1.476  -0.067  1.00   12.23 ? 84   LEU A C   1 
ATOM   753  O  O   . LEU A 1 87 ? -3.884  -0.560  -0.599  1.00   11.80 ? 84   LEU A O   1 
ATOM   754  C  CB  . LEU A 1 87 ? -4.918  -2.244  1.639   1.00   12.80 ? 84   LEU A CB  1 
ATOM   755  C  CG  . LEU A 1 87 ? -5.471  -3.414  0.822   1.00   13.38 ? 84   LEU A CG  1 
ATOM   756  C  CD1 . LEU A 1 87 ? -4.671  -4.683  1.090   1.00   14.26 ? 84   LEU A CD1 1 
ATOM   757  C  CD2 . LEU A 1 87 ? -6.941  -3.648  1.157   1.00   13.98 ? 84   LEU A CD2 1 
ATOM   758  N  N   . LEU A 1 88 ? -2.422  -2.272  -0.724  1.00   12.15 ? 85   LEU A N   1 
ATOM   759  C  CA  . LEU A 1 88 ? -2.068  -2.030  -2.123  1.00   12.45 ? 85   LEU A CA  1 
ATOM   760  C  C   . LEU A 1 88 ? -1.946  -3.361  -2.847  1.00   12.38 ? 85   LEU A C   1 
ATOM   761  O  O   . LEU A 1 88 ? -1.154  -4.202  -2.452  1.00   12.72 ? 85   LEU A O   1 
ATOM   762  C  CB  . LEU A 1 88 ? -0.729  -1.284  -2.196  1.00   12.38 ? 85   LEU A CB  1 
ATOM   763  C  CG  . LEU A 1 88 ? -0.126  -1.053  -3.585  1.00   12.06 ? 85   LEU A CG  1 
ATOM   764  C  CD1 . LEU A 1 88 ? -1.001  -0.104  -4.403  1.00   12.13 ? 85   LEU A CD1 1 
ATOM   765  C  CD2 . LEU A 1 88 ? 1.294   -0.507  -3.453  1.00   12.20 ? 85   LEU A CD2 1 
ATOM   766  N  N   . PHE A 1 89 ? -2.729  -3.553  -3.898  1.00   12.50 ? 86   PHE A N   1 
ATOM   767  C  CA  . PHE A 1 89 ? -2.743  -4.855  -4.577  1.00   13.25 ? 86   PHE A CA  1 
ATOM   768  C  C   . PHE A 1 89 ? -3.147  -4.709  -6.031  1.00   13.93 ? 86   PHE A C   1 
ATOM   769  O  O   . PHE A 1 89 ? -3.764  -3.715  -6.407  1.00   13.78 ? 86   PHE A O   1 
ATOM   770  C  CB  . PHE A 1 89 ? -3.684  -5.845  -3.846  1.00   13.07 ? 86   PHE A CB  1 
ATOM   771  C  CG  . PHE A 1 89 ? -5.137  -5.450  -3.888  1.00   13.19 ? 86   PHE A CG  1 
ATOM   772  C  CD1 . PHE A 1 89 ? -5.648  -4.489  -3.003  1.00   13.23 ? 86   PHE A CD1 1 
ATOM   773  C  CD2 . PHE A 1 89 ? -6.007  -6.040  -4.809  1.00   12.98 ? 86   PHE A CD2 1 
ATOM   774  C  CE1 . PHE A 1 89 ? -6.990  -4.124  -3.049  1.00   13.02 ? 86   PHE A CE1 1 
ATOM   775  C  CE2 . PHE A 1 89 ? -7.348  -5.673  -4.859  1.00   13.34 ? 86   PHE A CE2 1 
ATOM   776  C  CZ  . PHE A 1 89 ? -7.841  -4.720  -3.973  1.00   13.24 ? 86   PHE A CZ  1 
ATOM   777  N  N   . LYS A 1 90 ? -2.786  -5.712  -6.831  1.00   15.09 ? 87   LYS A N   1 
ATOM   778  C  CA  A LYS A 1 90 ? -3.048  -5.709  -8.261  0.50   16.06 ? 87   LYS A CA  1 
ATOM   779  C  CA  B LYS A 1 90 ? -3.040  -5.711  -8.267  0.50   15.41 ? 87   LYS A CA  1 
ATOM   780  C  C   . LYS A 1 90 ? -4.136  -6.728  -8.584  1.00   16.25 ? 87   LYS A C   1 
ATOM   781  O  O   . LYS A 1 90 ? -4.039  -7.887  -8.191  1.00   16.83 ? 87   LYS A O   1 
ATOM   782  C  CB  A LYS A 1 90 ? -1.757  -6.046  -9.011  0.50   16.77 ? 87   LYS A CB  1 
ATOM   783  C  CB  B LYS A 1 90 ? -1.743  -6.055  -9.017  0.50   15.00 ? 87   LYS A CB  1 
ATOM   784  C  CG  A LYS A 1 90 ? -1.829  -5.922  -10.522 0.50   18.09 ? 87   LYS A CG  1 
ATOM   785  C  CG  B LYS A 1 90 ? -1.698  -5.679  -10.493 0.50   14.78 ? 87   LYS A CG  1 
ATOM   786  C  CD  A LYS A 1 90 ? -0.479  -6.279  -11.114 0.50   19.19 ? 87   LYS A CD  1 
ATOM   787  C  CD  B LYS A 1 90 ? -0.302  -5.951  -11.044 0.50   14.44 ? 87   LYS A CD  1 
ATOM   788  C  CE  A LYS A 1 90 ? -0.462  -6.040  -12.612 0.50   20.30 ? 87   LYS A CE  1 
ATOM   789  C  CE  B LYS A 1 90 ? -0.216  -5.669  -12.538 0.50   14.21 ? 87   LYS A CE  1 
ATOM   790  N  NZ  A LYS A 1 90 ? 0.904   -6.233  -13.157 0.50   21.28 ? 87   LYS A NZ  1 
ATOM   791  N  NZ  B LYS A 1 90 ? -1.105  -6.578  -13.321 0.50   13.39 ? 87   LYS A NZ  1 
ATOM   792  N  N   . SER A 1 91 ? -5.177  -6.279  -9.280  1.00   17.08 ? 88   SER A N   1 
ATOM   793  C  CA  . SER A 1 91 ? -6.255  -7.147  -9.749  1.00   19.03 ? 88   SER A CA  1 
ATOM   794  C  C   . SER A 1 91 ? -6.917  -6.545  -10.983 1.00   20.57 ? 88   SER A C   1 
ATOM   795  O  O   . SER A 1 91 ? -7.511  -5.460  -10.931 1.00   19.60 ? 88   SER A O   1 
ATOM   796  C  CB  . SER A 1 91 ? -7.301  -7.408  -8.667  1.00   18.69 ? 88   SER A CB  1 
ATOM   797  O  OG  . SER A 1 91 ? -8.217  -8.397  -9.116  1.00   18.93 ? 88   SER A OG  1 
ATOM   798  N  N   . GLY A 1 92 ? -6.825  -7.274  -12.087 1.00   23.05 ? 89   GLY A N   1 
ATOM   799  C  CA  . GLY A 1 92 ? -7.108  -6.711  -13.398 1.00   26.37 ? 89   GLY A CA  1 
ATOM   800  C  C   . GLY A 1 92 ? -5.831  -6.086  -13.953 1.00   28.91 ? 89   GLY A C   1 
ATOM   801  O  O   . GLY A 1 92 ? -5.880  -5.429  -14.995 1.00   31.90 ? 89   GLY A O   1 
ATOM   802  O  OXT . GLY A 1 92 ? -4.711  -6.197  -13.390 1.00   29.85 ? 89   GLY A OXT 1 
ATOM   803  N  N   . GLN B 2 11 ? -9.662  -20.622 2.847   1.00   53.11 ? 2    GLN B N   1 
ATOM   804  C  CA  . GLN B 2 11 ? -9.374  -19.342 2.134   1.00   53.32 ? 2    GLN B CA  1 
ATOM   805  C  C   . GLN B 2 11 ? -8.389  -19.563 0.982   1.00   53.25 ? 2    GLN B C   1 
ATOM   806  O  O   . GLN B 2 11 ? -7.297  -20.100 1.197   1.00   55.56 ? 2    GLN B O   1 
ATOM   807  C  CB  . GLN B 2 11 ? -8.831  -18.283 3.106   1.00   53.05 ? 2    GLN B CB  1 
ATOM   808  C  CG  . GLN B 2 11 ? -8.663  -16.899 2.487   1.00   51.80 ? 2    GLN B CG  1 
ATOM   809  C  CD  . GLN B 2 11 ? -8.071  -15.885 3.449   1.00   52.66 ? 2    GLN B CD  1 
ATOM   810  O  OE1 . GLN B 2 11 ? -8.673  -15.548 4.470   1.00   51.81 ? 2    GLN B OE1 1 
ATOM   811  N  NE2 . GLN B 2 11 ? -6.887  -15.384 3.118   1.00   51.20 ? 2    GLN B NE2 1 
ATOM   812  N  N   . PRO B 2 12 ? -8.772  -19.153 -0.246  1.00   51.54 ? 3    PRO B N   1 
ATOM   813  C  CA  . PRO B 2 12 ? -7.902  -19.262 -1.429  1.00   49.39 ? 3    PRO B CA  1 
ATOM   814  C  C   . PRO B 2 12 ? -6.567  -18.524 -1.271  1.00   47.09 ? 3    PRO B C   1 
ATOM   815  O  O   . PRO B 2 12 ? -6.497  -17.511 -0.570  1.00   44.84 ? 3    PRO B O   1 
ATOM   816  C  CB  . PRO B 2 12 ? -8.739  -18.620 -2.541  1.00   49.46 ? 3    PRO B CB  1 
ATOM   817  C  CG  . PRO B 2 12 ? -10.152 -18.807 -2.098  1.00   50.13 ? 3    PRO B CG  1 
ATOM   818  C  CD  . PRO B 2 12 ? -10.121 -18.668 -0.600  1.00   49.84 ? 3    PRO B CD  1 
ATOM   819  N  N   . LYS B 2 13 ? -5.527  -19.041 -1.927  1.00   45.09 ? 4    LYS B N   1 
ATOM   820  C  CA  . LYS B 2 13 ? -4.164  -18.503 -1.811  1.00   43.06 ? 4    LYS B CA  1 
ATOM   821  C  C   . LYS B 2 13 ? -4.055  -17.024 -2.205  1.00   41.61 ? 4    LYS B C   1 
ATOM   822  O  O   . LYS B 2 13 ? -3.283  -16.270 -1.604  1.00   43.04 ? 4    LYS B O   1 
ATOM   823  C  CB  . LYS B 2 13 ? -3.185  -19.347 -2.640  1.00   43.16 ? 4    LYS B CB  1 
ATOM   824  C  CG  . LYS B 2 13 ? -1.970  -19.482 -2.225  0.0000 20.00 ? 4    LYS B CG  1 
ATOM   825  C  CD  . LYS B 2 13 ? -1.009  -19.573 -3.401  0.0000 20.00 ? 4    LYS B CD  1 
ATOM   826  C  CE  . LYS B 2 13 ? -1.673  -20.235 -4.569  0.0000 20.00 ? 4    LYS B CE  1 
ATOM   827  N  NZ  . LYS B 2 13 ? -2.851  -21.054 -4.115  0.0000 20.00 ? 4    LYS B NZ  1 
ATOM   828  N  N   . ASP B 2 14 ? -4.841  -16.617 -3.200  1.00   38.52 ? 5    ASP B N   1 
ATOM   829  C  CA  . ASP B 2 14 ? -4.788  -15.251 -3.722  1.00   32.69 ? 5    ASP B CA  1 
ATOM   830  C  C   . ASP B 2 14 ? -5.922  -14.341 -3.236  1.00   27.67 ? 5    ASP B C   1 
ATOM   831  O  O   . ASP B 2 14 ? -6.124  -13.253 -3.768  1.00   23.95 ? 5    ASP B O   1 
ATOM   832  C  CB  . ASP B 2 14 ? -4.676  -15.272 -5.243  1.00   36.01 ? 5    ASP B CB  1 
ATOM   833  C  CG  . ASP B 2 14 ? -3.325  -15.819 -5.715  1.00   41.13 ? 5    ASP B CG  1 
ATOM   834  O  OD1 . ASP B 2 14 ? -2.401  -15.982 -4.878  1.00   42.46 ? 5    ASP B OD1 1 
ATOM   835  O  OD2 . ASP B 2 14 ? -3.185  -16.081 -6.927  1.00   46.81 ? 5    ASP B OD2 1 
ATOM   836  N  N   . ASP B 2 15 ? -6.650  -14.795 -2.218  1.00   23.45 ? 6    ASP B N   1 
ATOM   837  C  CA  . ASP B 2 15 ? -7.489  -13.897 -1.435  1.00   21.22 ? 6    ASP B CA  1 
ATOM   838  C  C   . ASP B 2 15 ? -6.706  -13.452 -0.214  1.00   19.55 ? 6    ASP B C   1 
ATOM   839  O  O   . ASP B 2 15 ? -5.872  -14.206 0.313   1.00   18.96 ? 6    ASP B O   1 
ATOM   840  C  CB  . ASP B 2 15 ? -8.754  -14.594 -0.948  1.00   21.43 ? 6    ASP B CB  1 
ATOM   841  C  CG  . ASP B 2 15 ? -9.720  -14.938 -2.061  1.00   21.61 ? 6    ASP B CG  1 
ATOM   842  O  OD1 . ASP B 2 15 ? -9.526  -14.538 -3.229  1.00   22.01 ? 6    ASP B OD1 1 
ATOM   843  O  OD2 . ASP B 2 15 ? -10.710 -15.618 -1.735  1.00   22.77 ? 6    ASP B OD2 1 
ATOM   844  N  N   . LYS B 2 16 ? -6.996  -12.241 0.254   1.00   17.62 ? 7    LYS B N   1 
ATOM   845  C  CA  . LYS B 2 16 ? -6.448  -11.736 1.500   1.00   16.61 ? 7    LYS B CA  1 
ATOM   846  C  C   . LYS B 2 16 ? -7.516  -11.022 2.300   1.00   16.82 ? 7    LYS B C   1 
ATOM   847  O  O   . LYS B 2 16 ? -8.404  -10.379 1.732   1.00   15.61 ? 7    LYS B O   1 
ATOM   848  C  CB  . LYS B 2 16 ? -5.294  -10.766 1.242   1.00   16.43 ? 7    LYS B CB  1 
ATOM   849  C  CG  . LYS B 2 16 ? -4.068  -11.399 0.604   1.00   16.15 ? 7    LYS B CG  1 
ATOM   850  C  CD  . LYS B 2 16 ? -3.262  -12.245 1.579   1.00   16.89 ? 7    LYS B CD  1 
ATOM   851  C  CE  . LYS B 2 16 ? -1.988  -12.756 0.907   1.00   16.70 ? 7    LYS B CE  1 
ATOM   852  N  NZ  . LYS B 2 16 ? -2.291  -13.622 -0.267  1.00   16.80 ? 7    LYS B NZ  1 
ATOM   853  N  N   . ASN B 2 17 ? -7.367  -11.103 3.620   1.00   16.94 ? 8    ASN B N   1 
ATOM   854  C  CA  . ASN B 2 17 ? -8.292  -10.551 4.599   1.00   19.06 ? 8    ASN B CA  1 
ATOM   855  C  C   . ASN B 2 17 ? -7.447  -9.665  5.515   1.00   18.95 ? 8    ASN B C   1 
ATOM   856  O  O   . ASN B 2 17 ? -6.492  -10.150 6.113   1.00   20.93 ? 8    ASN B O   1 
ATOM   857  C  CB  . ASN B 2 17 ? -8.890  -11.728 5.385   1.00   20.93 ? 8    ASN B CB  1 
ATOM   858  C  CG  . ASN B 2 17 ? -10.278 -11.458 5.946   1.00   23.10 ? 8    ASN B CG  1 
ATOM   859  O  OD1 . ASN B 2 17 ? -10.823 -12.304 6.659   1.00   24.15 ? 8    ASN B OD1 1 
ATOM   860  N  ND2 . ASN B 2 17 ? -10.868 -10.310 5.620   1.00   23.80 ? 8    ASN B ND2 1 
ATOM   861  N  N   . THR B 2 18 ? -7.747  -8.369  5.598   1.00   17.86 ? 9    THR B N   1 
ATOM   862  C  CA  . THR B 2 18 ? -6.978  -7.469  6.476   1.00   17.30 ? 9    THR B CA  1 
ATOM   863  C  C   . THR B 2 18 ? -7.853  -6.768  7.495   1.00   17.04 ? 9    THR B C   1 
ATOM   864  O  O   . THR B 2 18 ? -9.029  -6.527  7.254   1.00   16.69 ? 9    THR B O   1 
ATOM   865  C  CB  . THR B 2 18 ? -6.165  -6.388  5.713   1.00   17.15 ? 9    THR B CB  1 
ATOM   866  O  OG1 . THR B 2 18 ? -7.049  -5.388  5.180   1.00   17.31 ? 9    THR B OG1 1 
ATOM   867  C  CG2 . THR B 2 18 ? -5.320  -6.999  4.583   1.00   17.32 ? 9    THR B CG2 1 
ATOM   868  N  N   . MET B 2 19 ? -7.261  -6.429  8.632   1.00   17.02 ? 10   MET B N   1 
ATOM   869  C  CA  . MET B 2 19 ? -7.944  -5.655  9.648   1.00   17.91 ? 10   MET B CA  1 
ATOM   870  C  C   . MET B 2 19 ? -6.941  -4.706  10.287  1.00   18.19 ? 10   MET B C   1 
ATOM   871  O  O   . MET B 2 19 ? -5.818  -5.111  10.599  1.00   18.22 ? 10   MET B O   1 
ATOM   872  C  CB  . MET B 2 19 ? -8.558  -6.584  10.703  1.00   19.11 ? 10   MET B CB  1 
ATOM   873  C  CG  . MET B 2 19 ? -9.460  -5.862  11.687  1.00   20.62 ? 10   MET B CG  1 
ATOM   874  S  SD  . MET B 2 19 ? -10.857 -5.072  10.862  1.00   20.93 ? 10   MET B SD  1 
ATOM   875  C  CE  . MET B 2 19 ? -11.116 -3.654  11.924  1.00   21.55 ? 10   MET B CE  1 
ATOM   876  N  N   . THR B 2 20 ? -7.332  -3.445  10.447  1.00   17.68 ? 11   THR B N   1 
ATOM   877  C  CA  . THR B 2 20 ? -6.496  -2.467  11.126  1.00   17.98 ? 11   THR B CA  1 
ATOM   878  C  C   . THR B 2 20 ? -6.410  -2.794  12.622  1.00   20.12 ? 11   THR B C   1 
ATOM   879  O  O   . THR B 2 20 ? -7.318  -3.420  13.177  1.00   18.32 ? 11   THR B O   1 
ATOM   880  C  CB  . THR B 2 20 ? -7.038  -1.035  10.934  1.00   17.42 ? 11   THR B CB  1 
ATOM   881  O  OG1 . THR B 2 20 ? -8.454  -1.018  11.183  1.00   16.05 ? 11   THR B OG1 1 
ATOM   882  C  CG2 . THR B 2 20 ? -6.769  -0.546  9.506   1.00   16.77 ? 11   THR B CG2 1 
ATOM   883  N  N   . ASP B 2 21 ? -5.310  -2.377  13.257  1.00   23.80 ? 12   ASP B N   1 
ATOM   884  C  CA  . ASP B 2 21 ? -5.134  -2.520  14.710  1.00   28.83 ? 12   ASP B CA  1 
ATOM   885  C  C   . ASP B 2 21 ? -6.054  -1.539  15.442  1.00   31.72 ? 12   ASP B C   1 
ATOM   886  O  O   . ASP B 2 21 ? -6.407  -0.491  14.893  1.00   32.16 ? 12   ASP B O   1 
ATOM   887  C  CB  . ASP B 2 21 ? -3.676  -2.240  15.113  1.00   30.91 ? 12   ASP B CB  1 
ATOM   888  C  CG  . ASP B 2 21 ? -2.656  -3.119  14.365  1.00   32.95 ? 12   ASP B CG  1 
ATOM   889  O  OD1 . ASP B 2 21 ? -2.981  -4.244  13.941  1.00   33.51 ? 12   ASP B OD1 1 
ATOM   890  O  OD2 . ASP B 2 21 ? -1.498  -2.679  14.222  1.00   36.23 ? 12   ASP B OD2 1 
ATOM   891  N  N   . SER B 2 22 ? -6.414  -1.865  16.687  1.00   35.75 ? 13   SER B N   1 
ATOM   892  C  CA  . SER B 2 22 ? -7.309  -1.029  17.514  1.00   37.70 ? 13   SER B CA  1 
ATOM   893  C  C   . SER B 2 22 ? -7.006  0.474   17.469  1.00   38.40 ? 13   SER B C   1 
ATOM   894  O  O   . SER B 2 22 ? -5.967  0.929   17.951  1.00   40.54 ? 13   SER B O   1 
ATOM   895  C  CB  . SER B 2 22 ? -7.301  -1.511  18.968  0.50   38.02 ? 13   SER B CB  1 
ATOM   896  O  OG  . SER B 2 22 ? -7.840  -2.814  19.072  0.50   39.21 ? 13   SER B OG  1 
HETATM 897  CO CO  . CO  C 3 .  ? 7.192   16.635  5.235   1.00   30.83 ? 1090 CO  A CO  1 
HETATM 898  C  C   . TRS D 4 .  ? 0.906   -0.030  14.354  1.00   64.19 ? 1091 TRS A C   1 
HETATM 899  C  C1  . TRS D 4 .  ? 0.982   1.471   14.101  1.00   64.14 ? 1091 TRS A C1  1 
HETATM 900  C  C2  . TRS D 4 .  ? 2.253   -0.689  14.082  1.00   63.84 ? 1091 TRS A C2  1 
HETATM 901  C  C3  . TRS D 4 .  ? 0.440   -0.317  15.779  1.00   65.05 ? 1091 TRS A C3  1 
HETATM 902  N  N   . TRS D 4 .  ? -0.075  -0.613  13.404  1.00   62.29 ? 1091 TRS A N   1 
HETATM 903  O  O1  . TRS D 4 .  ? 1.844   2.108   15.053  1.00   64.96 ? 1091 TRS A O1  1 
HETATM 904  O  O2  . TRS D 4 .  ? 2.079   -2.108  13.996  1.00   63.40 ? 1091 TRS A O2  1 
HETATM 905  O  O3  . TRS D 4 .  ? -0.986  -0.209  15.863  1.00   67.00 ? 1091 TRS A O3  1 
HETATM 906  S  S   . SO4 E 5 .  ? 0.448   9.367   12.498  1.00   99.75 ? 1092 SO4 A S   1 
HETATM 907  O  O1  . SO4 E 5 .  ? 0.152   10.322  11.401  1.00   99.18 ? 1092 SO4 A O1  1 
HETATM 908  O  O2  . SO4 E 5 .  ? -0.816  8.982   13.161  1.00   97.69 ? 1092 SO4 A O2  1 
HETATM 909  O  O3  . SO4 E 5 .  ? 1.346   10.003  13.492  1.00   99.84 ? 1092 SO4 A O3  1 
HETATM 910  O  O4  . SO4 E 5 .  ? 1.115   8.171   11.935  1.00   97.24 ? 1092 SO4 A O4  1 
HETATM 911  O  O   . HOH F 6 .  ? 7.183   10.015  15.995  1.00   38.93 ? 2001 HOH A O   1 
HETATM 912  O  O   . HOH F 6 .  ? 7.170   18.810  6.312   1.00   36.71 ? 2002 HOH A O   1 
HETATM 913  O  O   . HOH F 6 .  ? 7.666   14.099  11.771  1.00   40.57 ? 2003 HOH A O   1 
HETATM 914  O  O   . HOH F 6 .  ? 0.542   13.899  5.529   1.00   40.36 ? 2004 HOH A O   1 
HETATM 915  O  O   . HOH F 6 .  ? -0.876  -8.382  13.134  1.00   47.48 ? 2005 HOH A O   1 
HETATM 916  O  O   . HOH F 6 .  ? 11.387  6.973   8.126   1.00   31.12 ? 2006 HOH A O   1 
HETATM 917  O  O   . HOH F 6 .  ? 9.623   9.449   14.684  1.00   42.55 ? 2007 HOH A O   1 
HETATM 918  O  O   . HOH F 6 .  ? 12.100  13.152  14.022  1.00   38.27 ? 2008 HOH A O   1 
HETATM 919  O  O   . HOH F 6 .  ? 6.368   5.963   13.076  1.00   25.51 ? 2009 HOH A O   1 
HETATM 920  O  O   . HOH F 6 .  ? 4.107   1.912   11.850  1.00   18.61 ? 2010 HOH A O   1 
HETATM 921  O  O   . HOH F 6 .  ? 4.807   -2.470  15.534  1.00   55.04 ? 2011 HOH A O   1 
HETATM 922  O  O   . HOH F 6 .  ? 7.459   -3.788  14.214  1.00   44.47 ? 2012 HOH A O   1 
HETATM 923  O  O   . HOH F 6 .  ? 11.980  9.542   3.637   1.00   40.18 ? 2013 HOH A O   1 
HETATM 924  O  O   . HOH F 6 .  ? 9.287   -2.950  7.649   1.00   41.21 ? 2014 HOH A O   1 
HETATM 925  O  O   . HOH F 6 .  ? -0.719  11.715  -8.443  1.00   46.43 ? 2015 HOH A O   1 
HETATM 926  O  O   . HOH F 6 .  ? 7.889   -5.094  9.005   1.00   30.69 ? 2016 HOH A O   1 
HETATM 927  O  O   . HOH F 6 .  ? 4.377   -7.263  11.470  1.00   46.77 ? 2017 HOH A O   1 
HETATM 928  O  O   . HOH F 6 .  ? 5.620   -9.489  6.793   1.00   54.91 ? 2018 HOH A O   1 
HETATM 929  O  O   . HOH F 6 .  ? 1.827   -9.223  11.083  1.00   45.90 ? 2019 HOH A O   1 
HETATM 930  O  O   . HOH F 6 .  ? 4.062   -11.301 4.968   1.00   36.16 ? 2020 HOH A O   1 
HETATM 931  O  O   . HOH F 6 .  ? -3.345  -9.599  6.935   1.00   40.52 ? 2021 HOH A O   1 
HETATM 932  O  O   . HOH F 6 .  ? -2.685  -14.186 4.484   1.00   31.86 ? 2022 HOH A O   1 
HETATM 933  O  O   . HOH F 6 .  ? 6.150   -11.833 0.133   1.00   26.53 ? 2023 HOH A O   1 
HETATM 934  O  O   . HOH F 6 .  ? -1.175  8.385   -14.075 1.00   36.82 ? 2024 HOH A O   1 
HETATM 935  O  O   . HOH F 6 .  ? -0.426  4.594   -15.940 1.00   35.41 ? 2025 HOH A O   1 
HETATM 936  O  O   . HOH F 6 .  ? -1.073  12.384  -11.474 1.00   42.36 ? 2026 HOH A O   1 
HETATM 937  O  O   . HOH F 6 .  ? -4.650  8.941   -14.002 1.00   39.93 ? 2027 HOH A O   1 
HETATM 938  O  O   . HOH F 6 .  ? 5.548   -14.074 -1.405  1.00   37.38 ? 2028 HOH A O   1 
HETATM 939  O  O   . HOH F 6 .  ? 3.267   -16.187 -3.904  1.00   39.16 ? 2029 HOH A O   1 
HETATM 940  O  O   . HOH F 6 .  ? -0.619  -15.164 -1.820  1.00   40.39 ? 2030 HOH A O   1 
HETATM 941  O  O   . HOH F 6 .  ? 9.508   -11.939 -1.299  1.00   49.63 ? 2031 HOH A O   1 
HETATM 942  O  O   . HOH F 6 .  ? 6.599   -9.093  -6.469  1.00   20.11 ? 2032 HOH A O   1 
HETATM 943  O  O   . HOH F 6 .  ? 10.671  -6.127  -8.140  1.00   37.14 ? 2033 HOH A O   1 
HETATM 944  O  O   . HOH F 6 .  ? 12.214  -11.307 -2.801  1.00   36.08 ? 2034 HOH A O   1 
HETATM 945  O  O   . HOH F 6 .  ? 13.354  -8.441  -4.431  1.00   22.88 ? 2035 HOH A O   1 
HETATM 946  O  O   . HOH F 6 .  ? 10.510  -5.547  3.006   1.00   49.61 ? 2036 HOH A O   1 
HETATM 947  O  O   . HOH F 6 .  ? 13.287  -0.886  -4.171  1.00   37.50 ? 2037 HOH A O   1 
HETATM 948  O  O   . HOH F 6 .  ? 11.289  -3.954  -8.223  1.00   32.63 ? 2038 HOH A O   1 
HETATM 949  O  O   . HOH F 6 .  ? -10.213 0.727   17.077  1.00   48.45 ? 2039 HOH A O   1 
HETATM 950  O  O   . HOH F 6 .  ? 8.145   -8.247  4.484   1.00   31.64 ? 2040 HOH A O   1 
HETATM 951  O  O   . HOH F 6 .  ? 7.951   -10.978 3.065   1.00   44.03 ? 2041 HOH A O   1 
HETATM 952  O  O   . HOH F 6 .  ? 10.480  -2.830  2.563   1.00   40.51 ? 2042 HOH A O   1 
HETATM 953  O  O   . HOH F 6 .  ? -2.555  -7.126  10.549  1.00   32.57 ? 2043 HOH A O   1 
HETATM 954  O  O   . HOH F 6 .  ? 11.828  3.459   -4.458  1.00   38.04 ? 2044 HOH A O   1 
HETATM 955  O  O   . HOH F 6 .  ? 10.255  8.148   -0.175  1.00   38.03 ? 2045 HOH A O   1 
HETATM 956  O  O   . HOH F 6 .  ? 6.416   13.790  -2.265  1.00   21.35 ? 2046 HOH A O   1 
HETATM 957  O  O   . HOH F 6 .  ? 11.793  7.957   -2.570  1.00   49.70 ? 2047 HOH A O   1 
HETATM 958  O  O   . HOH F 6 .  ? 10.581  11.920  2.925   1.00   40.73 ? 2048 HOH A O   1 
HETATM 959  O  O   . HOH F 6 .  ? 0.654   13.879  -7.383  1.00   46.91 ? 2049 HOH A O   1 
HETATM 960  O  O   . HOH F 6 .  ? -3.174  12.170  -6.836  1.00   39.76 ? 2050 HOH A O   1 
HETATM 961  O  O   . HOH F 6 .  ? -2.629  17.172  -7.403  0.50   41.86 ? 2051 HOH A O   1 
HETATM 962  O  O   . HOH F 6 .  ? -4.378  15.570  0.452   1.00   14.21 ? 2052 HOH A O   1 
HETATM 963  O  O   . HOH F 6 .  ? -1.545  11.990  7.126   1.00   51.61 ? 2053 HOH A O   1 
HETATM 964  O  O   . HOH F 6 .  ? -9.099  10.851  8.353   1.00   38.47 ? 2054 HOH A O   1 
HETATM 965  O  O   . HOH F 6 .  ? -8.272  13.327  6.413   1.00   53.09 ? 2055 HOH A O   1 
HETATM 966  O  O   . HOH F 6 .  ? -8.663  16.302  -1.681  1.00   26.57 ? 2056 HOH A O   1 
HETATM 967  O  O   . HOH F 6 .  ? -4.976  14.205  -5.852  1.00   47.05 ? 2057 HOH A O   1 
HETATM 968  O  O   . HOH F 6 .  ? 1.349   9.308   -8.568  1.00   25.20 ? 2058 HOH A O   1 
HETATM 969  O  O   . HOH F 6 .  ? 6.169   13.557  -5.259  1.00   40.95 ? 2059 HOH A O   1 
HETATM 970  O  O   . HOH F 6 .  ? -5.450  1.559   -14.227 1.00   31.86 ? 2060 HOH A O   1 
HETATM 971  O  O   . HOH F 6 .  ? 2.005   8.502   -11.208 1.00   44.41 ? 2061 HOH A O   1 
HETATM 972  O  O   . HOH F 6 .  ? -0.945  5.803   -13.560 1.00   19.16 ? 2062 HOH A O   1 
HETATM 973  O  O   . HOH F 6 .  ? -3.768  12.364  -12.568 1.00   46.89 ? 2063 HOH A O   1 
HETATM 974  O  O   . HOH F 6 .  ? 7.580   6.109   -11.554 1.00   41.40 ? 2064 HOH A O   1 
HETATM 975  O  O   . HOH F 6 .  ? 0.859   1.965   -16.655 1.00   38.99 ? 2065 HOH A O   1 
HETATM 976  O  O   . HOH F 6 .  ? -3.356  4.861   -13.098 1.00   24.52 ? 2066 HOH A O   1 
HETATM 977  O  O   . HOH F 6 .  ? 4.831   -0.771  -15.873 1.00   28.30 ? 2067 HOH A O   1 
HETATM 978  O  O   . HOH F 6 .  ? 0.145   10.094  -12.508 1.00   46.30 ? 2068 HOH A O   1 
HETATM 979  O  O   . HOH F 6 .  ? 6.063   3.047   -17.290 1.00   35.97 ? 2069 HOH A O   1 
HETATM 980  O  O   . HOH F 6 .  ? 6.669   -2.798  -15.558 1.00   26.39 ? 2070 HOH A O   1 
HETATM 981  O  O   . HOH F 6 .  ? 3.881   -6.001  -11.644 1.00   28.00 ? 2071 HOH A O   1 
HETATM 982  O  O   . HOH F 6 .  ? 6.325   -4.855  -17.074 1.00   25.35 ? 2072 HOH A O   1 
HETATM 983  O  O   . HOH F 6 .  ? 5.539   -7.329  -15.671 1.00   46.02 ? 2073 HOH A O   1 
HETATM 984  O  O   . HOH F 6 .  ? 4.270   -4.191  -19.201 1.00   29.50 ? 2074 HOH A O   1 
HETATM 985  O  O   . HOH F 6 .  ? 2.915   -6.326  -18.905 1.00   45.14 ? 2075 HOH A O   1 
HETATM 986  O  O   . HOH F 6 .  ? -6.664  -0.463  -15.790 1.00   37.55 ? 2076 HOH A O   1 
HETATM 987  O  O   . HOH F 6 .  ? -5.126  1.545   12.832  1.00   22.61 ? 2077 HOH A O   1 
HETATM 988  O  O   . HOH F 6 .  ? -9.321  2.423   14.339  1.00   47.10 ? 2078 HOH A O   1 
HETATM 989  O  O   . HOH F 6 .  ? -9.037  -0.494  13.664  1.00   22.66 ? 2079 HOH A O   1 
HETATM 990  O  O   . HOH F 6 .  ? -7.134  -3.511  7.126   1.00   15.74 ? 2080 HOH A O   1 
HETATM 991  O  O   . HOH F 6 .  ? -12.021 -17.299 3.487   1.00   38.13 ? 2081 HOH A O   1 
HETATM 992  O  O   . HOH F 6 .  ? 0.715   -10.078 -12.322 1.00   31.04 ? 2082 HOH A O   1 
HETATM 993  O  O   . HOH F 6 .  ? -6.455  -10.192 -12.572 1.00   47.98 ? 2083 HOH A O   1 
HETATM 994  O  O   . HOH F 6 .  ? 1.263   -12.619 -11.084 1.00   39.46 ? 2084 HOH A O   1 
HETATM 995  O  O   . HOH F 6 .  ? 8.663   -16.835 -2.690  1.00   53.72 ? 2085 HOH A O   1 
HETATM 996  O  O   . HOH F 6 .  ? 9.267   -12.562 -5.125  1.00   49.18 ? 2086 HOH A O   1 
HETATM 997  O  O   . HOH F 6 .  ? -3.305  -4.390  11.103  1.00   26.17 ? 2087 HOH A O   1 
HETATM 998  O  O   . HOH F 6 .  ? -3.673  3.704   13.650  1.00   25.25 ? 2088 HOH A O   1 
HETATM 999  O  O   . HOH F 6 .  ? 2.743   -8.003  -13.920 1.00   54.39 ? 2089 HOH A O   1 
HETATM 1000 O  O   . HOH F 6 .  ? 0.623   -6.995  -15.656 1.00   36.46 ? 2090 HOH A O   1 
HETATM 1001 O  O   . HOH F 6 .  ? -7.071  -10.978 -9.752  1.00   48.58 ? 2091 HOH A O   1 
HETATM 1002 O  O   . HOH G 6 .  ? -5.263  -12.814 4.626   1.00   26.35 ? 2001 HOH B O   1 
HETATM 1003 O  O   . HOH G 6 .  ? -7.994  -16.176 -5.188  1.00   36.79 ? 2002 HOH B O   1 
HETATM 1004 O  O   . HOH G 6 .  ? -10.991 -15.983 -5.074  1.00   36.06 ? 2003 HOH B O   1 
HETATM 1005 O  O   . HOH G 6 .  ? -13.115 -16.295 -2.097  1.00   25.53 ? 2004 HOH B O   1 
HETATM 1006 O  O   . HOH G 6 .  ? 0.684   -14.833 0.773   1.00   46.63 ? 2005 HOH B O   1 
HETATM 1007 O  O   . HOH G 6 .  ? -4.858  -7.953  9.253   1.00   22.17 ? 2006 HOH B O   1 
HETATM 1008 O  O   . HOH G 6 .  ? -6.006  -6.949  13.479  1.00   46.84 ? 2007 HOH B O   1 
HETATM 1009 O  O   . HOH G 6 .  ? -9.608  -3.204  15.208  1.00   42.56 ? 2008 HOH B O   1 
# 
loop_
_pdbx_poly_seq_scheme.asym_id 
_pdbx_poly_seq_scheme.entity_id 
_pdbx_poly_seq_scheme.seq_id 
_pdbx_poly_seq_scheme.mon_id 
_pdbx_poly_seq_scheme.ndb_seq_num 
_pdbx_poly_seq_scheme.pdb_seq_num 
_pdbx_poly_seq_scheme.auth_seq_num 
_pdbx_poly_seq_scheme.pdb_mon_id 
_pdbx_poly_seq_scheme.auth_mon_id 
_pdbx_poly_seq_scheme.pdb_strand_id 
_pdbx_poly_seq_scheme.pdb_ins_code 
_pdbx_poly_seq_scheme.hetero 
A 1 1  GLY 1  -2 -2 GLY GLY A . n 
A 1 2  SER 2  -1 -1 SER SER A . n 
A 1 3  HIS 3  0  0  HIS HIS A . n 
A 1 4  MET 4  1  1  MET MET A . n 
A 1 5  SER 5  2  2  SER SER A . n 
A 1 6  ASP 6  3  3  ASP ASP A . n 
A 1 7  ARG 7  4  4  ARG ARG A . n 
A 1 8  LYS 8  5  5  LYS LYS A . n 
A 1 9  ALA 9  6  6  ALA ALA A . n 
A 1 10 VAL 10 7  7  VAL VAL A . n 
A 1 11 ILE 11 8  8  ILE ILE A . n 
A 1 12 LYS 12 9  9  LYS LYS A . n 
A 1 13 ASN 13 10 10 ASN ASN A . n 
A 1 14 ALA 14 11 11 ALA ALA A . n 
A 1 15 ASP 15 12 12 ASP ASP A . n 
A 1 16 MET 16 13 13 MET MET A . n 
A 1 17 SER 17 14 14 SER SER A . n 
A 1 18 GLU 18 15 15 GLU GLU A . n 
A 1 19 ASP 19 16 16 ASP ASP A . n 
A 1 20 MET 20 17 17 MET MET A . n 
A 1 21 GLN 21 18 18 GLN GLN A . n 
A 1 22 GLN 22 19 19 GLN GLN A . n 
A 1 23 ASP 23 20 20 ASP ASP A . n 
A 1 24 ALA 24 21 21 ALA ALA A . n 
A 1 25 VAL 25 22 22 VAL VAL A . n 
A 1 26 ASP 26 23 23 ASP ASP A . n 
A 1 27 CYS 27 24 24 CYS CYS A . n 
A 1 28 ALA 28 25 25 ALA ALA A . n 
A 1 29 THR 29 26 26 THR THR A . n 
A 1 30 GLN 30 27 27 GLN GLN A . n 
A 1 31 ALA 31 28 28 ALA ALA A . n 
A 1 32 MET 32 29 29 MET MET A . n 
A 1 33 GLU 33 30 30 GLU GLU A . n 
A 1 34 LYS 34 31 31 LYS LYS A . n 
A 1 35 TYR 35 32 32 TYR TYR A . n 
A 1 36 ASN 36 33 33 ASN ASN A . n 
A 1 37 ILE 37 34 34 ILE ILE A . n 
A 1 38 GLU 38 35 35 GLU GLU A . n 
A 1 39 LYS 39 36 36 LYS LYS A . n 
A 1 40 ASP 40 37 37 ASP ASP A . n 
A 1 41 ILE 41 38 38 ILE ILE A . n 
A 1 42 ALA 42 39 39 ALA ALA A . n 
A 1 43 ALA 43 40 40 ALA ALA A . n 
A 1 44 TYR 44 41 41 TYR TYR A . n 
A 1 45 ILE 45 42 42 ILE ILE A . n 
A 1 46 LYS 46 43 43 LYS LYS A . n 
A 1 47 LYS 47 44 44 LYS LYS A . n 
A 1 48 GLU 48 45 45 GLU GLU A . n 
A 1 49 PHE 49 46 46 PHE PHE A . n 
A 1 50 ASP 50 47 47 ASP ASP A . n 
A 1 51 LYS 51 48 48 LYS LYS A . n 
A 1 52 LYS 52 49 49 LYS LYS A . n 
A 1 53 TYR 53 50 50 TYR TYR A . n 
A 1 54 ASN 54 51 51 ASN ASN A . n 
A 1 55 PRO 55 52 52 PRO PRO A . n 
A 1 56 THR 56 53 53 THR THR A . n 
A 1 57 TRP 57 54 54 TRP TRP A . n 
A 1 58 HIS 58 55 55 HIS HIS A . n 
A 1 59 CYS 59 56 56 CYS CYS A . n 
A 1 60 ILE 60 57 57 ILE ILE A . n 
A 1 61 VAL 61 58 58 VAL VAL A . n 
A 1 62 GLY 62 59 59 GLY GLY A . n 
A 1 63 ARG 63 60 60 ARG ARG A . n 
A 1 64 ASN 64 61 61 ASN ASN A . n 
A 1 65 PHE 65 62 62 PHE PHE A . n 
A 1 66 GLY 66 63 63 GLY GLY A . n 
A 1 67 SER 67 64 64 SER SER A . n 
A 1 68 TYR 68 65 65 TYR TYR A . n 
A 1 69 VAL 69 66 66 VAL VAL A . n 
A 1 70 THR 70 67 67 THR THR A . n 
A 1 71 HIS 71 68 68 HIS HIS A . n 
A 1 72 GLU 72 69 69 GLU GLU A . n 
A 1 73 THR 73 70 70 THR THR A . n 
A 1 74 LYS 74 71 71 LYS LYS A . n 
A 1 75 HIS 75 72 72 HIS HIS A . n 
A 1 76 PHE 76 73 73 PHE PHE A . n 
A 1 77 ILE 77 74 74 ILE ILE A . n 
A 1 78 TYR 78 75 75 TYR TYR A . n 
A 1 79 PHE 79 76 76 PHE PHE A . n 
A 1 80 TYR 80 77 77 TYR TYR A . n 
A 1 81 LEU 81 78 78 LEU LEU A . n 
A 1 82 GLY 82 79 79 GLY GLY A . n 
A 1 83 GLN 83 80 80 GLN GLN A . n 
A 1 84 VAL 84 81 81 VAL VAL A . n 
A 1 85 ALA 85 82 82 ALA ALA A . n 
A 1 86 ILE 86 83 83 ILE ILE A . n 
A 1 87 LEU 87 84 84 LEU LEU A . n 
A 1 88 LEU 88 85 85 LEU LEU A . n 
A 1 89 PHE 89 86 86 PHE PHE A . n 
A 1 90 LYS 90 87 87 LYS LYS A . n 
A 1 91 SER 91 88 88 SER SER A . n 
A 1 92 GLY 92 89 89 GLY GLY A . n 
B 2 1  GLY 1  -8 ?  ?   ?   B . n 
B 2 2  SER 2  -7 ?  ?   ?   B . n 
B 2 3  HIS 3  -6 ?  ?   ?   B . n 
B 2 4  MET 4  -5 ?  ?   ?   B . n 
B 2 5  SER 5  -4 ?  ?   ?   B . n 
B 2 6  GLN 6  -3 ?  ?   ?   B . n 
B 2 7  LYS 7  -2 ?  ?   ?   B . n 
B 2 8  GLU 8  -1 ?  ?   ?   B . n 
B 2 9  ALA 9  0  ?  ?   ?   B . n 
B 2 10 ILE 10 1  ?  ?   ?   B . n 
B 2 11 GLN 11 2  2  GLN GLN B . n 
B 2 12 PRO 12 3  3  PRO PRO B . n 
B 2 13 LYS 13 4  4  LYS LYS B . n 
B 2 14 ASP 14 5  5  ASP ASP B . n 
B 2 15 ASP 15 6  6  ASP ASP B . n 
B 2 16 LYS 16 7  7  LYS LYS B . n 
B 2 17 ASN 17 8  8  ASN ASN B . n 
B 2 18 THR 18 9  9  THR THR B . n 
B 2 19 MET 19 10 10 MET MET B . n 
B 2 20 THR 20 11 11 THR THR B . n 
B 2 21 ASP 21 12 12 ASP ASP B . n 
B 2 22 SER 22 13 13 SER SER B . n 
B 2 23 THR 23 14 ?  ?   ?   B . n 
B 2 24 ILE 24 15 ?  ?   ?   B . n 
B 2 25 LEU 25 16 ?  ?   ?   B . n 
B 2 26 LEU 26 17 ?  ?   ?   B . n 
B 2 27 GLU 27 18 ?  ?   ?   B . n 
# 
loop_
_pdbx_nonpoly_scheme.asym_id 
_pdbx_nonpoly_scheme.entity_id 
_pdbx_nonpoly_scheme.mon_id 
_pdbx_nonpoly_scheme.ndb_seq_num 
_pdbx_nonpoly_scheme.pdb_seq_num 
_pdbx_nonpoly_scheme.auth_seq_num 
_pdbx_nonpoly_scheme.pdb_mon_id 
_pdbx_nonpoly_scheme.auth_mon_id 
_pdbx_nonpoly_scheme.pdb_strand_id 
_pdbx_nonpoly_scheme.pdb_ins_code 
C 3 CO  1  1090 1090 CO  CO  A . 
D 4 TRS 1  1091 1091 TRS TRS A . 
E 5 SO4 1  1092 1092 SO4 SO4 A . 
F 6 HOH 1  2001 2001 HOH HOH A . 
F 6 HOH 2  2002 2002 HOH HOH A . 
F 6 HOH 3  2003 2003 HOH HOH A . 
F 6 HOH 4  2004 2004 HOH HOH A . 
F 6 HOH 5  2005 2005 HOH HOH A . 
F 6 HOH 6  2006 2006 HOH HOH A . 
F 6 HOH 7  2007 2007 HOH HOH A . 
F 6 HOH 8  2008 2008 HOH HOH A . 
F 6 HOH 9  2009 2009 HOH HOH A . 
F 6 HOH 10 2010 2010 HOH HOH A . 
F 6 HOH 11 2011 2011 HOH HOH A . 
F 6 HOH 12 2012 2012 HOH HOH A . 
F 6 HOH 13 2013 2013 HOH HOH A . 
F 6 HOH 14 2014 2014 HOH HOH A . 
F 6 HOH 15 2015 2015 HOH HOH A . 
F 6 HOH 16 2016 2016 HOH HOH A . 
F 6 HOH 17 2017 2017 HOH HOH A . 
F 6 HOH 18 2018 2018 HOH HOH A . 
F 6 HOH 19 2019 2019 HOH HOH A . 
F 6 HOH 20 2020 2020 HOH HOH A . 
F 6 HOH 21 2021 2021 HOH HOH A . 
F 6 HOH 22 2022 2022 HOH HOH A . 
F 6 HOH 23 2023 2023 HOH HOH A . 
F 6 HOH 24 2024 2024 HOH HOH A . 
F 6 HOH 25 2025 2025 HOH HOH A . 
F 6 HOH 26 2026 2026 HOH HOH A . 
F 6 HOH 27 2027 2027 HOH HOH A . 
F 6 HOH 28 2028 2028 HOH HOH A . 
F 6 HOH 29 2029 2029 HOH HOH A . 
F 6 HOH 30 2030 2030 HOH HOH A . 
F 6 HOH 31 2031 2031 HOH HOH A . 
F 6 HOH 32 2032 2032 HOH HOH A . 
F 6 HOH 33 2033 2033 HOH HOH A . 
F 6 HOH 34 2034 2034 HOH HOH A . 
F 6 HOH 35 2035 2035 HOH HOH A . 
F 6 HOH 36 2036 2036 HOH HOH A . 
F 6 HOH 37 2037 2037 HOH HOH A . 
F 6 HOH 38 2038 2038 HOH HOH A . 
F 6 HOH 39 2039 2039 HOH HOH A . 
F 6 HOH 40 2040 2040 HOH HOH A . 
F 6 HOH 41 2041 2041 HOH HOH A . 
F 6 HOH 42 2042 2042 HOH HOH A . 
F 6 HOH 43 2043 2043 HOH HOH A . 
F 6 HOH 44 2044 2044 HOH HOH A . 
F 6 HOH 45 2045 2045 HOH HOH A . 
F 6 HOH 46 2046 2046 HOH HOH A . 
F 6 HOH 47 2047 2047 HOH HOH A . 
F 6 HOH 48 2048 2048 HOH HOH A . 
F 6 HOH 49 2049 2049 HOH HOH A . 
F 6 HOH 50 2050 2050 HOH HOH A . 
F 6 HOH 51 2051 2051 HOH HOH A . 
F 6 HOH 52 2052 2052 HOH HOH A . 
F 6 HOH 53 2053 2053 HOH HOH A . 
F 6 HOH 54 2054 2054 HOH HOH A . 
F 6 HOH 55 2055 2055 HOH HOH A . 
F 6 HOH 56 2056 2056 HOH HOH A . 
F 6 HOH 57 2057 2057 HOH HOH A . 
F 6 HOH 58 2058 2058 HOH HOH A . 
F 6 HOH 59 2059 2059 HOH HOH A . 
F 6 HOH 60 2060 2060 HOH HOH A . 
F 6 HOH 61 2061 2061 HOH HOH A . 
F 6 HOH 62 2062 2062 HOH HOH A . 
F 6 HOH 63 2063 2063 HOH HOH A . 
F 6 HOH 64 2064 2064 HOH HOH A . 
F 6 HOH 65 2065 2065 HOH HOH A . 
F 6 HOH 66 2066 2066 HOH HOH A . 
F 6 HOH 67 2067 2067 HOH HOH A . 
F 6 HOH 68 2068 2068 HOH HOH A . 
F 6 HOH 69 2069 2069 HOH HOH A . 
F 6 HOH 70 2070 2070 HOH HOH A . 
F 6 HOH 71 2071 2071 HOH HOH A . 
F 6 HOH 72 2072 2072 HOH HOH A . 
F 6 HOH 73 2073 2073 HOH HOH A . 
F 6 HOH 74 2074 2074 HOH HOH A . 
F 6 HOH 75 2075 2075 HOH HOH A . 
F 6 HOH 76 2076 2076 HOH HOH A . 
F 6 HOH 77 2077 2077 HOH HOH A . 
F 6 HOH 78 2078 2078 HOH HOH A . 
F 6 HOH 79 2079 2079 HOH HOH A . 
F 6 HOH 80 2080 2080 HOH HOH A . 
F 6 HOH 81 2081 2081 HOH HOH A . 
F 6 HOH 82 2082 2082 HOH HOH A . 
F 6 HOH 83 2083 2083 HOH HOH A . 
F 6 HOH 84 2084 2084 HOH HOH A . 
F 6 HOH 85 2085 2085 HOH HOH A . 
F 6 HOH 86 2086 2086 HOH HOH A . 
F 6 HOH 87 2087 2087 HOH HOH A . 
F 6 HOH 88 2088 2088 HOH HOH A . 
F 6 HOH 89 2089 2089 HOH HOH A . 
F 6 HOH 90 2090 2090 HOH HOH A . 
F 6 HOH 91 2091 2091 HOH HOH A . 
G 6 HOH 1  2001 2001 HOH HOH B . 
G 6 HOH 2  2002 2002 HOH HOH B . 
G 6 HOH 3  2003 2003 HOH HOH B . 
G 6 HOH 4  2004 2004 HOH HOH B . 
G 6 HOH 5  2005 2005 HOH HOH B . 
G 6 HOH 6  2006 2006 HOH HOH B . 
G 6 HOH 7  2007 2007 HOH HOH B . 
G 6 HOH 8  2008 2008 HOH HOH B . 
# 
_pdbx_struct_assembly.id                   1 
_pdbx_struct_assembly.details              author_and_software_defined_assembly 
_pdbx_struct_assembly.method_details       PISA 
_pdbx_struct_assembly.oligomeric_details   tetrameric 
_pdbx_struct_assembly.oligomeric_count     4 
# 
_pdbx_struct_assembly_gen.assembly_id       1 
_pdbx_struct_assembly_gen.oper_expression   1,2 
_pdbx_struct_assembly_gen.asym_id_list      A,B,C,D,E,F,G 
# 
loop_
_pdbx_struct_assembly_prop.biol_id 
_pdbx_struct_assembly_prop.type 
_pdbx_struct_assembly_prop.value 
_pdbx_struct_assembly_prop.details 
1 'ABSA (A^2)' 6140  ? 
1 MORE         -62.8 ? 
1 'SSA (A^2)'  9160  ? 
# 
loop_
_pdbx_struct_oper_list.id 
_pdbx_struct_oper_list.type 
_pdbx_struct_oper_list.name 
_pdbx_struct_oper_list.symmetry_operation 
_pdbx_struct_oper_list.matrix[1][1] 
_pdbx_struct_oper_list.matrix[1][2] 
_pdbx_struct_oper_list.matrix[1][3] 
_pdbx_struct_oper_list.vector[1] 
_pdbx_struct_oper_list.matrix[2][1] 
_pdbx_struct_oper_list.matrix[2][2] 
_pdbx_struct_oper_list.matrix[2][3] 
_pdbx_struct_oper_list.vector[2] 
_pdbx_struct_oper_list.matrix[3][1] 
_pdbx_struct_oper_list.matrix[3][2] 
_pdbx_struct_oper_list.matrix[3][3] 
_pdbx_struct_oper_list.vector[3] 
1 'identity operation'         1_555  x,y,z            1.0000000000  0.0000000000  0.0000000000  0.0000000000   0.0000000000  1.0000000000  0.0000000000 0.0000000000  0.0000000000  0.0000000000 1.0000000000 0.0000000000  
2 'crystal symmetry operation' 10_774 -y+2,-x+2,-z-1/6 -0.9873064041 -0.0728325734 -0.1411434752 -19.9943060519 -0.0728325734 -0.5821055114 0.8098447937 -2.4540271108 -0.1411434752 0.8098447937 0.5694119155 -0.5318455616 
# 
_pdbx_struct_special_symmetry.id              1 
_pdbx_struct_special_symmetry.PDB_model_num   1 
_pdbx_struct_special_symmetry.auth_asym_id    A 
_pdbx_struct_special_symmetry.auth_comp_id    HOH 
_pdbx_struct_special_symmetry.auth_seq_id     2051 
_pdbx_struct_special_symmetry.PDB_ins_code    ? 
_pdbx_struct_special_symmetry.label_asym_id   F 
_pdbx_struct_special_symmetry.label_comp_id   HOH 
_pdbx_struct_special_symmetry.label_seq_id    . 
# 
loop_
_pdbx_struct_conn_angle.id 
_pdbx_struct_conn_angle.ptnr1_label_atom_id 
_pdbx_struct_conn_angle.ptnr1_label_alt_id 
_pdbx_struct_conn_angle.ptnr1_label_asym_id 
_pdbx_struct_conn_angle.ptnr1_label_comp_id 
_pdbx_struct_conn_angle.ptnr1_label_seq_id 
_pdbx_struct_conn_angle.ptnr1_auth_atom_id 
_pdbx_struct_conn_angle.ptnr1_auth_asym_id 
_pdbx_struct_conn_angle.ptnr1_auth_comp_id 
_pdbx_struct_conn_angle.ptnr1_auth_seq_id 
_pdbx_struct_conn_angle.ptnr1_PDB_ins_code 
_pdbx_struct_conn_angle.ptnr1_symmetry 
_pdbx_struct_conn_angle.ptnr2_label_atom_id 
_pdbx_struct_conn_angle.ptnr2_label_alt_id 
_pdbx_struct_conn_angle.ptnr2_label_asym_id 
_pdbx_struct_conn_angle.ptnr2_label_comp_id 
_pdbx_struct_conn_angle.ptnr2_label_seq_id 
_pdbx_struct_conn_angle.ptnr2_auth_atom_id 
_pdbx_struct_conn_angle.ptnr2_auth_asym_id 
_pdbx_struct_conn_angle.ptnr2_auth_comp_id 
_pdbx_struct_conn_angle.ptnr2_auth_seq_id 
_pdbx_struct_conn_angle.ptnr2_PDB_ins_code 
_pdbx_struct_conn_angle.ptnr2_symmetry 
_pdbx_struct_conn_angle.ptnr3_label_atom_id 
_pdbx_struct_conn_angle.ptnr3_label_alt_id 
_pdbx_struct_conn_angle.ptnr3_label_asym_id 
_pdbx_struct_conn_angle.ptnr3_label_comp_id 
_pdbx_struct_conn_angle.ptnr3_label_seq_id 
_pdbx_struct_conn_angle.ptnr3_auth_atom_id 
_pdbx_struct_conn_angle.ptnr3_auth_asym_id 
_pdbx_struct_conn_angle.ptnr3_auth_comp_id 
_pdbx_struct_conn_angle.ptnr3_auth_seq_id 
_pdbx_struct_conn_angle.ptnr3_PDB_ins_code 
_pdbx_struct_conn_angle.ptnr3_symmetry 
_pdbx_struct_conn_angle.value 
_pdbx_struct_conn_angle.value_esd 
1 ND1 ? A HIS 3  ? A HIS 0  ? 1_555 CO ? C CO . ? A CO 1090 ? 1_555 OE1 ? A GLU 33 ? A GLU 30   ? 1_555 88.0  ? 
2 ND1 ? A HIS 3  ? A HIS 0  ? 1_555 CO ? C CO . ? A CO 1090 ? 1_555 O   ? F HOH .  ? A HOH 2002 ? 1_555 89.5  ? 
3 OE1 ? A GLU 33 ? A GLU 30 ? 1_555 CO ? C CO . ? A CO 1090 ? 1_555 O   ? F HOH .  ? A HOH 2002 ? 1_555 173.8 ? 
# 
loop_
_pdbx_audit_revision_history.ordinal 
_pdbx_audit_revision_history.data_content_type 
_pdbx_audit_revision_history.major_revision 
_pdbx_audit_revision_history.minor_revision 
_pdbx_audit_revision_history.revision_date 
1 'Structure model' 1 0 2014-10-22 
2 'Structure model' 1 1 2014-10-29 
3 'Structure model' 1 2 2014-12-03 
4 'Structure model' 1 3 2023-12-20 
# 
_pdbx_audit_revision_details.ordinal             1 
_pdbx_audit_revision_details.revision_ordinal    1 
_pdbx_audit_revision_details.data_content_type   'Structure model' 
_pdbx_audit_revision_details.provider            repository 
_pdbx_audit_revision_details.type                'Initial release' 
_pdbx_audit_revision_details.description         ? 
_pdbx_audit_revision_details.details             ? 
# 
loop_
_pdbx_audit_revision_group.ordinal 
_pdbx_audit_revision_group.revision_ordinal 
_pdbx_audit_revision_group.data_content_type 
_pdbx_audit_revision_group.group 
1 2 'Structure model' 'Database references'    
2 3 'Structure model' 'Database references'    
3 4 'Structure model' 'Data collection'        
4 4 'Structure model' 'Database references'    
5 4 'Structure model' 'Derived calculations'   
6 4 'Structure model' Other                    
7 4 'Structure model' 'Refinement description' 
# 
loop_
_pdbx_audit_revision_category.ordinal 
_pdbx_audit_revision_category.revision_ordinal 
_pdbx_audit_revision_category.data_content_type 
_pdbx_audit_revision_category.category 
1 4 'Structure model' chem_comp_atom                
2 4 'Structure model' chem_comp_bond                
3 4 'Structure model' database_2                    
4 4 'Structure model' pdbx_database_status          
5 4 'Structure model' pdbx_initial_refinement_model 
6 4 'Structure model' pdbx_struct_conn_angle        
7 4 'Structure model' struct_conn                   
8 4 'Structure model' struct_site                   
# 
loop_
_pdbx_audit_revision_item.ordinal 
_pdbx_audit_revision_item.revision_ordinal 
_pdbx_audit_revision_item.data_content_type 
_pdbx_audit_revision_item.item 
1  4 'Structure model' '_database_2.pdbx_DOI'                        
2  4 'Structure model' '_database_2.pdbx_database_accession'         
3  4 'Structure model' '_pdbx_database_status.status_code_sf'        
4  4 'Structure model' '_pdbx_struct_conn_angle.ptnr1_auth_comp_id'  
5  4 'Structure model' '_pdbx_struct_conn_angle.ptnr1_auth_seq_id'   
6  4 'Structure model' '_pdbx_struct_conn_angle.ptnr1_label_atom_id' 
7  4 'Structure model' '_pdbx_struct_conn_angle.ptnr1_label_comp_id' 
8  4 'Structure model' '_pdbx_struct_conn_angle.ptnr1_label_seq_id'  
9  4 'Structure model' '_pdbx_struct_conn_angle.ptnr3_auth_comp_id'  
10 4 'Structure model' '_pdbx_struct_conn_angle.ptnr3_auth_seq_id'   
11 4 'Structure model' '_pdbx_struct_conn_angle.ptnr3_label_atom_id' 
12 4 'Structure model' '_pdbx_struct_conn_angle.ptnr3_label_comp_id' 
13 4 'Structure model' '_pdbx_struct_conn_angle.ptnr3_label_seq_id'  
14 4 'Structure model' '_pdbx_struct_conn_angle.value'               
15 4 'Structure model' '_struct_conn.pdbx_dist_value'                
16 4 'Structure model' '_struct_conn.ptnr1_auth_comp_id'             
17 4 'Structure model' '_struct_conn.ptnr1_auth_seq_id'              
18 4 'Structure model' '_struct_conn.ptnr1_label_asym_id'            
19 4 'Structure model' '_struct_conn.ptnr1_label_atom_id'            
20 4 'Structure model' '_struct_conn.ptnr1_label_comp_id'            
21 4 'Structure model' '_struct_conn.ptnr1_label_seq_id'             
22 4 'Structure model' '_struct_conn.ptnr2_auth_comp_id'             
23 4 'Structure model' '_struct_conn.ptnr2_auth_seq_id'              
24 4 'Structure model' '_struct_conn.ptnr2_label_asym_id'            
25 4 'Structure model' '_struct_conn.ptnr2_label_atom_id'            
26 4 'Structure model' '_struct_conn.ptnr2_label_comp_id'            
27 4 'Structure model' '_struct_conn.ptnr2_label_seq_id'             
28 4 'Structure model' '_struct_site.pdbx_auth_asym_id'              
29 4 'Structure model' '_struct_site.pdbx_auth_comp_id'              
30 4 'Structure model' '_struct_site.pdbx_auth_seq_id'               
# 
loop_
_software.name 
_software.classification 
_software.version 
_software.citation_id 
_software.pdbx_ordinal 
REFMAC refinement       5.8.0069 ? 1 
XDS    'data reduction' .        ? 2 
XSCALE 'data scaling'   .        ? 3 
PHASER phasing          .        ? 4 
# 
loop_
_pdbx_validate_close_contact.id 
_pdbx_validate_close_contact.PDB_model_num 
_pdbx_validate_close_contact.auth_atom_id_1 
_pdbx_validate_close_contact.auth_asym_id_1 
_pdbx_validate_close_contact.auth_comp_id_1 
_pdbx_validate_close_contact.auth_seq_id_1 
_pdbx_validate_close_contact.PDB_ins_code_1 
_pdbx_validate_close_contact.label_alt_id_1 
_pdbx_validate_close_contact.auth_atom_id_2 
_pdbx_validate_close_contact.auth_asym_id_2 
_pdbx_validate_close_contact.auth_comp_id_2 
_pdbx_validate_close_contact.auth_seq_id_2 
_pdbx_validate_close_contact.PDB_ins_code_2 
_pdbx_validate_close_contact.label_alt_id_2 
_pdbx_validate_close_contact.dist 
1 1 NH2 A ARG 4  ? ? O4 A SO4 1092 ? ? 1.89 
2 1 OE1 A GLN 80 ? ? O1 A TRS 1091 ? ? 1.94 
# 
_pdbx_validate_symm_contact.id                1 
_pdbx_validate_symm_contact.PDB_model_num     1 
_pdbx_validate_symm_contact.auth_atom_id_1    O 
_pdbx_validate_symm_contact.auth_asym_id_1    A 
_pdbx_validate_symm_contact.auth_comp_id_1    HOH 
_pdbx_validate_symm_contact.auth_seq_id_1     2007 
_pdbx_validate_symm_contact.PDB_ins_code_1    ? 
_pdbx_validate_symm_contact.label_alt_id_1    ? 
_pdbx_validate_symm_contact.site_symmetry_1   1_555 
_pdbx_validate_symm_contact.auth_atom_id_2    O 
_pdbx_validate_symm_contact.auth_asym_id_2    A 
_pdbx_validate_symm_contact.auth_comp_id_2    HOH 
_pdbx_validate_symm_contact.auth_seq_id_2     2033 
_pdbx_validate_symm_contact.PDB_ins_code_2    ? 
_pdbx_validate_symm_contact.label_alt_id_2    ? 
_pdbx_validate_symm_contact.site_symmetry_2   8_565 
_pdbx_validate_symm_contact.dist              1.71 
# 
loop_
_pdbx_validate_rmsd_bond.id 
_pdbx_validate_rmsd_bond.PDB_model_num 
_pdbx_validate_rmsd_bond.auth_atom_id_1 
_pdbx_validate_rmsd_bond.auth_asym_id_1 
_pdbx_validate_rmsd_bond.auth_comp_id_1 
_pdbx_validate_rmsd_bond.auth_seq_id_1 
_pdbx_validate_rmsd_bond.PDB_ins_code_1 
_pdbx_validate_rmsd_bond.label_alt_id_1 
_pdbx_validate_rmsd_bond.auth_atom_id_2 
_pdbx_validate_rmsd_bond.auth_asym_id_2 
_pdbx_validate_rmsd_bond.auth_comp_id_2 
_pdbx_validate_rmsd_bond.auth_seq_id_2 
_pdbx_validate_rmsd_bond.PDB_ins_code_2 
_pdbx_validate_rmsd_bond.label_alt_id_2 
_pdbx_validate_rmsd_bond.bond_value 
_pdbx_validate_rmsd_bond.bond_target_value 
_pdbx_validate_rmsd_bond.bond_deviation 
_pdbx_validate_rmsd_bond.bond_standard_deviation 
_pdbx_validate_rmsd_bond.linker_flag 
1 1 CG A GLU 15 ? ? CD  A GLU 15 ? ? 1.340 1.515 -0.175 0.015 N 
2 1 CD A GLN 80 ? ? OE1 A GLN 80 ? ? 1.604 1.235 0.369  0.022 N 
3 1 CB B LYS 4  ? ? CG  B LYS 4  ? ? 1.291 1.521 -0.230 0.027 N 
# 
loop_
_pdbx_validate_rmsd_angle.id 
_pdbx_validate_rmsd_angle.PDB_model_num 
_pdbx_validate_rmsd_angle.auth_atom_id_1 
_pdbx_validate_rmsd_angle.auth_asym_id_1 
_pdbx_validate_rmsd_angle.auth_comp_id_1 
_pdbx_validate_rmsd_angle.auth_seq_id_1 
_pdbx_validate_rmsd_angle.PDB_ins_code_1 
_pdbx_validate_rmsd_angle.label_alt_id_1 
_pdbx_validate_rmsd_angle.auth_atom_id_2 
_pdbx_validate_rmsd_angle.auth_asym_id_2 
_pdbx_validate_rmsd_angle.auth_comp_id_2 
_pdbx_validate_rmsd_angle.auth_seq_id_2 
_pdbx_validate_rmsd_angle.PDB_ins_code_2 
_pdbx_validate_rmsd_angle.label_alt_id_2 
_pdbx_validate_rmsd_angle.auth_atom_id_3 
_pdbx_validate_rmsd_angle.auth_asym_id_3 
_pdbx_validate_rmsd_angle.auth_comp_id_3 
_pdbx_validate_rmsd_angle.auth_seq_id_3 
_pdbx_validate_rmsd_angle.PDB_ins_code_3 
_pdbx_validate_rmsd_angle.label_alt_id_3 
_pdbx_validate_rmsd_angle.angle_value 
_pdbx_validate_rmsd_angle.angle_target_value 
_pdbx_validate_rmsd_angle.angle_deviation 
_pdbx_validate_rmsd_angle.angle_standard_deviation 
_pdbx_validate_rmsd_angle.linker_flag 
1 1 CG  A GLU 15 ? ? CD A GLU 15 ? ? OE1 A GLU 15 ? ? 140.36 118.30 22.06  2.00 N 
2 1 CG  A GLU 15 ? ? CD A GLU 15 ? ? OE2 A GLU 15 ? ? 96.78  118.30 -21.52 2.00 N 
3 1 OE1 A GLN 80 ? ? CD A GLN 80 ? ? NE2 A GLN 80 ? ? 106.55 121.90 -15.35 2.30 N 
# 
loop_
_pdbx_validate_torsion.id 
_pdbx_validate_torsion.PDB_model_num 
_pdbx_validate_torsion.auth_comp_id 
_pdbx_validate_torsion.auth_asym_id 
_pdbx_validate_torsion.auth_seq_id 
_pdbx_validate_torsion.PDB_ins_code 
_pdbx_validate_torsion.label_alt_id 
_pdbx_validate_torsion.phi 
_pdbx_validate_torsion.psi 
1 1 SER A -1 ? ? -160.78 -10.10 
2 1 ASN A 51 ? ? 73.02   149.86 
# 
_pdbx_validate_planes.id              1 
_pdbx_validate_planes.PDB_model_num   1 
_pdbx_validate_planes.auth_comp_id    GLN 
_pdbx_validate_planes.auth_asym_id    A 
_pdbx_validate_planes.auth_seq_id     80 
_pdbx_validate_planes.PDB_ins_code    ? 
_pdbx_validate_planes.label_alt_id    ? 
_pdbx_validate_planes.rmsd            0.139 
_pdbx_validate_planes.type            'SIDE CHAIN' 
# 
loop_
_pdbx_unobs_or_zero_occ_atoms.id 
_pdbx_unobs_or_zero_occ_atoms.PDB_model_num 
_pdbx_unobs_or_zero_occ_atoms.polymer_flag 
_pdbx_unobs_or_zero_occ_atoms.occupancy_flag 
_pdbx_unobs_or_zero_occ_atoms.auth_asym_id 
_pdbx_unobs_or_zero_occ_atoms.auth_comp_id 
_pdbx_unobs_or_zero_occ_atoms.auth_seq_id 
_pdbx_unobs_or_zero_occ_atoms.PDB_ins_code 
_pdbx_unobs_or_zero_occ_atoms.auth_atom_id 
_pdbx_unobs_or_zero_occ_atoms.label_alt_id 
_pdbx_unobs_or_zero_occ_atoms.label_asym_id 
_pdbx_unobs_or_zero_occ_atoms.label_comp_id 
_pdbx_unobs_or_zero_occ_atoms.label_seq_id 
_pdbx_unobs_or_zero_occ_atoms.label_atom_id 
1  1 Y 0 A ARG 4  ? CG  ? A ARG 7  CG  
2  1 Y 0 A ARG 4  ? CD  ? A ARG 7  CD  
3  1 Y 0 A ARG 4  ? NE  ? A ARG 7  NE  
4  1 Y 0 A ARG 4  ? CZ  ? A ARG 7  CZ  
5  1 Y 0 A ARG 4  ? NH1 ? A ARG 7  NH1 
6  1 Y 0 A ARG 4  ? NH2 ? A ARG 7  NH2 
7  1 Y 0 A GLU 15 ? CD  ? A GLU 18 CD  
8  1 Y 0 A GLU 15 ? OE1 ? A GLU 18 OE1 
9  1 Y 0 A GLU 15 ? OE2 ? A GLU 18 OE2 
10 1 Y 0 A LYS 48 ? CE  ? A LYS 51 CE  
11 1 Y 0 A LYS 48 ? NZ  ? A LYS 51 NZ  
12 1 Y 0 A GLN 80 ? OE1 ? A GLN 83 OE1 
13 1 Y 0 A GLN 80 ? NE2 ? A GLN 83 NE2 
14 1 Y 0 B LYS 4  ? CG  ? B LYS 13 CG  
15 1 Y 0 B LYS 4  ? CD  ? B LYS 13 CD  
16 1 Y 0 B LYS 4  ? CE  ? B LYS 13 CE  
17 1 Y 0 B LYS 4  ? NZ  ? B LYS 13 NZ  
# 
loop_
_pdbx_unobs_or_zero_occ_residues.id 
_pdbx_unobs_or_zero_occ_residues.PDB_model_num 
_pdbx_unobs_or_zero_occ_residues.polymer_flag 
_pdbx_unobs_or_zero_occ_residues.occupancy_flag 
_pdbx_unobs_or_zero_occ_residues.auth_asym_id 
_pdbx_unobs_or_zero_occ_residues.auth_comp_id 
_pdbx_unobs_or_zero_occ_residues.auth_seq_id 
_pdbx_unobs_or_zero_occ_residues.PDB_ins_code 
_pdbx_unobs_or_zero_occ_residues.label_asym_id 
_pdbx_unobs_or_zero_occ_residues.label_comp_id 
_pdbx_unobs_or_zero_occ_residues.label_seq_id 
1  1 Y 1 B GLY -8 ? B GLY 1  
2  1 Y 1 B SER -7 ? B SER 2  
3  1 Y 1 B HIS -6 ? B HIS 3  
4  1 Y 1 B MET -5 ? B MET 4  
5  1 Y 1 B SER -4 ? B SER 5  
6  1 Y 1 B GLN -3 ? B GLN 6  
7  1 Y 1 B LYS -2 ? B LYS 7  
8  1 Y 1 B GLU -1 ? B GLU 8  
9  1 Y 1 B ALA 0  ? B ALA 9  
10 1 Y 1 B ILE 1  ? B ILE 10 
11 1 Y 1 B THR 14 ? B THR 23 
12 1 Y 1 B ILE 15 ? B ILE 24 
13 1 Y 1 B LEU 16 ? B LEU 25 
14 1 Y 1 B LEU 17 ? B LEU 26 
15 1 Y 1 B GLU 18 ? B GLU 27 
# 
loop_
_chem_comp_atom.comp_id 
_chem_comp_atom.atom_id 
_chem_comp_atom.type_symbol 
_chem_comp_atom.pdbx_aromatic_flag 
_chem_comp_atom.pdbx_stereo_config 
_chem_comp_atom.pdbx_ordinal 
ALA N    N  N N 1   
ALA CA   C  N S 2   
ALA C    C  N N 3   
ALA O    O  N N 4   
ALA CB   C  N N 5   
ALA OXT  O  N N 6   
ALA H    H  N N 7   
ALA H2   H  N N 8   
ALA HA   H  N N 9   
ALA HB1  H  N N 10  
ALA HB2  H  N N 11  
ALA HB3  H  N N 12  
ALA HXT  H  N N 13  
ARG N    N  N N 14  
ARG CA   C  N S 15  
ARG C    C  N N 16  
ARG O    O  N N 17  
ARG CB   C  N N 18  
ARG CG   C  N N 19  
ARG CD   C  N N 20  
ARG NE   N  N N 21  
ARG CZ   C  N N 22  
ARG NH1  N  N N 23  
ARG NH2  N  N N 24  
ARG OXT  O  N N 25  
ARG H    H  N N 26  
ARG H2   H  N N 27  
ARG HA   H  N N 28  
ARG HB2  H  N N 29  
ARG HB3  H  N N 30  
ARG HG2  H  N N 31  
ARG HG3  H  N N 32  
ARG HD2  H  N N 33  
ARG HD3  H  N N 34  
ARG HE   H  N N 35  
ARG HH11 H  N N 36  
ARG HH12 H  N N 37  
ARG HH21 H  N N 38  
ARG HH22 H  N N 39  
ARG HXT  H  N N 40  
ASN N    N  N N 41  
ASN CA   C  N S 42  
ASN C    C  N N 43  
ASN O    O  N N 44  
ASN CB   C  N N 45  
ASN CG   C  N N 46  
ASN OD1  O  N N 47  
ASN ND2  N  N N 48  
ASN OXT  O  N N 49  
ASN H    H  N N 50  
ASN H2   H  N N 51  
ASN HA   H  N N 52  
ASN HB2  H  N N 53  
ASN HB3  H  N N 54  
ASN HD21 H  N N 55  
ASN HD22 H  N N 56  
ASN HXT  H  N N 57  
ASP N    N  N N 58  
ASP CA   C  N S 59  
ASP C    C  N N 60  
ASP O    O  N N 61  
ASP CB   C  N N 62  
ASP CG   C  N N 63  
ASP OD1  O  N N 64  
ASP OD2  O  N N 65  
ASP OXT  O  N N 66  
ASP H    H  N N 67  
ASP H2   H  N N 68  
ASP HA   H  N N 69  
ASP HB2  H  N N 70  
ASP HB3  H  N N 71  
ASP HD2  H  N N 72  
ASP HXT  H  N N 73  
CO  CO   CO N N 74  
CYS N    N  N N 75  
CYS CA   C  N R 76  
CYS C    C  N N 77  
CYS O    O  N N 78  
CYS CB   C  N N 79  
CYS SG   S  N N 80  
CYS OXT  O  N N 81  
CYS H    H  N N 82  
CYS H2   H  N N 83  
CYS HA   H  N N 84  
CYS HB2  H  N N 85  
CYS HB3  H  N N 86  
CYS HG   H  N N 87  
CYS HXT  H  N N 88  
GLN N    N  N N 89  
GLN CA   C  N S 90  
GLN C    C  N N 91  
GLN O    O  N N 92  
GLN CB   C  N N 93  
GLN CG   C  N N 94  
GLN CD   C  N N 95  
GLN OE1  O  N N 96  
GLN NE2  N  N N 97  
GLN OXT  O  N N 98  
GLN H    H  N N 99  
GLN H2   H  N N 100 
GLN HA   H  N N 101 
GLN HB2  H  N N 102 
GLN HB3  H  N N 103 
GLN HG2  H  N N 104 
GLN HG3  H  N N 105 
GLN HE21 H  N N 106 
GLN HE22 H  N N 107 
GLN HXT  H  N N 108 
GLU N    N  N N 109 
GLU CA   C  N S 110 
GLU C    C  N N 111 
GLU O    O  N N 112 
GLU CB   C  N N 113 
GLU CG   C  N N 114 
GLU CD   C  N N 115 
GLU OE1  O  N N 116 
GLU OE2  O  N N 117 
GLU OXT  O  N N 118 
GLU H    H  N N 119 
GLU H2   H  N N 120 
GLU HA   H  N N 121 
GLU HB2  H  N N 122 
GLU HB3  H  N N 123 
GLU HG2  H  N N 124 
GLU HG3  H  N N 125 
GLU HE2  H  N N 126 
GLU HXT  H  N N 127 
GLY N    N  N N 128 
GLY CA   C  N N 129 
GLY C    C  N N 130 
GLY O    O  N N 131 
GLY OXT  O  N N 132 
GLY H    H  N N 133 
GLY H2   H  N N 134 
GLY HA2  H  N N 135 
GLY HA3  H  N N 136 
GLY HXT  H  N N 137 
HIS N    N  N N 138 
HIS CA   C  N S 139 
HIS C    C  N N 140 
HIS O    O  N N 141 
HIS CB   C  N N 142 
HIS CG   C  Y N 143 
HIS ND1  N  Y N 144 
HIS CD2  C  Y N 145 
HIS CE1  C  Y N 146 
HIS NE2  N  Y N 147 
HIS OXT  O  N N 148 
HIS H    H  N N 149 
HIS H2   H  N N 150 
HIS HA   H  N N 151 
HIS HB2  H  N N 152 
HIS HB3  H  N N 153 
HIS HD1  H  N N 154 
HIS HD2  H  N N 155 
HIS HE1  H  N N 156 
HIS HE2  H  N N 157 
HIS HXT  H  N N 158 
HOH O    O  N N 159 
HOH H1   H  N N 160 
HOH H2   H  N N 161 
ILE N    N  N N 162 
ILE CA   C  N S 163 
ILE C    C  N N 164 
ILE O    O  N N 165 
ILE CB   C  N S 166 
ILE CG1  C  N N 167 
ILE CG2  C  N N 168 
ILE CD1  C  N N 169 
ILE OXT  O  N N 170 
ILE H    H  N N 171 
ILE H2   H  N N 172 
ILE HA   H  N N 173 
ILE HB   H  N N 174 
ILE HG12 H  N N 175 
ILE HG13 H  N N 176 
ILE HG21 H  N N 177 
ILE HG22 H  N N 178 
ILE HG23 H  N N 179 
ILE HD11 H  N N 180 
ILE HD12 H  N N 181 
ILE HD13 H  N N 182 
ILE HXT  H  N N 183 
LEU N    N  N N 184 
LEU CA   C  N S 185 
LEU C    C  N N 186 
LEU O    O  N N 187 
LEU CB   C  N N 188 
LEU CG   C  N N 189 
LEU CD1  C  N N 190 
LEU CD2  C  N N 191 
LEU OXT  O  N N 192 
LEU H    H  N N 193 
LEU H2   H  N N 194 
LEU HA   H  N N 195 
LEU HB2  H  N N 196 
LEU HB3  H  N N 197 
LEU HG   H  N N 198 
LEU HD11 H  N N 199 
LEU HD12 H  N N 200 
LEU HD13 H  N N 201 
LEU HD21 H  N N 202 
LEU HD22 H  N N 203 
LEU HD23 H  N N 204 
LEU HXT  H  N N 205 
LYS N    N  N N 206 
LYS CA   C  N S 207 
LYS C    C  N N 208 
LYS O    O  N N 209 
LYS CB   C  N N 210 
LYS CG   C  N N 211 
LYS CD   C  N N 212 
LYS CE   C  N N 213 
LYS NZ   N  N N 214 
LYS OXT  O  N N 215 
LYS H    H  N N 216 
LYS H2   H  N N 217 
LYS HA   H  N N 218 
LYS HB2  H  N N 219 
LYS HB3  H  N N 220 
LYS HG2  H  N N 221 
LYS HG3  H  N N 222 
LYS HD2  H  N N 223 
LYS HD3  H  N N 224 
LYS HE2  H  N N 225 
LYS HE3  H  N N 226 
LYS HZ1  H  N N 227 
LYS HZ2  H  N N 228 
LYS HZ3  H  N N 229 
LYS HXT  H  N N 230 
MET N    N  N N 231 
MET CA   C  N S 232 
MET C    C  N N 233 
MET O    O  N N 234 
MET CB   C  N N 235 
MET CG   C  N N 236 
MET SD   S  N N 237 
MET CE   C  N N 238 
MET OXT  O  N N 239 
MET H    H  N N 240 
MET H2   H  N N 241 
MET HA   H  N N 242 
MET HB2  H  N N 243 
MET HB3  H  N N 244 
MET HG2  H  N N 245 
MET HG3  H  N N 246 
MET HE1  H  N N 247 
MET HE2  H  N N 248 
MET HE3  H  N N 249 
MET HXT  H  N N 250 
PHE N    N  N N 251 
PHE CA   C  N S 252 
PHE C    C  N N 253 
PHE O    O  N N 254 
PHE CB   C  N N 255 
PHE CG   C  Y N 256 
PHE CD1  C  Y N 257 
PHE CD2  C  Y N 258 
PHE CE1  C  Y N 259 
PHE CE2  C  Y N 260 
PHE CZ   C  Y N 261 
PHE OXT  O  N N 262 
PHE H    H  N N 263 
PHE H2   H  N N 264 
PHE HA   H  N N 265 
PHE HB2  H  N N 266 
PHE HB3  H  N N 267 
PHE HD1  H  N N 268 
PHE HD2  H  N N 269 
PHE HE1  H  N N 270 
PHE HE2  H  N N 271 
PHE HZ   H  N N 272 
PHE HXT  H  N N 273 
PRO N    N  N N 274 
PRO CA   C  N S 275 
PRO C    C  N N 276 
PRO O    O  N N 277 
PRO CB   C  N N 278 
PRO CG   C  N N 279 
PRO CD   C  N N 280 
PRO OXT  O  N N 281 
PRO H    H  N N 282 
PRO HA   H  N N 283 
PRO HB2  H  N N 284 
PRO HB3  H  N N 285 
PRO HG2  H  N N 286 
PRO HG3  H  N N 287 
PRO HD2  H  N N 288 
PRO HD3  H  N N 289 
PRO HXT  H  N N 290 
SER N    N  N N 291 
SER CA   C  N S 292 
SER C    C  N N 293 
SER O    O  N N 294 
SER CB   C  N N 295 
SER OG   O  N N 296 
SER OXT  O  N N 297 
SER H    H  N N 298 
SER H2   H  N N 299 
SER HA   H  N N 300 
SER HB2  H  N N 301 
SER HB3  H  N N 302 
SER HG   H  N N 303 
SER HXT  H  N N 304 
SO4 S    S  N N 305 
SO4 O1   O  N N 306 
SO4 O2   O  N N 307 
SO4 O3   O  N N 308 
SO4 O4   O  N N 309 
THR N    N  N N 310 
THR CA   C  N S 311 
THR C    C  N N 312 
THR O    O  N N 313 
THR CB   C  N R 314 
THR OG1  O  N N 315 
THR CG2  C  N N 316 
THR OXT  O  N N 317 
THR H    H  N N 318 
THR H2   H  N N 319 
THR HA   H  N N 320 
THR HB   H  N N 321 
THR HG1  H  N N 322 
THR HG21 H  N N 323 
THR HG22 H  N N 324 
THR HG23 H  N N 325 
THR HXT  H  N N 326 
TRP N    N  N N 327 
TRP CA   C  N S 328 
TRP C    C  N N 329 
TRP O    O  N N 330 
TRP CB   C  N N 331 
TRP CG   C  Y N 332 
TRP CD1  C  Y N 333 
TRP CD2  C  Y N 334 
TRP NE1  N  Y N 335 
TRP CE2  C  Y N 336 
TRP CE3  C  Y N 337 
TRP CZ2  C  Y N 338 
TRP CZ3  C  Y N 339 
TRP CH2  C  Y N 340 
TRP OXT  O  N N 341 
TRP H    H  N N 342 
TRP H2   H  N N 343 
TRP HA   H  N N 344 
TRP HB2  H  N N 345 
TRP HB3  H  N N 346 
TRP HD1  H  N N 347 
TRP HE1  H  N N 348 
TRP HE3  H  N N 349 
TRP HZ2  H  N N 350 
TRP HZ3  H  N N 351 
TRP HH2  H  N N 352 
TRP HXT  H  N N 353 
TRS C    C  N N 354 
TRS C1   C  N N 355 
TRS C2   C  N N 356 
TRS C3   C  N N 357 
TRS N    N  N N 358 
TRS O1   O  N N 359 
TRS O2   O  N N 360 
TRS O3   O  N N 361 
TRS H11  H  N N 362 
TRS H12  H  N N 363 
TRS H21  H  N N 364 
TRS H22  H  N N 365 
TRS H31  H  N N 366 
TRS H32  H  N N 367 
TRS HN1  H  N N 368 
TRS HN2  H  N N 369 
TRS HN3  H  N N 370 
TRS HO1  H  N N 371 
TRS HO2  H  N N 372 
TRS HO3  H  N N 373 
TYR N    N  N N 374 
TYR CA   C  N S 375 
TYR C    C  N N 376 
TYR O    O  N N 377 
TYR CB   C  N N 378 
TYR CG   C  Y N 379 
TYR CD1  C  Y N 380 
TYR CD2  C  Y N 381 
TYR CE1  C  Y N 382 
TYR CE2  C  Y N 383 
TYR CZ   C  Y N 384 
TYR OH   O  N N 385 
TYR OXT  O  N N 386 
TYR H    H  N N 387 
TYR H2   H  N N 388 
TYR HA   H  N N 389 
TYR HB2  H  N N 390 
TYR HB3  H  N N 391 
TYR HD1  H  N N 392 
TYR HD2  H  N N 393 
TYR HE1  H  N N 394 
TYR HE2  H  N N 395 
TYR HH   H  N N 396 
TYR HXT  H  N N 397 
VAL N    N  N N 398 
VAL CA   C  N S 399 
VAL C    C  N N 400 
VAL O    O  N N 401 
VAL CB   C  N N 402 
VAL CG1  C  N N 403 
VAL CG2  C  N N 404 
VAL OXT  O  N N 405 
VAL H    H  N N 406 
VAL H2   H  N N 407 
VAL HA   H  N N 408 
VAL HB   H  N N 409 
VAL HG11 H  N N 410 
VAL HG12 H  N N 411 
VAL HG13 H  N N 412 
VAL HG21 H  N N 413 
VAL HG22 H  N N 414 
VAL HG23 H  N N 415 
VAL HXT  H  N N 416 
# 
loop_
_chem_comp_bond.comp_id 
_chem_comp_bond.atom_id_1 
_chem_comp_bond.atom_id_2 
_chem_comp_bond.value_order 
_chem_comp_bond.pdbx_aromatic_flag 
_chem_comp_bond.pdbx_stereo_config 
_chem_comp_bond.pdbx_ordinal 
ALA N   CA   sing N N 1   
ALA N   H    sing N N 2   
ALA N   H2   sing N N 3   
ALA CA  C    sing N N 4   
ALA CA  CB   sing N N 5   
ALA CA  HA   sing N N 6   
ALA C   O    doub N N 7   
ALA C   OXT  sing N N 8   
ALA CB  HB1  sing N N 9   
ALA CB  HB2  sing N N 10  
ALA CB  HB3  sing N N 11  
ALA OXT HXT  sing N N 12  
ARG N   CA   sing N N 13  
ARG N   H    sing N N 14  
ARG N   H2   sing N N 15  
ARG CA  C    sing N N 16  
ARG CA  CB   sing N N 17  
ARG CA  HA   sing N N 18  
ARG C   O    doub N N 19  
ARG C   OXT  sing N N 20  
ARG CB  CG   sing N N 21  
ARG CB  HB2  sing N N 22  
ARG CB  HB3  sing N N 23  
ARG CG  CD   sing N N 24  
ARG CG  HG2  sing N N 25  
ARG CG  HG3  sing N N 26  
ARG CD  NE   sing N N 27  
ARG CD  HD2  sing N N 28  
ARG CD  HD3  sing N N 29  
ARG NE  CZ   sing N N 30  
ARG NE  HE   sing N N 31  
ARG CZ  NH1  sing N N 32  
ARG CZ  NH2  doub N N 33  
ARG NH1 HH11 sing N N 34  
ARG NH1 HH12 sing N N 35  
ARG NH2 HH21 sing N N 36  
ARG NH2 HH22 sing N N 37  
ARG OXT HXT  sing N N 38  
ASN N   CA   sing N N 39  
ASN N   H    sing N N 40  
ASN N   H2   sing N N 41  
ASN CA  C    sing N N 42  
ASN CA  CB   sing N N 43  
ASN CA  HA   sing N N 44  
ASN C   O    doub N N 45  
ASN C   OXT  sing N N 46  
ASN CB  CG   sing N N 47  
ASN CB  HB2  sing N N 48  
ASN CB  HB3  sing N N 49  
ASN CG  OD1  doub N N 50  
ASN CG  ND2  sing N N 51  
ASN ND2 HD21 sing N N 52  
ASN ND2 HD22 sing N N 53  
ASN OXT HXT  sing N N 54  
ASP N   CA   sing N N 55  
ASP N   H    sing N N 56  
ASP N   H2   sing N N 57  
ASP CA  C    sing N N 58  
ASP CA  CB   sing N N 59  
ASP CA  HA   sing N N 60  
ASP C   O    doub N N 61  
ASP C   OXT  sing N N 62  
ASP CB  CG   sing N N 63  
ASP CB  HB2  sing N N 64  
ASP CB  HB3  sing N N 65  
ASP CG  OD1  doub N N 66  
ASP CG  OD2  sing N N 67  
ASP OD2 HD2  sing N N 68  
ASP OXT HXT  sing N N 69  
CYS N   CA   sing N N 70  
CYS N   H    sing N N 71  
CYS N   H2   sing N N 72  
CYS CA  C    sing N N 73  
CYS CA  CB   sing N N 74  
CYS CA  HA   sing N N 75  
CYS C   O    doub N N 76  
CYS C   OXT  sing N N 77  
CYS CB  SG   sing N N 78  
CYS CB  HB2  sing N N 79  
CYS CB  HB3  sing N N 80  
CYS SG  HG   sing N N 81  
CYS OXT HXT  sing N N 82  
GLN N   CA   sing N N 83  
GLN N   H    sing N N 84  
GLN N   H2   sing N N 85  
GLN CA  C    sing N N 86  
GLN CA  CB   sing N N 87  
GLN CA  HA   sing N N 88  
GLN C   O    doub N N 89  
GLN C   OXT  sing N N 90  
GLN CB  CG   sing N N 91  
GLN CB  HB2  sing N N 92  
GLN CB  HB3  sing N N 93  
GLN CG  CD   sing N N 94  
GLN CG  HG2  sing N N 95  
GLN CG  HG3  sing N N 96  
GLN CD  OE1  doub N N 97  
GLN CD  NE2  sing N N 98  
GLN NE2 HE21 sing N N 99  
GLN NE2 HE22 sing N N 100 
GLN OXT HXT  sing N N 101 
GLU N   CA   sing N N 102 
GLU N   H    sing N N 103 
GLU N   H2   sing N N 104 
GLU CA  C    sing N N 105 
GLU CA  CB   sing N N 106 
GLU CA  HA   sing N N 107 
GLU C   O    doub N N 108 
GLU C   OXT  sing N N 109 
GLU CB  CG   sing N N 110 
GLU CB  HB2  sing N N 111 
GLU CB  HB3  sing N N 112 
GLU CG  CD   sing N N 113 
GLU CG  HG2  sing N N 114 
GLU CG  HG3  sing N N 115 
GLU CD  OE1  doub N N 116 
GLU CD  OE2  sing N N 117 
GLU OE2 HE2  sing N N 118 
GLU OXT HXT  sing N N 119 
GLY N   CA   sing N N 120 
GLY N   H    sing N N 121 
GLY N   H2   sing N N 122 
GLY CA  C    sing N N 123 
GLY CA  HA2  sing N N 124 
GLY CA  HA3  sing N N 125 
GLY C   O    doub N N 126 
GLY C   OXT  sing N N 127 
GLY OXT HXT  sing N N 128 
HIS N   CA   sing N N 129 
HIS N   H    sing N N 130 
HIS N   H2   sing N N 131 
HIS CA  C    sing N N 132 
HIS CA  CB   sing N N 133 
HIS CA  HA   sing N N 134 
HIS C   O    doub N N 135 
HIS C   OXT  sing N N 136 
HIS CB  CG   sing N N 137 
HIS CB  HB2  sing N N 138 
HIS CB  HB3  sing N N 139 
HIS CG  ND1  sing Y N 140 
HIS CG  CD2  doub Y N 141 
HIS ND1 CE1  doub Y N 142 
HIS ND1 HD1  sing N N 143 
HIS CD2 NE2  sing Y N 144 
HIS CD2 HD2  sing N N 145 
HIS CE1 NE2  sing Y N 146 
HIS CE1 HE1  sing N N 147 
HIS NE2 HE2  sing N N 148 
HIS OXT HXT  sing N N 149 
HOH O   H1   sing N N 150 
HOH O   H2   sing N N 151 
ILE N   CA   sing N N 152 
ILE N   H    sing N N 153 
ILE N   H2   sing N N 154 
ILE CA  C    sing N N 155 
ILE CA  CB   sing N N 156 
ILE CA  HA   sing N N 157 
ILE C   O    doub N N 158 
ILE C   OXT  sing N N 159 
ILE CB  CG1  sing N N 160 
ILE CB  CG2  sing N N 161 
ILE CB  HB   sing N N 162 
ILE CG1 CD1  sing N N 163 
ILE CG1 HG12 sing N N 164 
ILE CG1 HG13 sing N N 165 
ILE CG2 HG21 sing N N 166 
ILE CG2 HG22 sing N N 167 
ILE CG2 HG23 sing N N 168 
ILE CD1 HD11 sing N N 169 
ILE CD1 HD12 sing N N 170 
ILE CD1 HD13 sing N N 171 
ILE OXT HXT  sing N N 172 
LEU N   CA   sing N N 173 
LEU N   H    sing N N 174 
LEU N   H2   sing N N 175 
LEU CA  C    sing N N 176 
LEU CA  CB   sing N N 177 
LEU CA  HA   sing N N 178 
LEU C   O    doub N N 179 
LEU C   OXT  sing N N 180 
LEU CB  CG   sing N N 181 
LEU CB  HB2  sing N N 182 
LEU CB  HB3  sing N N 183 
LEU CG  CD1  sing N N 184 
LEU CG  CD2  sing N N 185 
LEU CG  HG   sing N N 186 
LEU CD1 HD11 sing N N 187 
LEU CD1 HD12 sing N N 188 
LEU CD1 HD13 sing N N 189 
LEU CD2 HD21 sing N N 190 
LEU CD2 HD22 sing N N 191 
LEU CD2 HD23 sing N N 192 
LEU OXT HXT  sing N N 193 
LYS N   CA   sing N N 194 
LYS N   H    sing N N 195 
LYS N   H2   sing N N 196 
LYS CA  C    sing N N 197 
LYS CA  CB   sing N N 198 
LYS CA  HA   sing N N 199 
LYS C   O    doub N N 200 
LYS C   OXT  sing N N 201 
LYS CB  CG   sing N N 202 
LYS CB  HB2  sing N N 203 
LYS CB  HB3  sing N N 204 
LYS CG  CD   sing N N 205 
LYS CG  HG2  sing N N 206 
LYS CG  HG3  sing N N 207 
LYS CD  CE   sing N N 208 
LYS CD  HD2  sing N N 209 
LYS CD  HD3  sing N N 210 
LYS CE  NZ   sing N N 211 
LYS CE  HE2  sing N N 212 
LYS CE  HE3  sing N N 213 
LYS NZ  HZ1  sing N N 214 
LYS NZ  HZ2  sing N N 215 
LYS NZ  HZ3  sing N N 216 
LYS OXT HXT  sing N N 217 
MET N   CA   sing N N 218 
MET N   H    sing N N 219 
MET N   H2   sing N N 220 
MET CA  C    sing N N 221 
MET CA  CB   sing N N 222 
MET CA  HA   sing N N 223 
MET C   O    doub N N 224 
MET C   OXT  sing N N 225 
MET CB  CG   sing N N 226 
MET CB  HB2  sing N N 227 
MET CB  HB3  sing N N 228 
MET CG  SD   sing N N 229 
MET CG  HG2  sing N N 230 
MET CG  HG3  sing N N 231 
MET SD  CE   sing N N 232 
MET CE  HE1  sing N N 233 
MET CE  HE2  sing N N 234 
MET CE  HE3  sing N N 235 
MET OXT HXT  sing N N 236 
PHE N   CA   sing N N 237 
PHE N   H    sing N N 238 
PHE N   H2   sing N N 239 
PHE CA  C    sing N N 240 
PHE CA  CB   sing N N 241 
PHE CA  HA   sing N N 242 
PHE C   O    doub N N 243 
PHE C   OXT  sing N N 244 
PHE CB  CG   sing N N 245 
PHE CB  HB2  sing N N 246 
PHE CB  HB3  sing N N 247 
PHE CG  CD1  doub Y N 248 
PHE CG  CD2  sing Y N 249 
PHE CD1 CE1  sing Y N 250 
PHE CD1 HD1  sing N N 251 
PHE CD2 CE2  doub Y N 252 
PHE CD2 HD2  sing N N 253 
PHE CE1 CZ   doub Y N 254 
PHE CE1 HE1  sing N N 255 
PHE CE2 CZ   sing Y N 256 
PHE CE2 HE2  sing N N 257 
PHE CZ  HZ   sing N N 258 
PHE OXT HXT  sing N N 259 
PRO N   CA   sing N N 260 
PRO N   CD   sing N N 261 
PRO N   H    sing N N 262 
PRO CA  C    sing N N 263 
PRO CA  CB   sing N N 264 
PRO CA  HA   sing N N 265 
PRO C   O    doub N N 266 
PRO C   OXT  sing N N 267 
PRO CB  CG   sing N N 268 
PRO CB  HB2  sing N N 269 
PRO CB  HB3  sing N N 270 
PRO CG  CD   sing N N 271 
PRO CG  HG2  sing N N 272 
PRO CG  HG3  sing N N 273 
PRO CD  HD2  sing N N 274 
PRO CD  HD3  sing N N 275 
PRO OXT HXT  sing N N 276 
SER N   CA   sing N N 277 
SER N   H    sing N N 278 
SER N   H2   sing N N 279 
SER CA  C    sing N N 280 
SER CA  CB   sing N N 281 
SER CA  HA   sing N N 282 
SER C   O    doub N N 283 
SER C   OXT  sing N N 284 
SER CB  OG   sing N N 285 
SER CB  HB2  sing N N 286 
SER CB  HB3  sing N N 287 
SER OG  HG   sing N N 288 
SER OXT HXT  sing N N 289 
SO4 S   O1   doub N N 290 
SO4 S   O2   doub N N 291 
SO4 S   O3   sing N N 292 
SO4 S   O4   sing N N 293 
THR N   CA   sing N N 294 
THR N   H    sing N N 295 
THR N   H2   sing N N 296 
THR CA  C    sing N N 297 
THR CA  CB   sing N N 298 
THR CA  HA   sing N N 299 
THR C   O    doub N N 300 
THR C   OXT  sing N N 301 
THR CB  OG1  sing N N 302 
THR CB  CG2  sing N N 303 
THR CB  HB   sing N N 304 
THR OG1 HG1  sing N N 305 
THR CG2 HG21 sing N N 306 
THR CG2 HG22 sing N N 307 
THR CG2 HG23 sing N N 308 
THR OXT HXT  sing N N 309 
TRP N   CA   sing N N 310 
TRP N   H    sing N N 311 
TRP N   H2   sing N N 312 
TRP CA  C    sing N N 313 
TRP CA  CB   sing N N 314 
TRP CA  HA   sing N N 315 
TRP C   O    doub N N 316 
TRP C   OXT  sing N N 317 
TRP CB  CG   sing N N 318 
TRP CB  HB2  sing N N 319 
TRP CB  HB3  sing N N 320 
TRP CG  CD1  doub Y N 321 
TRP CG  CD2  sing Y N 322 
TRP CD1 NE1  sing Y N 323 
TRP CD1 HD1  sing N N 324 
TRP CD2 CE2  doub Y N 325 
TRP CD2 CE3  sing Y N 326 
TRP NE1 CE2  sing Y N 327 
TRP NE1 HE1  sing N N 328 
TRP CE2 CZ2  sing Y N 329 
TRP CE3 CZ3  doub Y N 330 
TRP CE3 HE3  sing N N 331 
TRP CZ2 CH2  doub Y N 332 
TRP CZ2 HZ2  sing N N 333 
TRP CZ3 CH2  sing Y N 334 
TRP CZ3 HZ3  sing N N 335 
TRP CH2 HH2  sing N N 336 
TRP OXT HXT  sing N N 337 
TRS C   C1   sing N N 338 
TRS C   C2   sing N N 339 
TRS C   C3   sing N N 340 
TRS C   N    sing N N 341 
TRS C1  O1   sing N N 342 
TRS C1  H11  sing N N 343 
TRS C1  H12  sing N N 344 
TRS C2  O2   sing N N 345 
TRS C2  H21  sing N N 346 
TRS C2  H22  sing N N 347 
TRS C3  O3   sing N N 348 
TRS C3  H31  sing N N 349 
TRS C3  H32  sing N N 350 
TRS N   HN1  sing N N 351 
TRS N   HN2  sing N N 352 
TRS N   HN3  sing N N 353 
TRS O1  HO1  sing N N 354 
TRS O2  HO2  sing N N 355 
TRS O3  HO3  sing N N 356 
TYR N   CA   sing N N 357 
TYR N   H    sing N N 358 
TYR N   H2   sing N N 359 
TYR CA  C    sing N N 360 
TYR CA  CB   sing N N 361 
TYR CA  HA   sing N N 362 
TYR C   O    doub N N 363 
TYR C   OXT  sing N N 364 
TYR CB  CG   sing N N 365 
TYR CB  HB2  sing N N 366 
TYR CB  HB3  sing N N 367 
TYR CG  CD1  doub Y N 368 
TYR CG  CD2  sing Y N 369 
TYR CD1 CE1  sing Y N 370 
TYR CD1 HD1  sing N N 371 
TYR CD2 CE2  doub Y N 372 
TYR CD2 HD2  sing N N 373 
TYR CE1 CZ   doub Y N 374 
TYR CE1 HE1  sing N N 375 
TYR CE2 CZ   sing Y N 376 
TYR CE2 HE2  sing N N 377 
TYR CZ  OH   sing N N 378 
TYR OH  HH   sing N N 379 
TYR OXT HXT  sing N N 380 
VAL N   CA   sing N N 381 
VAL N   H    sing N N 382 
VAL N   H2   sing N N 383 
VAL CA  C    sing N N 384 
VAL CA  CB   sing N N 385 
VAL CA  HA   sing N N 386 
VAL C   O    doub N N 387 
VAL C   OXT  sing N N 388 
VAL CB  CG1  sing N N 389 
VAL CB  CG2  sing N N 390 
VAL CB  HB   sing N N 391 
VAL CG1 HG11 sing N N 392 
VAL CG1 HG12 sing N N 393 
VAL CG1 HG13 sing N N 394 
VAL CG2 HG21 sing N N 395 
VAL CG2 HG22 sing N N 396 
VAL CG2 HG23 sing N N 397 
VAL OXT HXT  sing N N 398 
# 
loop_
_pdbx_entity_nonpoly.entity_id 
_pdbx_entity_nonpoly.name 
_pdbx_entity_nonpoly.comp_id 
3 'COBALT (II) ION'                        CO  
4 2-AMINO-2-HYDROXYMETHYL-PROPANE-1,3-DIOL TRS 
5 'SULFATE ION'                            SO4 
6 water                                    HOH 
# 
_pdbx_initial_refinement_model.id               1 
_pdbx_initial_refinement_model.entity_id_list   ? 
_pdbx_initial_refinement_model.type             'experimental model' 
_pdbx_initial_refinement_model.source_name      PDB 
_pdbx_initial_refinement_model.accession_code   1CMI 
_pdbx_initial_refinement_model.details          'PDB ENTRY 1CMI' 
# 
